data_9CW2
#
_entry.id   9CW2
#
_cell.length_a   58.924
_cell.length_b   151.386
_cell.length_c   107.476
_cell.angle_alpha   90.000
_cell.angle_beta   90.620
_cell.angle_gamma   90.000
#
_symmetry.space_group_name_H-M   'P 1 21 1'
#
loop_
_entity.id
_entity.type
_entity.pdbx_description
1 polymer 'Nitric oxide synthase, endothelial'
2 non-polymer 'PROTOPORPHYRIN IX CONTAINING FE'
3 non-polymer 5,6,7,8-TETRAHYDROBIOPTERIN
4 non-polymer 4-methyl-6-{3-[(methylamino)methyl]phenyl}pyridin-2-amine
5 non-polymer 2-[BIS-(2-HYDROXY-ETHYL)-AMINO]-2-HYDROXYMETHYL-PROPANE-1,3-DIOL
6 non-polymer GLYCEROL
7 non-polymer 'CHLORIDE ION'
8 non-polymer 'GADOLINIUM ION'
9 non-polymer 'ZINC ION'
10 water water
#
_entity_poly.entity_id   1
_entity_poly.type   'polypeptide(L)'
_entity_poly.pdbx_seq_one_letter_code
;APASLLPPAPEHSPPSSPLTQPPEGPKFPRVKNWEVGSITYDTLSAQAQQDGPCTPRRCLGSLVFPRKLQGRPSPGPPAP
EQLLSQARDFINQYYSSIKRSGSQAHEQRLQEVEAEVAATGTYQLRESELVFGAKQAWRNAPRCVGRIQWGKLQVFDARD
CRSAQEMFTYICNHIKYATNRGNLRSAITVFPQRCPGRGDFRIWNSQLVRYAGYRQQDGSVRGDPANVEITELCIQHGWT
PGNGRFDVLPLLLQAPDEPPELFLLPPELVLEVPLEHPTLEWFAALGLRWYALPAVSNMLLEIGGLEFPAAPFSGWYMST
EIGTRNLCDPHRYNILEDVAVCMDLDTRTTSSLWKDKAAVEINVAVLHSYQLAKVTIVDHHAATASFMKHLENEQKARGG
CPADWAWIVPPISGSLTPVFHQEMVNYFLSPAFRYQPDPW
;
_entity_poly.pdbx_strand_id   A,B,C,D
#
loop_
_chem_comp.id
_chem_comp.type
_chem_comp.name
_chem_comp.formula
BTB non-polymer 2-[BIS-(2-HYDROXY-ETHYL)-AMINO]-2-HYDROXYMETHYL-PROPANE-1,3-DIOL 'C8 H19 N O5'
CL non-polymer 'CHLORIDE ION' 'Cl -1'
GD3 non-polymer 'GADOLINIUM ION' 'Gd 3'
GOL non-polymer GLYCEROL 'C3 H8 O3'
H4B non-polymer 5,6,7,8-TETRAHYDROBIOPTERIN 'C9 H15 N5 O3'
HEM non-polymer 'PROTOPORPHYRIN IX CONTAINING FE' 'C34 H32 Fe N4 O4'
KMI non-polymer 4-methyl-6-{3-[(methylamino)methyl]phenyl}pyridin-2-amine 'C14 H17 N3'
ZN non-polymer 'ZINC ION' 'Zn 2'
#
# COMPACT_ATOMS: atom_id res chain seq x y z
N LYS A 27 42.14 -1.21 -30.22
CA LYS A 27 42.28 -2.62 -29.86
C LYS A 27 42.11 -2.81 -28.36
N PHE A 28 41.89 -1.69 -27.65
CA PHE A 28 41.56 -1.71 -26.24
C PHE A 28 40.08 -1.39 -26.04
N PRO A 29 39.22 -2.40 -25.80
CA PRO A 29 37.78 -2.17 -25.68
C PRO A 29 37.39 -1.01 -24.77
N ARG A 30 36.66 -0.05 -25.34
CA ARG A 30 36.05 1.02 -24.56
C ARG A 30 34.84 0.45 -23.82
N VAL A 31 34.84 0.55 -22.50
CA VAL A 31 33.75 0.05 -21.67
C VAL A 31 33.11 1.22 -20.95
N LYS A 32 31.81 1.40 -21.17
CA LYS A 32 31.08 2.50 -20.58
C LYS A 32 30.19 1.98 -19.46
N ASN A 33 29.91 2.85 -18.50
CA ASN A 33 28.80 2.67 -17.57
C ASN A 33 27.76 3.75 -17.82
N TRP A 34 26.54 3.33 -18.15
CA TRP A 34 25.49 4.22 -18.62
C TRP A 34 24.72 4.90 -17.50
N GLU A 35 24.97 4.52 -16.26
CA GLU A 35 24.34 5.19 -15.12
C GLU A 35 25.11 6.44 -14.73
N VAL A 36 26.44 6.35 -14.76
CA VAL A 36 27.30 7.43 -14.34
C VAL A 36 27.87 8.19 -15.54
N GLY A 37 28.15 7.46 -16.62
CA GLY A 37 28.83 8.02 -17.77
C GLY A 37 30.31 7.71 -17.83
N SER A 38 30.86 7.07 -16.79
CA SER A 38 32.28 6.78 -16.75
C SER A 38 32.68 5.79 -17.84
N ILE A 39 33.94 5.90 -18.26
CA ILE A 39 34.53 5.10 -19.32
C ILE A 39 35.81 4.46 -18.78
N THR A 40 36.01 3.18 -19.09
CA THR A 40 37.28 2.53 -18.84
C THR A 40 37.66 1.72 -20.09
N TYR A 41 38.90 1.25 -20.12
CA TYR A 41 39.37 0.39 -21.19
C TYR A 41 39.87 -0.92 -20.60
N ASP A 42 39.49 -2.03 -21.22
CA ASP A 42 39.85 -3.36 -20.75
C ASP A 42 41.13 -3.74 -21.49
N THR A 43 42.27 -3.37 -20.90
CA THR A 43 43.52 -3.85 -21.44
C THR A 43 43.72 -5.31 -21.09
N LEU A 44 43.18 -5.75 -19.95
CA LEU A 44 43.35 -7.12 -19.49
C LEU A 44 42.84 -8.12 -20.53
N SER A 45 41.87 -7.70 -21.35
CA SER A 45 41.32 -8.57 -22.39
C SER A 45 42.39 -9.04 -23.36
N ALA A 46 43.52 -8.35 -23.44
CA ALA A 46 44.58 -8.73 -24.36
C ALA A 46 45.19 -10.09 -24.04
N GLN A 47 44.97 -10.64 -22.85
CA GLN A 47 45.62 -11.88 -22.44
C GLN A 47 44.85 -13.14 -22.82
N ALA A 48 43.61 -13.01 -23.30
CA ALA A 48 42.69 -14.14 -23.46
C ALA A 48 43.33 -15.36 -24.14
N GLN A 49 43.43 -16.46 -23.38
CA GLN A 49 43.97 -17.73 -23.88
C GLN A 49 42.93 -18.45 -24.73
N GLN A 50 42.00 -19.17 -24.09
CA GLN A 50 41.15 -20.10 -24.82
C GLN A 50 40.10 -19.33 -25.60
N ASP A 51 40.07 -19.53 -26.92
CA ASP A 51 39.17 -18.78 -27.78
C ASP A 51 37.72 -18.89 -27.31
N GLY A 52 37.00 -17.77 -27.39
CA GLY A 52 35.59 -17.74 -27.07
C GLY A 52 34.73 -18.17 -28.24
N PRO A 53 33.42 -18.18 -28.01
CA PRO A 53 32.50 -18.70 -29.04
C PRO A 53 32.13 -17.68 -30.11
N CYS A 54 32.53 -16.43 -29.95
CA CYS A 54 31.98 -15.34 -30.74
C CYS A 54 32.94 -14.99 -31.88
N THR A 55 32.38 -14.67 -33.04
CA THR A 55 33.17 -14.22 -34.17
C THR A 55 32.65 -12.87 -34.62
N PRO A 56 33.44 -12.12 -35.41
CA PRO A 56 32.93 -10.89 -36.02
C PRO A 56 31.55 -11.02 -36.64
N ARG A 57 31.16 -12.23 -37.06
CA ARG A 57 29.94 -12.42 -37.83
C ARG A 57 28.72 -12.81 -36.99
N ARG A 58 28.91 -13.34 -35.79
CA ARG A 58 27.81 -13.75 -34.93
C ARG A 58 28.28 -13.69 -33.48
N CYS A 59 27.36 -13.35 -32.59
CA CYS A 59 27.67 -13.31 -31.17
C CYS A 59 26.94 -14.46 -30.48
N LEU A 60 27.69 -15.32 -29.81
CA LEU A 60 27.12 -16.47 -29.12
C LEU A 60 27.25 -16.36 -27.62
N GLY A 61 27.45 -15.16 -27.10
CA GLY A 61 27.61 -14.97 -25.66
C GLY A 61 26.45 -15.47 -24.83
N SER A 62 25.25 -15.52 -25.41
CA SER A 62 24.09 -15.96 -24.64
C SER A 62 23.99 -17.47 -24.50
N LEU A 63 24.86 -18.23 -25.17
CA LEU A 63 24.85 -19.67 -25.05
C LEU A 63 25.52 -20.09 -23.74
N VAL A 64 25.01 -21.15 -23.13
CA VAL A 64 25.52 -21.56 -21.82
C VAL A 64 26.80 -22.37 -21.95
N PHE A 65 26.75 -23.48 -22.71
CA PHE A 65 27.92 -24.32 -22.99
C PHE A 65 28.34 -24.20 -24.45
N PRO A 66 28.95 -23.08 -24.87
CA PRO A 66 29.29 -22.68 -26.25
C PRO A 66 29.14 -23.75 -27.34
N PRO A 80 52.51 -33.49 -26.53
CA PRO A 80 52.41 -33.55 -25.07
C PRO A 80 52.83 -32.26 -24.33
N GLU A 81 53.99 -31.70 -24.68
CA GLU A 81 54.57 -30.60 -23.91
C GLU A 81 53.95 -29.25 -24.24
N GLN A 82 52.66 -29.25 -24.58
CA GLN A 82 51.87 -28.03 -24.47
C GLN A 82 51.69 -27.63 -23.01
N LEU A 83 51.83 -28.59 -22.10
CA LEU A 83 51.67 -28.37 -20.66
C LEU A 83 52.63 -27.31 -20.15
N LEU A 84 53.77 -27.12 -20.83
CA LEU A 84 54.83 -26.26 -20.35
C LEU A 84 54.50 -24.79 -20.56
N SER A 85 53.84 -24.45 -21.67
CA SER A 85 53.44 -23.07 -21.91
C SER A 85 52.53 -22.57 -20.80
N GLN A 86 51.48 -23.32 -20.51
CA GLN A 86 50.57 -22.95 -19.44
C GLN A 86 51.27 -23.03 -18.08
N ALA A 87 52.17 -24.00 -17.91
CA ALA A 87 52.93 -24.09 -16.67
C ALA A 87 53.78 -22.84 -16.46
N ARG A 88 54.56 -22.47 -17.48
CA ARG A 88 55.41 -21.28 -17.39
C ARG A 88 54.59 -20.05 -17.05
N ASP A 89 53.54 -19.79 -17.83
CA ASP A 89 52.71 -18.58 -17.65
C ASP A 89 52.18 -18.48 -16.23
N PHE A 90 51.65 -19.58 -15.69
CA PHE A 90 51.03 -19.53 -14.37
C PHE A 90 52.05 -19.22 -13.29
N ILE A 91 53.29 -19.73 -13.45
CA ILE A 91 54.33 -19.47 -12.45
C ILE A 91 54.77 -18.02 -12.50
N ASN A 92 54.85 -17.46 -13.70
CA ASN A 92 55.21 -16.05 -13.83
C ASN A 92 54.14 -15.15 -13.24
N GLN A 93 52.88 -15.57 -13.36
CA GLN A 93 51.80 -14.90 -12.67
C GLN A 93 52.10 -14.88 -11.17
N TYR A 94 52.10 -16.08 -10.57
CA TYR A 94 52.27 -16.21 -9.12
C TYR A 94 53.32 -15.26 -8.58
N TYR A 95 54.52 -15.28 -9.17
CA TYR A 95 55.64 -14.53 -8.61
C TYR A 95 55.46 -13.04 -8.79
N SER A 96 54.91 -12.61 -9.93
CA SER A 96 54.61 -11.19 -10.09
C SER A 96 53.57 -10.75 -9.08
N SER A 97 52.63 -11.64 -8.74
CA SER A 97 51.58 -11.32 -7.77
C SER A 97 52.14 -11.19 -6.36
N ILE A 98 53.28 -11.83 -6.07
CA ILE A 98 53.90 -11.68 -4.77
C ILE A 98 55.08 -10.73 -4.92
N LYS A 99 54.99 -9.83 -5.89
CA LYS A 99 56.02 -8.81 -6.13
C LYS A 99 57.40 -9.43 -6.21
N ARG A 100 57.51 -10.54 -6.94
CA ARG A 100 58.74 -11.33 -6.99
C ARG A 100 59.06 -11.72 -8.43
N SER A 101 58.96 -10.76 -9.34
CA SER A 101 59.31 -10.99 -10.74
C SER A 101 60.82 -10.97 -10.90
N GLY A 102 61.36 -11.98 -11.57
CA GLY A 102 62.76 -12.00 -11.95
C GLY A 102 63.74 -11.93 -10.79
N SER A 103 63.65 -12.89 -9.88
CA SER A 103 64.55 -12.95 -8.73
C SER A 103 64.27 -14.23 -7.94
N GLN A 104 65.34 -14.77 -7.36
CA GLN A 104 65.28 -15.86 -6.39
C GLN A 104 64.49 -17.06 -6.90
N ALA A 105 63.43 -17.43 -6.19
CA ALA A 105 62.74 -18.69 -6.45
C ALA A 105 62.04 -18.70 -7.80
N HIS A 106 61.90 -17.54 -8.45
CA HIS A 106 61.24 -17.45 -9.75
C HIS A 106 61.94 -18.37 -10.73
N GLU A 107 63.17 -18.02 -11.13
CA GLU A 107 63.90 -18.88 -12.05
C GLU A 107 64.03 -20.29 -11.49
N GLN A 108 64.25 -20.40 -10.18
CA GLN A 108 64.29 -21.70 -9.50
C GLN A 108 63.07 -22.54 -9.80
N ARG A 109 61.89 -22.07 -9.36
CA ARG A 109 60.66 -22.84 -9.56
C ARG A 109 60.41 -23.12 -11.03
N LEU A 110 60.85 -22.22 -11.91
CA LEU A 110 60.76 -22.48 -13.35
C LEU A 110 61.54 -23.73 -13.72
N GLN A 111 62.73 -23.90 -13.15
CA GLN A 111 63.54 -25.06 -13.51
C GLN A 111 62.90 -26.35 -13.02
N GLU A 112 62.48 -26.38 -11.76
CA GLU A 112 61.98 -27.63 -11.20
C GLU A 112 60.70 -28.10 -11.89
N VAL A 113 59.93 -27.21 -12.51
CA VAL A 113 58.82 -27.65 -13.36
C VAL A 113 59.31 -28.00 -14.76
N GLU A 114 60.29 -27.26 -15.29
CA GLU A 114 60.97 -27.72 -16.50
C GLU A 114 61.51 -29.13 -16.30
N ALA A 115 62.11 -29.40 -15.13
CA ALA A 115 62.62 -30.73 -14.83
C ALA A 115 61.50 -31.72 -14.54
N GLU A 116 60.49 -31.29 -13.76
CA GLU A 116 59.38 -32.17 -13.41
C GLU A 116 58.65 -32.68 -14.65
N VAL A 117 58.34 -31.77 -15.58
CA VAL A 117 57.69 -32.20 -16.82
C VAL A 117 58.65 -33.02 -17.66
N ALA A 118 59.91 -32.60 -17.75
CA ALA A 118 60.91 -33.39 -18.45
C ALA A 118 60.91 -34.84 -17.96
N ALA A 119 60.96 -35.05 -16.65
CA ALA A 119 61.03 -36.42 -16.13
C ALA A 119 59.68 -37.11 -16.23
N THR A 120 58.63 -36.51 -15.67
CA THR A 120 57.35 -37.19 -15.49
C THR A 120 56.32 -36.86 -16.56
N GLY A 121 56.53 -35.83 -17.37
CA GLY A 121 55.53 -35.42 -18.33
C GLY A 121 54.34 -34.73 -17.71
N THR A 122 54.52 -34.12 -16.55
CA THR A 122 53.48 -33.45 -15.78
C THR A 122 54.20 -32.70 -14.67
N TYR A 123 53.44 -32.14 -13.73
CA TYR A 123 54.09 -31.55 -12.56
C TYR A 123 53.07 -31.37 -11.45
N GLN A 124 53.58 -31.32 -10.22
CA GLN A 124 52.80 -31.05 -9.02
C GLN A 124 52.95 -29.59 -8.65
N LEU A 125 51.87 -28.98 -8.16
CA LEU A 125 51.89 -27.59 -7.75
C LEU A 125 52.43 -27.45 -6.32
N ARG A 126 53.31 -26.48 -6.12
CA ARG A 126 53.58 -25.99 -4.77
C ARG A 126 52.26 -25.60 -4.12
N GLU A 127 52.09 -26.03 -2.85
CA GLU A 127 50.89 -25.75 -2.07
C GLU A 127 50.40 -24.32 -2.25
N SER A 128 51.32 -23.36 -2.16
CA SER A 128 50.92 -21.96 -2.28
C SER A 128 50.40 -21.64 -3.67
N GLU A 129 50.95 -22.31 -4.69
CA GLU A 129 50.53 -22.07 -6.06
C GLU A 129 49.13 -22.64 -6.30
N LEU A 130 48.87 -23.84 -5.81
CA LEU A 130 47.53 -24.40 -5.89
C LEU A 130 46.53 -23.50 -5.18
N VAL A 131 46.97 -22.82 -4.12
CA VAL A 131 46.12 -21.83 -3.49
C VAL A 131 46.00 -20.58 -4.36
N PHE A 132 47.11 -20.15 -4.93
CA PHE A 132 47.04 -18.96 -5.76
C PHE A 132 46.26 -19.20 -7.05
N GLY A 133 46.34 -20.43 -7.59
CA GLY A 133 45.55 -20.80 -8.75
C GLY A 133 44.07 -20.96 -8.49
N ALA A 134 43.69 -21.51 -7.34
CA ALA A 134 42.28 -21.60 -6.99
C ALA A 134 41.67 -20.21 -6.83
N LYS A 135 42.38 -19.33 -6.13
CA LYS A 135 41.90 -17.96 -5.99
C LYS A 135 41.83 -17.23 -7.32
N GLN A 136 42.76 -17.52 -8.23
CA GLN A 136 42.79 -16.83 -9.51
C GLN A 136 41.73 -17.36 -10.45
N ALA A 137 41.43 -18.66 -10.41
CA ALA A 137 40.33 -19.19 -11.20
C ALA A 137 39.00 -18.52 -10.83
N TRP A 138 38.71 -18.45 -9.53
CA TRP A 138 37.54 -17.73 -9.06
C TRP A 138 37.56 -16.29 -9.55
N ARG A 139 38.70 -15.61 -9.36
CA ARG A 139 38.87 -14.24 -9.83
C ARG A 139 38.51 -14.08 -11.31
N ASN A 140 38.71 -15.15 -12.09
CA ASN A 140 38.56 -15.11 -13.54
C ASN A 140 37.24 -15.68 -14.05
N ALA A 141 36.46 -16.31 -13.19
CA ALA A 141 35.18 -16.87 -13.62
C ALA A 141 34.26 -15.72 -14.07
N PRO A 142 34.06 -15.56 -15.39
CA PRO A 142 33.32 -14.36 -15.86
C PRO A 142 31.90 -14.33 -15.37
N ARG A 143 31.27 -15.50 -15.25
CA ARG A 143 29.88 -15.60 -14.85
C ARG A 143 29.66 -15.47 -13.36
N CYS A 144 30.72 -15.43 -12.54
CA CYS A 144 30.52 -15.32 -11.09
C CYS A 144 30.34 -13.85 -10.72
N VAL A 145 29.22 -13.55 -10.05
CA VAL A 145 28.93 -12.19 -9.60
C VAL A 145 29.42 -11.93 -8.18
N GLY A 146 29.97 -12.95 -7.50
CA GLY A 146 30.44 -12.77 -6.15
C GLY A 146 31.95 -12.68 -6.05
N ARG A 147 32.62 -12.30 -7.14
CA ARG A 147 34.08 -12.33 -7.13
C ARG A 147 34.70 -11.25 -6.24
N ILE A 148 33.95 -10.30 -5.67
CA ILE A 148 34.54 -9.36 -4.72
C ILE A 148 35.15 -10.17 -3.57
N GLN A 149 34.62 -11.36 -3.35
CA GLN A 149 35.09 -12.26 -2.30
C GLN A 149 36.28 -13.13 -2.73
N TRP A 150 36.88 -12.86 -3.90
CA TRP A 150 37.80 -13.84 -4.48
C TRP A 150 39.06 -14.02 -3.64
N GLY A 151 39.51 -12.98 -2.96
CA GLY A 151 40.69 -13.13 -2.15
C GLY A 151 40.50 -13.95 -0.88
N LYS A 152 39.25 -14.25 -0.53
CA LYS A 152 38.89 -14.89 0.74
C LYS A 152 38.40 -16.30 0.40
N LEU A 153 39.32 -17.25 0.33
CA LEU A 153 38.97 -18.60 -0.07
C LEU A 153 39.87 -19.60 0.67
N GLN A 154 39.24 -20.66 1.18
CA GLN A 154 39.94 -21.70 1.91
C GLN A 154 40.16 -22.88 0.96
N VAL A 155 41.42 -23.23 0.74
CA VAL A 155 41.77 -24.32 -0.14
C VAL A 155 42.14 -25.53 0.69
N PHE A 156 41.32 -26.57 0.62
CA PHE A 156 41.67 -27.89 1.13
C PHE A 156 42.38 -28.66 0.04
N ASP A 157 43.49 -29.27 0.40
CA ASP A 157 44.34 -29.97 -0.54
C ASP A 157 44.07 -31.47 -0.40
N ALA A 158 43.33 -32.02 -1.35
CA ALA A 158 43.04 -33.44 -1.42
C ALA A 158 43.86 -34.12 -2.50
N ARG A 159 45.03 -33.58 -2.85
CA ARG A 159 45.84 -34.14 -3.92
C ARG A 159 46.36 -35.54 -3.59
N ASP A 160 46.47 -35.89 -2.31
CA ASP A 160 46.83 -37.25 -1.92
C ASP A 160 45.60 -38.12 -1.70
N CYS A 161 44.59 -37.99 -2.55
CA CYS A 161 43.36 -38.75 -2.40
C CYS A 161 43.43 -40.04 -3.20
N ARG A 162 42.88 -41.11 -2.62
CA ARG A 162 42.79 -42.40 -3.29
C ARG A 162 41.55 -43.12 -2.75
N SER A 163 40.63 -43.45 -3.66
CA SER A 163 39.37 -44.16 -3.44
C SER A 163 38.21 -43.21 -3.14
N ALA A 164 36.99 -43.63 -3.50
CA ALA A 164 35.81 -42.80 -3.31
C ALA A 164 35.55 -42.55 -1.83
N GLN A 165 35.77 -43.57 -1.00
CA GLN A 165 35.63 -43.38 0.44
C GLN A 165 36.54 -42.26 0.95
N GLU A 166 37.67 -42.04 0.29
CA GLU A 166 38.57 -40.97 0.70
C GLU A 166 37.98 -39.60 0.38
N MET A 167 37.54 -39.41 -0.87
CA MET A 167 36.91 -38.14 -1.23
C MET A 167 35.76 -37.82 -0.30
N PHE A 168 34.94 -38.83 0.01
CA PHE A 168 33.73 -38.60 0.79
C PHE A 168 34.04 -37.84 2.07
N THR A 169 35.07 -38.26 2.82
CA THR A 169 35.43 -37.54 4.03
C THR A 169 36.01 -36.16 3.70
N TYR A 170 36.79 -36.07 2.62
CA TYR A 170 37.26 -34.76 2.16
C TYR A 170 36.10 -33.84 1.85
N ILE A 171 35.11 -34.37 1.13
CA ILE A 171 33.90 -33.61 0.82
C ILE A 171 33.17 -33.25 2.09
N CYS A 172 33.04 -34.23 3.00
CA CYS A 172 32.34 -33.99 4.26
C CYS A 172 33.07 -32.99 5.12
N ASN A 173 34.40 -33.00 5.08
CA ASN A 173 35.18 -31.97 5.78
C ASN A 173 34.89 -30.60 5.22
N HIS A 174 35.05 -30.45 3.90
CA HIS A 174 34.67 -29.25 3.19
C HIS A 174 33.27 -28.80 3.57
N ILE A 175 32.28 -29.66 3.34
CA ILE A 175 30.88 -29.31 3.59
C ILE A 175 30.71 -28.76 4.99
N LYS A 176 31.15 -29.52 6.00
CA LYS A 176 31.00 -29.05 7.37
C LYS A 176 31.85 -27.81 7.63
N TYR A 177 33.02 -27.70 7.00
CA TYR A 177 33.79 -26.46 7.11
C TYR A 177 33.06 -25.31 6.42
N ALA A 178 32.70 -25.51 5.15
CA ALA A 178 32.03 -24.46 4.41
C ALA A 178 30.74 -24.05 5.12
N THR A 179 29.92 -25.03 5.51
CA THR A 179 28.66 -24.71 6.16
C THR A 179 28.88 -23.94 7.46
N ASN A 180 29.71 -24.47 8.35
CA ASN A 180 30.10 -23.73 9.55
C ASN A 180 28.85 -23.23 10.30
N ARG A 181 27.87 -24.11 10.43
CA ARG A 181 26.64 -23.83 11.20
C ARG A 181 25.89 -22.63 10.65
N GLY A 182 26.01 -22.37 9.34
CA GLY A 182 25.31 -21.30 8.71
C GLY A 182 26.17 -20.08 8.40
N ASN A 183 27.23 -19.82 9.17
CA ASN A 183 28.08 -18.67 8.85
C ASN A 183 29.04 -19.12 7.75
N LEU A 184 28.53 -19.11 6.52
CA LEU A 184 29.15 -19.83 5.42
C LEU A 184 30.52 -19.25 5.05
N ARG A 185 31.43 -20.14 4.67
CA ARG A 185 32.80 -19.78 4.31
C ARG A 185 33.15 -20.43 2.98
N SER A 186 33.69 -19.62 2.06
CA SER A 186 34.05 -20.13 0.75
C SER A 186 35.19 -21.14 0.86
N ALA A 187 35.08 -22.21 0.08
CA ALA A 187 36.08 -23.25 0.14
C ALA A 187 36.11 -24.02 -1.16
N ILE A 188 37.29 -24.53 -1.51
CA ILE A 188 37.44 -25.46 -2.62
C ILE A 188 38.32 -26.61 -2.15
N THR A 189 37.87 -27.84 -2.40
CA THR A 189 38.64 -29.04 -2.16
C THR A 189 39.17 -29.53 -3.49
N VAL A 190 40.49 -29.51 -3.66
CA VAL A 190 41.13 -29.89 -4.91
C VAL A 190 41.58 -31.33 -4.78
N PHE A 191 40.96 -32.22 -5.55
CA PHE A 191 41.32 -33.62 -5.57
C PHE A 191 42.45 -33.81 -6.57
N PRO A 192 43.09 -35.00 -6.59
CA PRO A 192 44.31 -35.16 -7.39
C PRO A 192 44.10 -34.72 -8.83
N GLN A 193 45.17 -34.20 -9.43
CA GLN A 193 45.12 -33.80 -10.82
C GLN A 193 44.93 -35.02 -11.72
N ARG A 194 45.13 -34.84 -13.01
CA ARG A 194 44.85 -35.86 -13.99
C ARG A 194 46.15 -36.35 -14.62
N CYS A 195 46.23 -37.65 -14.86
CA CYS A 195 47.34 -38.26 -15.56
C CYS A 195 46.79 -39.30 -16.53
N PRO A 196 47.51 -39.60 -17.62
CA PRO A 196 47.04 -40.65 -18.54
C PRO A 196 47.17 -42.02 -17.90
N GLY A 197 46.52 -42.99 -18.54
CA GLY A 197 46.49 -44.35 -18.05
C GLY A 197 45.85 -44.54 -16.69
N ARG A 198 45.38 -43.47 -16.06
CA ARG A 198 44.60 -43.53 -14.82
C ARG A 198 43.20 -43.03 -15.12
N GLY A 199 42.25 -43.40 -14.26
CA GLY A 199 40.92 -42.86 -14.42
C GLY A 199 40.87 -41.38 -14.10
N ASP A 200 39.71 -40.89 -13.70
CA ASP A 200 39.57 -39.53 -13.24
C ASP A 200 38.96 -39.52 -11.86
N PHE A 201 39.32 -38.51 -11.08
CA PHE A 201 38.47 -38.12 -9.97
C PHE A 201 37.31 -37.31 -10.52
N ARG A 202 36.09 -37.77 -10.25
CA ARG A 202 34.86 -37.11 -10.67
C ARG A 202 33.82 -37.21 -9.56
N ILE A 203 33.22 -36.08 -9.20
CA ILE A 203 31.94 -36.08 -8.49
C ILE A 203 30.85 -36.07 -9.54
N TRP A 204 30.03 -37.12 -9.57
CA TRP A 204 29.03 -37.25 -10.62
C TRP A 204 27.87 -36.28 -10.46
N ASN A 205 27.62 -35.79 -9.25
CA ASN A 205 26.59 -34.77 -9.08
C ASN A 205 27.11 -33.43 -9.58
N SER A 206 26.17 -32.57 -9.97
CA SER A 206 26.54 -31.20 -10.35
C SER A 206 26.86 -30.37 -9.13
N GLN A 207 26.16 -30.62 -8.03
CA GLN A 207 26.42 -29.99 -6.75
C GLN A 207 26.50 -31.06 -5.68
N LEU A 208 27.12 -30.69 -4.55
CA LEU A 208 27.19 -31.63 -3.44
C LEU A 208 25.83 -31.81 -2.80
N VAL A 209 25.04 -30.76 -2.73
CA VAL A 209 23.65 -30.86 -2.30
C VAL A 209 22.78 -30.66 -3.53
N ARG A 210 22.11 -31.73 -3.94
CA ARG A 210 21.10 -31.65 -4.98
C ARG A 210 19.85 -32.41 -4.54
N TYR A 211 18.69 -31.91 -4.97
CA TYR A 211 17.40 -32.49 -4.61
C TYR A 211 16.96 -33.52 -5.63
N ALA A 212 16.25 -34.53 -5.14
CA ALA A 212 15.79 -35.61 -6.00
C ALA A 212 14.76 -35.12 -7.02
N GLY A 213 14.62 -35.89 -8.09
CA GLY A 213 13.56 -35.69 -9.06
C GLY A 213 13.04 -37.00 -9.60
N TYR A 214 11.77 -37.30 -9.34
CA TYR A 214 11.17 -38.60 -9.61
C TYR A 214 10.08 -38.48 -10.67
N ARG A 215 10.00 -39.47 -11.56
CA ARG A 215 8.94 -39.52 -12.57
C ARG A 215 7.71 -40.24 -12.01
N GLN A 216 6.70 -40.44 -12.86
CA GLN A 216 5.44 -41.06 -12.42
C GLN A 216 4.82 -41.86 -13.56
N GLN A 217 3.62 -42.37 -13.31
CA GLN A 217 2.80 -43.04 -14.32
C GLN A 217 2.36 -42.05 -15.38
N ASP A 218 3.00 -40.88 -15.41
CA ASP A 218 2.71 -39.84 -16.38
C ASP A 218 3.94 -38.96 -16.67
N GLY A 219 5.14 -39.50 -16.48
CA GLY A 219 6.35 -38.79 -16.85
C GLY A 219 6.75 -37.62 -15.97
N SER A 220 5.80 -36.72 -15.70
CA SER A 220 6.02 -35.50 -14.89
C SER A 220 6.78 -35.80 -13.61
N VAL A 221 7.39 -34.76 -13.02
CA VAL A 221 8.42 -34.93 -11.99
C VAL A 221 7.93 -34.40 -10.64
N ARG A 222 8.13 -35.19 -9.60
CA ARG A 222 8.11 -34.74 -8.21
C ARG A 222 9.56 -34.53 -7.77
N GLY A 223 9.84 -33.38 -7.17
CA GLY A 223 11.21 -33.00 -6.85
C GLY A 223 11.82 -32.03 -7.86
N ASP A 224 13.14 -32.10 -8.03
CA ASP A 224 13.83 -31.15 -8.89
C ASP A 224 14.07 -31.76 -10.26
N PRO A 225 13.49 -31.20 -11.34
CA PRO A 225 13.73 -31.77 -12.67
C PRO A 225 15.13 -31.53 -13.19
N ALA A 226 15.90 -30.62 -12.62
CA ALA A 226 17.29 -30.42 -13.07
C ALA A 226 18.19 -31.58 -12.67
N ASN A 227 17.72 -32.49 -11.83
CA ASN A 227 18.52 -33.59 -11.33
C ASN A 227 17.91 -34.96 -11.62
N VAL A 228 16.78 -35.01 -12.31
CA VAL A 228 16.11 -36.24 -12.77
C VAL A 228 17.10 -37.27 -13.27
N GLU A 229 18.11 -36.83 -14.02
CA GLU A 229 19.09 -37.74 -14.59
C GLU A 229 19.99 -38.34 -13.51
N ILE A 230 20.65 -37.49 -12.72
CA ILE A 230 21.50 -38.02 -11.66
C ILE A 230 20.68 -38.72 -10.59
N THR A 231 19.44 -38.26 -10.37
CA THR A 231 18.50 -39.01 -9.53
C THR A 231 18.23 -40.39 -10.11
N GLU A 232 18.14 -40.48 -11.45
CA GLU A 232 17.97 -41.77 -12.08
C GLU A 232 19.22 -42.63 -11.93
N LEU A 233 20.40 -42.00 -12.00
CA LEU A 233 21.63 -42.76 -11.79
C LEU A 233 21.71 -43.27 -10.35
N CYS A 234 21.45 -42.40 -9.38
CA CYS A 234 21.60 -42.79 -7.97
C CYS A 234 20.73 -43.98 -7.64
N ILE A 235 19.51 -44.03 -8.16
CA ILE A 235 18.68 -45.21 -7.97
C ILE A 235 19.22 -46.37 -8.78
N GLN A 236 19.71 -46.11 -9.99
CA GLN A 236 20.31 -47.14 -10.83
C GLN A 236 21.58 -47.72 -10.20
N HIS A 237 22.16 -47.04 -9.21
CA HIS A 237 23.28 -47.57 -8.44
C HIS A 237 22.86 -48.02 -7.05
N GLY A 238 21.57 -48.23 -6.83
CA GLY A 238 21.09 -48.92 -5.65
C GLY A 238 20.74 -48.05 -4.46
N TRP A 239 20.11 -46.90 -4.71
CA TRP A 239 19.66 -46.02 -3.64
C TRP A 239 18.15 -46.14 -3.49
N THR A 240 17.69 -46.24 -2.25
CA THR A 240 16.26 -46.30 -1.98
C THR A 240 15.64 -44.93 -2.23
N PRO A 241 14.74 -44.79 -3.19
CA PRO A 241 14.16 -43.47 -3.49
C PRO A 241 13.10 -43.06 -2.47
N GLY A 242 13.11 -41.78 -2.12
CA GLY A 242 12.12 -41.24 -1.21
C GLY A 242 10.81 -40.91 -1.90
N ASN A 243 9.90 -40.32 -1.12
CA ASN A 243 8.63 -39.85 -1.64
C ASN A 243 8.64 -38.36 -1.98
N GLY A 244 9.22 -37.53 -1.12
CA GLY A 244 8.95 -36.11 -1.12
C GLY A 244 9.58 -35.32 -2.26
N ARG A 245 9.30 -34.01 -2.24
CA ARG A 245 9.78 -33.05 -3.23
C ARG A 245 11.08 -32.37 -2.81
N PHE A 246 11.72 -32.83 -1.73
CA PHE A 246 12.94 -32.20 -1.24
C PHE A 246 13.84 -33.24 -0.58
N ASP A 247 13.97 -34.41 -1.21
CA ASP A 247 14.91 -35.42 -0.76
C ASP A 247 16.31 -35.06 -1.24
N VAL A 248 17.26 -34.96 -0.31
CA VAL A 248 18.65 -34.70 -0.67
C VAL A 248 19.24 -35.94 -1.31
N LEU A 249 19.77 -35.79 -2.52
CA LEU A 249 20.31 -36.92 -3.24
C LEU A 249 21.58 -37.45 -2.57
N PRO A 250 21.84 -38.74 -2.68
CA PRO A 250 23.14 -39.28 -2.30
C PRO A 250 24.20 -38.95 -3.35
N LEU A 251 25.43 -38.78 -2.87
CA LEU A 251 26.55 -38.50 -3.76
C LEU A 251 26.95 -39.75 -4.52
N LEU A 252 27.33 -39.57 -5.78
CA LEU A 252 27.99 -40.61 -6.57
C LEU A 252 29.43 -40.16 -6.74
N LEU A 253 30.33 -40.74 -5.96
CA LEU A 253 31.75 -40.43 -6.02
C LEU A 253 32.49 -41.52 -6.76
N GLN A 254 33.44 -41.12 -7.60
CA GLN A 254 34.12 -42.03 -8.50
C GLN A 254 35.63 -41.92 -8.29
N ALA A 255 36.25 -43.05 -8.01
CA ALA A 255 37.70 -43.09 -7.93
C ALA A 255 38.29 -43.50 -9.27
N PRO A 256 39.54 -43.11 -9.54
CA PRO A 256 40.21 -43.50 -10.80
C PRO A 256 39.97 -44.94 -11.23
N ASP A 257 39.75 -45.13 -12.54
CA ASP A 257 39.47 -46.41 -13.19
C ASP A 257 38.54 -47.30 -12.36
N GLU A 258 37.51 -46.71 -11.74
CA GLU A 258 36.60 -47.44 -10.89
C GLU A 258 35.17 -46.94 -11.07
N PRO A 259 34.22 -47.83 -11.33
CA PRO A 259 32.80 -47.46 -11.26
C PRO A 259 32.48 -46.85 -9.91
N PRO A 260 31.50 -45.96 -9.84
CA PRO A 260 31.35 -45.09 -8.67
C PRO A 260 30.53 -45.73 -7.56
N GLU A 261 30.70 -45.19 -6.36
CA GLU A 261 30.08 -45.69 -5.15
C GLU A 261 29.07 -44.69 -4.63
N LEU A 262 27.92 -45.20 -4.17
CA LEU A 262 26.93 -44.36 -3.52
C LEU A 262 27.38 -43.97 -2.12
N PHE A 263 27.03 -42.75 -1.73
CA PHE A 263 27.34 -42.24 -0.40
C PHE A 263 26.14 -41.47 0.14
N LEU A 264 25.67 -41.86 1.32
CA LEU A 264 24.61 -41.11 1.99
C LEU A 264 25.25 -39.99 2.80
N LEU A 265 24.95 -38.74 2.43
CA LEU A 265 25.44 -37.62 3.21
C LEU A 265 24.84 -37.66 4.61
N PRO A 266 25.61 -37.35 5.64
CA PRO A 266 25.04 -37.26 6.99
C PRO A 266 23.96 -36.20 7.04
N PRO A 267 22.73 -36.57 7.44
CA PRO A 267 21.65 -35.59 7.51
C PRO A 267 21.97 -34.37 8.36
N GLU A 268 22.66 -34.56 9.48
CA GLU A 268 23.07 -33.41 10.29
C GLU A 268 24.06 -32.52 9.55
N LEU A 269 24.64 -32.99 8.46
CA LEU A 269 25.62 -32.21 7.71
C LEU A 269 25.01 -31.42 6.58
N VAL A 270 23.74 -31.64 6.26
CA VAL A 270 23.08 -30.96 5.16
C VAL A 270 22.20 -29.87 5.79
N LEU A 271 22.79 -28.70 5.99
CA LEU A 271 22.04 -27.58 6.52
C LEU A 271 21.02 -27.12 5.49
N GLU A 272 19.75 -27.15 5.86
CA GLU A 272 18.68 -26.68 5.01
C GLU A 272 17.91 -25.59 5.72
N VAL A 273 17.27 -24.75 4.92
CA VAL A 273 16.46 -23.65 5.43
C VAL A 273 15.02 -23.87 5.01
N PRO A 274 14.13 -24.19 5.95
CA PRO A 274 12.70 -24.17 5.63
C PRO A 274 12.28 -22.76 5.20
N LEU A 275 11.53 -22.69 4.12
CA LEU A 275 11.21 -21.39 3.55
C LEU A 275 9.88 -20.93 4.13
N GLU A 276 9.89 -19.77 4.77
CA GLU A 276 8.68 -19.12 5.22
C GLU A 276 8.71 -17.66 4.79
N HIS A 277 7.58 -17.02 4.87
CA HIS A 277 7.51 -15.65 4.42
C HIS A 277 7.25 -14.75 5.62
N PRO A 278 7.90 -13.60 5.72
CA PRO A 278 7.69 -12.75 6.89
C PRO A 278 6.22 -12.46 7.21
N THR A 279 5.38 -12.22 6.21
CA THR A 279 4.01 -11.80 6.48
C THR A 279 2.93 -12.63 5.79
N LEU A 280 3.29 -13.56 4.90
CA LEU A 280 2.35 -14.45 4.25
C LEU A 280 2.41 -15.78 5.01
N GLU A 281 1.62 -15.86 6.08
CA GLU A 281 1.67 -16.98 7.03
C GLU A 281 1.53 -18.35 6.35
N TRP A 282 0.89 -18.42 5.20
CA TRP A 282 0.68 -19.68 4.50
C TRP A 282 1.89 -20.17 3.71
N PHE A 283 2.87 -19.30 3.42
CA PHE A 283 4.03 -19.72 2.64
C PHE A 283 4.74 -20.91 3.29
N ALA A 284 4.94 -20.87 4.60
CA ALA A 284 5.45 -22.02 5.34
C ALA A 284 4.72 -23.31 4.99
N ALA A 285 3.39 -23.25 4.94
CA ALA A 285 2.57 -24.43 4.63
C ALA A 285 2.88 -25.02 3.26
N LEU A 286 3.37 -24.20 2.31
CA LEU A 286 3.74 -24.73 1.01
C LEU A 286 4.84 -25.77 1.11
N GLY A 287 5.50 -25.88 2.26
CA GLY A 287 6.50 -26.93 2.48
C GLY A 287 7.77 -26.78 1.69
N LEU A 288 8.20 -25.56 1.39
CA LEU A 288 9.38 -25.34 0.56
C LEU A 288 10.62 -25.22 1.43
N ARG A 289 11.72 -25.78 0.93
CA ARG A 289 13.04 -25.71 1.57
C ARG A 289 14.09 -25.55 0.48
N TRP A 290 15.24 -24.98 0.86
CA TRP A 290 16.44 -25.07 0.05
C TRP A 290 17.65 -25.30 0.95
N TYR A 291 18.74 -25.80 0.36
CA TYR A 291 19.92 -26.11 1.15
C TYR A 291 20.81 -24.88 1.29
N ALA A 292 21.64 -24.91 2.34
CA ALA A 292 22.43 -23.74 2.73
C ALA A 292 23.65 -23.55 1.83
N LEU A 293 24.23 -24.65 1.36
CA LEU A 293 25.55 -24.62 0.75
C LEU A 293 25.50 -24.78 -0.76
N PRO A 294 25.83 -23.74 -1.53
CA PRO A 294 25.95 -23.93 -2.98
C PRO A 294 27.33 -24.46 -3.33
N ALA A 295 27.43 -25.75 -3.61
CA ALA A 295 28.72 -26.39 -3.81
C ALA A 295 28.75 -27.05 -5.17
N VAL A 296 29.50 -26.46 -6.11
CA VAL A 296 29.52 -26.93 -7.49
C VAL A 296 30.56 -28.03 -7.61
N SER A 297 30.11 -29.22 -7.98
CA SER A 297 30.94 -30.42 -7.92
C SER A 297 31.10 -31.08 -9.29
N ASN A 298 31.00 -30.29 -10.37
CA ASN A 298 31.11 -30.89 -11.69
C ASN A 298 32.01 -30.10 -12.64
N MET A 299 32.70 -29.07 -12.14
CA MET A 299 33.56 -28.25 -12.99
C MET A 299 35.02 -28.64 -12.77
N LEU A 300 35.82 -28.35 -13.78
CA LEU A 300 37.17 -28.87 -13.90
C LEU A 300 38.13 -27.71 -13.68
N LEU A 301 38.67 -27.64 -12.47
CA LEU A 301 39.68 -26.63 -12.17
C LEU A 301 40.90 -26.85 -13.05
N GLU A 302 41.44 -25.76 -13.56
CA GLU A 302 42.56 -25.80 -14.50
C GLU A 302 43.56 -24.75 -14.05
N ILE A 303 44.70 -25.19 -13.55
CA ILE A 303 45.78 -24.29 -13.11
C ILE A 303 47.07 -24.73 -13.80
N GLY A 304 47.81 -23.76 -14.32
CA GLY A 304 49.09 -24.01 -14.95
C GLY A 304 49.11 -25.18 -15.91
N GLY A 305 48.02 -25.40 -16.63
CA GLY A 305 47.92 -26.55 -17.51
C GLY A 305 47.67 -27.86 -16.81
N LEU A 306 47.39 -27.85 -15.52
CA LEU A 306 46.95 -29.06 -14.81
C LEU A 306 45.44 -29.02 -14.70
N GLU A 307 44.81 -30.18 -14.91
CA GLU A 307 43.35 -30.27 -14.99
C GLU A 307 42.85 -31.20 -13.89
N PHE A 308 42.18 -30.62 -12.90
CA PHE A 308 41.59 -31.38 -11.81
C PHE A 308 40.10 -31.56 -12.10
N PRO A 309 39.67 -32.70 -12.64
CA PRO A 309 38.23 -32.88 -12.93
C PRO A 309 37.33 -32.95 -11.70
N ALA A 310 37.89 -32.89 -10.49
CA ALA A 310 37.12 -32.92 -9.26
C ALA A 310 37.74 -31.90 -8.31
N ALA A 311 37.17 -30.70 -8.26
CA ALA A 311 37.62 -29.64 -7.38
C ALA A 311 36.42 -28.85 -6.90
N PRO A 312 35.55 -29.48 -6.10
CA PRO A 312 34.30 -28.82 -5.70
C PRO A 312 34.55 -27.54 -4.92
N PHE A 313 33.98 -26.44 -5.41
CA PHE A 313 34.00 -25.17 -4.72
C PHE A 313 32.61 -24.81 -4.22
N SER A 314 32.59 -23.90 -3.26
CA SER A 314 31.36 -23.55 -2.60
C SER A 314 31.51 -22.15 -2.05
N GLY A 315 30.40 -21.43 -2.00
CA GLY A 315 30.42 -20.11 -1.40
C GLY A 315 29.20 -19.99 -0.52
N TRP A 316 28.43 -18.93 -0.74
CA TRP A 316 27.09 -18.85 -0.23
C TRP A 316 26.19 -18.38 -1.36
N TYR A 317 24.90 -18.58 -1.18
CA TYR A 317 23.95 -18.28 -2.24
C TYR A 317 23.73 -16.79 -2.38
N MET A 318 23.31 -16.40 -3.57
CA MET A 318 22.59 -15.16 -3.79
C MET A 318 21.11 -15.52 -3.92
N SER A 319 20.25 -14.72 -3.30
CA SER A 319 18.90 -15.22 -3.06
C SER A 319 18.13 -15.49 -4.34
N THR A 320 18.47 -14.82 -5.44
CA THR A 320 17.73 -15.05 -6.68
C THR A 320 18.07 -16.38 -7.31
N GLU A 321 19.25 -16.94 -7.03
CA GLU A 321 19.51 -18.31 -7.46
C GLU A 321 18.41 -19.24 -6.98
N ILE A 322 18.07 -19.15 -5.70
CA ILE A 322 17.05 -20.02 -5.12
C ILE A 322 15.66 -19.52 -5.46
N GLY A 323 15.35 -18.29 -5.04
CA GLY A 323 13.99 -17.79 -5.15
C GLY A 323 13.52 -17.58 -6.58
N THR A 324 14.42 -17.23 -7.49
CA THR A 324 13.97 -17.04 -8.86
C THR A 324 14.24 -18.26 -9.73
N ARG A 325 15.49 -18.65 -9.91
CA ARG A 325 15.77 -19.73 -10.85
C ARG A 325 15.24 -21.06 -10.33
N ASN A 326 15.65 -21.43 -9.10
CA ASN A 326 15.42 -22.79 -8.61
C ASN A 326 13.94 -23.08 -8.38
N LEU A 327 13.23 -22.13 -7.76
CA LEU A 327 11.83 -22.31 -7.47
C LEU A 327 10.92 -21.89 -8.63
N CYS A 328 11.29 -20.86 -9.40
CA CYS A 328 10.34 -20.29 -10.35
C CYS A 328 10.57 -20.63 -11.81
N ASP A 329 11.74 -21.12 -12.20
CA ASP A 329 11.93 -21.52 -13.59
C ASP A 329 10.89 -22.57 -13.95
N PRO A 330 10.29 -22.50 -15.15
CA PRO A 330 9.25 -23.46 -15.50
C PRO A 330 9.73 -24.90 -15.55
N HIS A 331 11.01 -25.12 -15.82
CA HIS A 331 11.57 -26.46 -15.83
C HIS A 331 12.17 -26.84 -14.49
N ARG A 332 12.04 -25.98 -13.51
CA ARG A 332 12.62 -26.25 -12.18
C ARG A 332 11.45 -26.53 -11.24
N TYR A 333 11.42 -25.97 -10.03
CA TYR A 333 10.28 -26.28 -9.17
C TYR A 333 9.00 -25.63 -9.65
N ASN A 334 9.10 -24.58 -10.48
CA ASN A 334 7.94 -24.02 -11.16
C ASN A 334 6.80 -23.71 -10.19
N ILE A 335 7.14 -23.07 -9.06
CA ILE A 335 6.14 -22.78 -8.04
C ILE A 335 5.42 -21.46 -8.27
N LEU A 336 5.74 -20.74 -9.36
CA LEU A 336 5.27 -19.37 -9.47
C LEU A 336 3.75 -19.28 -9.37
N GLU A 337 3.04 -20.11 -10.14
CA GLU A 337 1.59 -20.04 -10.17
C GLU A 337 0.99 -20.46 -8.83
N ASP A 338 1.59 -21.45 -8.19
CA ASP A 338 1.12 -21.89 -6.89
C ASP A 338 1.18 -20.75 -5.87
N VAL A 339 2.31 -20.06 -5.82
CA VAL A 339 2.43 -18.95 -4.88
C VAL A 339 1.43 -17.87 -5.23
N ALA A 340 1.21 -17.63 -6.53
CA ALA A 340 0.31 -16.56 -6.95
C ALA A 340 -1.13 -16.89 -6.62
N VAL A 341 -1.53 -18.15 -6.75
CA VAL A 341 -2.86 -18.56 -6.29
C VAL A 341 -3.02 -18.23 -4.80
N CYS A 342 -2.06 -18.65 -3.99
CA CYS A 342 -2.15 -18.40 -2.56
C CYS A 342 -2.23 -16.92 -2.23
N MET A 343 -1.66 -16.07 -3.08
CA MET A 343 -1.74 -14.64 -2.87
C MET A 343 -2.99 -14.03 -3.45
N ASP A 344 -3.88 -14.87 -4.00
CA ASP A 344 -5.10 -14.45 -4.68
C ASP A 344 -4.84 -13.41 -5.75
N LEU A 345 -3.73 -13.58 -6.48
CA LEU A 345 -3.40 -12.70 -7.58
C LEU A 345 -4.25 -13.04 -8.80
N ASP A 346 -4.34 -12.10 -9.73
CA ASP A 346 -5.09 -12.41 -10.95
C ASP A 346 -4.15 -13.12 -11.92
N THR A 347 -4.19 -14.45 -11.91
CA THR A 347 -3.46 -15.21 -12.91
C THR A 347 -4.16 -15.29 -14.27
N ARG A 348 -5.27 -14.57 -14.47
CA ARG A 348 -6.00 -14.65 -15.73
C ARG A 348 -5.40 -13.75 -16.80
N THR A 349 -4.66 -12.72 -16.42
CA THR A 349 -4.10 -11.79 -17.37
C THR A 349 -2.61 -11.56 -17.06
N THR A 350 -1.81 -11.53 -18.12
CA THR A 350 -0.37 -11.39 -17.92
C THR A 350 -0.01 -10.01 -17.40
N SER A 351 -0.84 -9.02 -17.70
CA SER A 351 -0.58 -7.62 -17.41
C SER A 351 -0.92 -7.24 -15.98
N SER A 352 -1.47 -8.17 -15.20
CA SER A 352 -1.55 -7.95 -13.76
C SER A 352 -0.18 -8.01 -13.10
N LEU A 353 0.83 -8.52 -13.83
CA LEU A 353 2.18 -8.77 -13.33
C LEU A 353 2.16 -9.70 -12.12
N TRP A 354 1.19 -10.62 -12.10
CA TRP A 354 1.11 -11.59 -11.02
C TRP A 354 2.37 -12.44 -10.95
N LYS A 355 2.91 -12.83 -12.11
CA LYS A 355 4.21 -13.50 -12.12
C LYS A 355 5.24 -12.66 -11.40
N ASP A 356 5.32 -11.39 -11.74
CA ASP A 356 6.33 -10.53 -11.13
C ASP A 356 6.10 -10.39 -9.63
N LYS A 357 4.84 -10.24 -9.23
CA LYS A 357 4.52 -10.03 -7.82
C LYS A 357 4.81 -11.28 -7.00
N ALA A 358 4.42 -12.45 -7.52
CA ALA A 358 4.66 -13.66 -6.75
C ALA A 358 6.12 -14.01 -6.72
N ALA A 359 6.87 -13.60 -7.74
CA ALA A 359 8.29 -13.91 -7.73
C ALA A 359 9.03 -13.04 -6.72
N VAL A 360 8.64 -11.77 -6.58
CA VAL A 360 9.30 -10.95 -5.58
C VAL A 360 9.08 -11.53 -4.19
N GLU A 361 7.87 -12.03 -3.94
CA GLU A 361 7.58 -12.57 -2.61
C GLU A 361 8.35 -13.85 -2.35
N ILE A 362 8.48 -14.72 -3.36
CA ILE A 362 9.30 -15.92 -3.19
C ILE A 362 10.73 -15.55 -2.83
N ASN A 363 11.27 -14.53 -3.49
CA ASN A 363 12.58 -14.04 -3.11
C ASN A 363 12.57 -13.45 -1.71
N VAL A 364 11.51 -12.75 -1.33
CA VAL A 364 11.47 -12.21 0.02
C VAL A 364 11.52 -13.34 1.04
N ALA A 365 10.76 -14.42 0.78
CA ALA A 365 10.78 -15.59 1.66
C ALA A 365 12.18 -16.17 1.76
N VAL A 366 12.89 -16.27 0.63
CA VAL A 366 14.22 -16.86 0.66
C VAL A 366 15.13 -16.03 1.57
N LEU A 367 15.22 -14.72 1.30
CA LEU A 367 16.04 -13.86 2.13
C LEU A 367 15.61 -13.90 3.58
N HIS A 368 14.29 -13.89 3.82
CA HIS A 368 13.81 -13.91 5.19
C HIS A 368 14.21 -15.21 5.87
N SER A 369 13.94 -16.33 5.21
CA SER A 369 14.16 -17.63 5.85
C SER A 369 15.63 -17.86 6.14
N TYR A 370 16.52 -17.57 5.17
CA TYR A 370 17.94 -17.75 5.41
C TYR A 370 18.43 -16.87 6.54
N GLN A 371 18.00 -15.61 6.56
CA GLN A 371 18.39 -14.71 7.66
C GLN A 371 17.86 -15.20 8.99
N LEU A 372 16.62 -15.68 9.02
CA LEU A 372 16.09 -16.18 10.29
C LEU A 372 16.88 -17.41 10.75
N ALA A 373 17.24 -18.29 9.82
CA ALA A 373 18.10 -19.43 10.15
C ALA A 373 19.56 -19.04 10.32
N LYS A 374 19.87 -17.75 10.21
CA LYS A 374 21.26 -17.27 10.25
C LYS A 374 22.15 -18.09 9.33
N VAL A 375 21.72 -18.21 8.09
CA VAL A 375 22.50 -18.82 7.01
C VAL A 375 22.95 -17.69 6.10
N THR A 376 24.24 -17.69 5.76
CA THR A 376 24.75 -16.60 4.92
C THR A 376 24.03 -16.57 3.58
N ILE A 377 23.51 -15.41 3.20
CA ILE A 377 22.88 -15.22 1.90
C ILE A 377 22.95 -13.75 1.51
N VAL A 378 23.05 -13.49 0.21
CA VAL A 378 23.19 -12.13 -0.26
C VAL A 378 22.14 -11.86 -1.34
N ASP A 379 21.43 -10.75 -1.19
CA ASP A 379 20.40 -10.40 -2.16
C ASP A 379 21.06 -9.85 -3.42
N HIS A 380 20.32 -9.92 -4.53
CA HIS A 380 20.90 -9.52 -5.80
C HIS A 380 21.31 -8.05 -5.84
N HIS A 381 20.72 -7.18 -5.01
CA HIS A 381 21.14 -5.77 -4.97
C HIS A 381 22.49 -5.63 -4.29
N ALA A 382 22.59 -6.10 -3.05
CA ALA A 382 23.88 -6.13 -2.35
C ALA A 382 24.94 -6.79 -3.21
N ALA A 383 24.59 -7.90 -3.87
CA ALA A 383 25.59 -8.66 -4.60
C ALA A 383 26.09 -7.87 -5.81
N THR A 384 25.18 -7.35 -6.64
CA THR A 384 25.63 -6.63 -7.82
C THR A 384 26.41 -5.39 -7.42
N ALA A 385 25.97 -4.69 -6.37
CA ALA A 385 26.67 -3.49 -5.93
C ALA A 385 28.10 -3.82 -5.53
N SER A 386 28.30 -4.96 -4.84
CA SER A 386 29.65 -5.40 -4.53
CA SER A 386 29.64 -5.39 -4.53
C SER A 386 30.42 -5.74 -5.80
N PHE A 387 29.73 -6.28 -6.80
CA PHE A 387 30.42 -6.61 -8.03
C PHE A 387 30.89 -5.34 -8.75
N MET A 388 30.08 -4.29 -8.71
CA MET A 388 30.55 -3.00 -9.23
C MET A 388 31.79 -2.55 -8.48
N LYS A 389 31.78 -2.74 -7.17
CA LYS A 389 32.97 -2.49 -6.38
C LYS A 389 34.12 -3.36 -6.85
N HIS A 390 33.82 -4.61 -7.18
CA HIS A 390 34.85 -5.53 -7.67
C HIS A 390 35.42 -5.06 -9.01
N LEU A 391 34.54 -4.76 -9.97
CA LEU A 391 34.98 -4.25 -11.27
C LEU A 391 35.95 -3.09 -11.10
N GLU A 392 35.66 -2.20 -10.17
CA GLU A 392 36.52 -1.04 -9.95
C GLU A 392 37.86 -1.45 -9.36
N ASN A 393 37.86 -2.33 -8.35
CA ASN A 393 39.11 -2.92 -7.84
C ASN A 393 39.93 -3.52 -8.97
N GLU A 394 39.30 -4.34 -9.80
CA GLU A 394 39.99 -5.05 -10.88
C GLU A 394 40.47 -4.10 -11.96
N GLN A 395 39.73 -3.03 -12.21
CA GLN A 395 40.23 -1.98 -13.10
C GLN A 395 41.53 -1.39 -12.55
N LYS A 396 41.58 -1.16 -11.24
CA LYS A 396 42.80 -0.67 -10.63
C LYS A 396 43.89 -1.75 -10.63
N ALA A 397 43.55 -2.97 -10.23
CA ALA A 397 44.54 -4.03 -10.09
C ALA A 397 45.06 -4.51 -11.45
N ARG A 398 44.19 -5.12 -12.26
CA ARG A 398 44.60 -5.74 -13.50
C ARG A 398 44.05 -5.05 -14.74
N GLY A 399 43.54 -3.83 -14.61
CA GLY A 399 43.07 -3.13 -15.79
C GLY A 399 41.92 -3.81 -16.50
N GLY A 400 41.00 -4.40 -15.75
CA GLY A 400 39.85 -5.01 -16.37
C GLY A 400 39.38 -6.22 -15.59
N CYS A 401 38.35 -6.85 -16.12
CA CYS A 401 37.70 -7.96 -15.44
C CYS A 401 36.81 -8.68 -16.45
N PRO A 402 37.02 -9.97 -16.72
CA PRO A 402 36.15 -10.67 -17.66
C PRO A 402 34.80 -10.89 -16.99
N ALA A 403 33.75 -10.45 -17.67
CA ALA A 403 32.44 -10.47 -17.05
C ALA A 403 31.42 -10.82 -18.12
N ASP A 404 30.66 -11.88 -17.84
CA ASP A 404 29.59 -12.33 -18.71
C ASP A 404 28.35 -11.55 -18.30
N TRP A 405 28.04 -10.52 -19.09
CA TRP A 405 26.94 -9.63 -18.75
C TRP A 405 25.69 -10.41 -18.38
N ALA A 406 25.33 -11.38 -19.22
CA ALA A 406 24.04 -12.06 -19.08
C ALA A 406 23.94 -12.88 -17.81
N TRP A 407 25.07 -13.31 -17.24
CA TRP A 407 25.03 -14.06 -15.99
C TRP A 407 25.27 -13.17 -14.76
N ILE A 408 25.86 -12.00 -14.94
CA ILE A 408 26.08 -11.09 -13.82
C ILE A 408 24.80 -10.34 -13.48
N VAL A 409 24.06 -9.88 -14.50
CA VAL A 409 22.76 -9.26 -14.28
C VAL A 409 21.83 -10.30 -13.67
N PRO A 410 21.24 -10.02 -12.51
CA PRO A 410 20.43 -11.04 -11.83
C PRO A 410 19.19 -11.38 -12.63
N PRO A 411 18.53 -12.51 -12.33
CA PRO A 411 17.38 -12.92 -13.15
C PRO A 411 16.08 -12.20 -12.83
N ILE A 412 16.02 -11.40 -11.77
CA ILE A 412 14.91 -10.49 -11.52
C ILE A 412 15.50 -9.10 -11.40
N SER A 413 14.64 -8.10 -11.64
CA SER A 413 14.98 -6.69 -11.42
C SER A 413 16.32 -6.27 -12.05
N GLY A 414 16.65 -6.86 -13.19
CA GLY A 414 17.87 -6.55 -13.92
C GLY A 414 18.30 -5.09 -13.91
N SER A 415 17.53 -4.21 -14.55
CA SER A 415 17.98 -2.82 -14.64
C SER A 415 17.86 -2.07 -13.34
N LEU A 416 17.37 -2.71 -12.26
CA LEU A 416 17.40 -2.08 -10.94
C LEU A 416 18.76 -2.21 -10.26
N THR A 417 19.59 -3.15 -10.71
CA THR A 417 20.94 -3.33 -10.21
C THR A 417 21.91 -2.61 -11.12
N PRO A 418 23.03 -2.11 -10.57
CA PRO A 418 23.93 -1.30 -11.40
C PRO A 418 24.66 -2.08 -12.49
N VAL A 419 24.91 -3.38 -12.31
CA VAL A 419 25.62 -4.16 -13.33
C VAL A 419 24.87 -4.11 -14.66
N PHE A 420 23.54 -4.00 -14.62
CA PHE A 420 22.76 -3.89 -15.84
C PHE A 420 23.26 -2.76 -16.73
N HIS A 421 23.50 -1.60 -16.14
CA HIS A 421 23.93 -0.40 -16.84
C HIS A 421 25.43 -0.34 -17.07
N GLN A 422 26.13 -1.40 -16.71
CA GLN A 422 27.57 -1.49 -16.87
C GLN A 422 27.88 -2.37 -18.07
N GLU A 423 28.59 -1.83 -19.05
CA GLU A 423 29.09 -2.66 -20.13
C GLU A 423 30.20 -3.57 -19.60
N MET A 424 30.32 -4.75 -20.19
CA MET A 424 31.24 -5.77 -19.72
C MET A 424 31.90 -6.48 -20.89
N VAL A 425 33.15 -6.90 -20.69
CA VAL A 425 33.89 -7.65 -21.69
C VAL A 425 34.08 -9.07 -21.19
N ASN A 426 33.77 -10.03 -22.06
CA ASN A 426 33.84 -11.44 -21.72
C ASN A 426 35.00 -12.06 -22.48
N TYR A 427 35.90 -12.71 -21.75
CA TYR A 427 37.02 -13.43 -22.33
C TYR A 427 37.46 -14.49 -21.34
N PHE A 428 38.35 -15.37 -21.80
CA PHE A 428 38.87 -16.47 -20.99
C PHE A 428 40.27 -16.14 -20.53
N LEU A 429 40.48 -16.08 -19.21
CA LEU A 429 41.82 -16.02 -18.63
C LEU A 429 42.13 -17.31 -17.89
N SER A 430 43.43 -17.60 -17.76
CA SER A 430 43.88 -18.73 -16.97
C SER A 430 44.56 -18.23 -15.70
N PRO A 431 44.43 -18.95 -14.57
CA PRO A 431 43.65 -20.18 -14.40
C PRO A 431 42.14 -19.97 -14.35
N ALA A 432 41.39 -21.05 -14.50
CA ALA A 432 39.96 -20.91 -14.72
C ALA A 432 39.23 -22.16 -14.23
N PHE A 433 37.94 -21.98 -14.00
CA PHE A 433 37.00 -23.11 -13.93
C PHE A 433 36.41 -23.32 -15.31
N ARG A 434 36.42 -24.57 -15.76
CA ARG A 434 35.88 -24.94 -17.06
C ARG A 434 34.76 -25.95 -16.90
N TYR A 435 33.83 -25.95 -17.86
CA TYR A 435 32.90 -27.05 -17.95
C TYR A 435 33.62 -28.30 -18.44
N GLN A 436 32.96 -29.45 -18.28
CA GLN A 436 33.60 -30.70 -18.65
C GLN A 436 32.51 -31.72 -18.91
N PRO A 437 32.77 -32.74 -19.74
CA PRO A 437 31.73 -33.71 -20.05
C PRO A 437 31.24 -34.43 -18.81
N ASP A 438 29.98 -34.85 -18.85
CA ASP A 438 29.47 -35.73 -17.80
C ASP A 438 30.28 -37.02 -17.80
N PRO A 439 30.70 -37.50 -16.62
CA PRO A 439 31.60 -38.67 -16.57
C PRO A 439 30.93 -39.98 -16.98
N TRP A 440 30.07 -39.93 -17.99
CA TRP A 440 29.44 -41.12 -18.53
C TRP A 440 28.89 -40.79 -19.91
N PHE B 28 27.49 -23.94 -38.15
CA PHE B 28 26.09 -23.62 -37.81
C PHE B 28 25.87 -23.62 -36.32
N PRO B 29 25.76 -22.44 -35.73
CA PRO B 29 25.57 -22.35 -34.26
C PRO B 29 24.32 -23.09 -33.80
N ARG B 30 24.52 -24.01 -32.86
CA ARG B 30 23.40 -24.71 -32.23
C ARG B 30 22.84 -23.88 -31.09
N VAL B 31 21.52 -23.84 -30.99
CA VAL B 31 20.80 -22.96 -30.08
C VAL B 31 19.82 -23.81 -29.29
N LYS B 32 19.95 -23.77 -27.97
CA LYS B 32 19.09 -24.53 -27.07
C LYS B 32 18.09 -23.59 -26.42
N ASN B 33 16.87 -24.07 -26.24
CA ASN B 33 15.94 -23.45 -25.31
C ASN B 33 15.98 -24.26 -24.02
N TRP B 34 16.31 -23.60 -22.93
CA TRP B 34 16.52 -24.31 -21.68
C TRP B 34 15.22 -24.58 -20.94
N GLU B 35 14.15 -23.87 -21.28
CA GLU B 35 12.87 -24.13 -20.61
C GLU B 35 12.24 -25.43 -21.07
N VAL B 36 12.56 -25.88 -22.28
CA VAL B 36 11.84 -26.98 -22.91
C VAL B 36 12.81 -28.07 -23.33
N GLY B 37 14.06 -27.69 -23.59
CA GLY B 37 15.00 -28.57 -24.23
C GLY B 37 15.07 -28.46 -25.74
N SER B 38 14.27 -27.58 -26.36
CA SER B 38 14.34 -27.40 -27.81
C SER B 38 15.76 -27.08 -28.25
N ILE B 39 16.12 -27.55 -29.45
CA ILE B 39 17.43 -27.28 -30.04
C ILE B 39 17.29 -27.08 -31.55
N THR B 40 17.75 -25.93 -32.03
CA THR B 40 17.83 -25.61 -33.45
C THR B 40 19.23 -25.11 -33.76
N TYR B 41 19.54 -25.03 -35.05
CA TYR B 41 20.81 -24.51 -35.52
C TYR B 41 20.54 -23.29 -36.37
N ASP B 42 21.21 -22.18 -36.07
CA ASP B 42 20.91 -20.90 -36.72
C ASP B 42 21.73 -20.83 -38.00
N THR B 43 21.19 -21.42 -39.07
CA THR B 43 21.85 -21.39 -40.36
C THR B 43 21.83 -20.00 -40.99
N LEU B 44 20.87 -19.16 -40.61
CA LEU B 44 20.76 -17.83 -41.22
C LEU B 44 21.93 -16.94 -40.83
N SER B 45 22.49 -17.14 -39.64
CA SER B 45 23.70 -16.42 -39.23
C SER B 45 24.80 -16.48 -40.27
N ALA B 46 24.83 -17.55 -41.09
CA ALA B 46 25.90 -17.70 -42.08
C ALA B 46 25.83 -16.63 -43.15
N GLN B 47 24.65 -16.04 -43.37
CA GLN B 47 24.55 -14.93 -44.31
C GLN B 47 24.89 -13.58 -43.68
N ALA B 48 25.31 -13.55 -42.41
CA ALA B 48 25.61 -12.27 -41.77
C ALA B 48 26.65 -11.52 -42.60
N GLN B 49 26.25 -10.41 -43.22
CA GLN B 49 27.15 -9.69 -44.10
C GLN B 49 28.12 -8.83 -43.29
N GLN B 50 27.64 -7.71 -42.77
CA GLN B 50 28.53 -6.82 -42.04
C GLN B 50 28.94 -7.45 -40.71
N ASP B 51 30.04 -6.95 -40.16
CA ASP B 51 30.66 -7.57 -39.01
C ASP B 51 30.32 -6.82 -37.74
N GLY B 52 30.15 -7.58 -36.65
CA GLY B 52 29.91 -7.03 -35.34
C GLY B 52 31.19 -6.92 -34.53
N PRO B 53 31.06 -6.64 -33.23
CA PRO B 53 32.22 -6.26 -32.42
C PRO B 53 32.94 -7.40 -31.72
N CYS B 54 32.38 -8.61 -31.73
CA CYS B 54 32.94 -9.72 -30.98
C CYS B 54 34.03 -10.44 -31.77
N THR B 55 35.05 -10.90 -31.04
CA THR B 55 36.07 -11.75 -31.61
C THR B 55 36.09 -13.06 -30.83
N PRO B 56 36.82 -14.08 -31.29
CA PRO B 56 37.05 -15.25 -30.42
C PRO B 56 37.85 -14.91 -29.18
N ARG B 57 38.57 -13.79 -29.16
CA ARG B 57 39.28 -13.37 -27.95
C ARG B 57 38.30 -12.90 -26.88
N ARG B 58 37.48 -11.92 -27.23
CA ARG B 58 36.59 -11.22 -26.30
C ARG B 58 35.21 -11.05 -26.92
N CYS B 59 34.19 -11.17 -26.07
CA CYS B 59 32.82 -10.87 -26.44
C CYS B 59 32.53 -9.43 -26.04
N LEU B 60 32.03 -8.65 -27.01
CA LEU B 60 31.55 -7.31 -26.72
C LEU B 60 30.03 -7.19 -26.91
N GLY B 61 29.32 -8.32 -26.94
CA GLY B 61 27.86 -8.34 -26.91
C GLY B 61 27.15 -7.24 -26.12
N SER B 62 27.51 -7.06 -24.86
CA SER B 62 26.87 -6.11 -23.96
C SER B 62 27.15 -4.66 -24.30
N LEU B 63 28.07 -4.37 -25.22
CA LEU B 63 28.29 -2.97 -25.60
C LEU B 63 27.04 -2.42 -26.29
N VAL B 64 26.63 -1.22 -25.87
CA VAL B 64 25.43 -0.62 -26.44
C VAL B 64 25.70 -0.16 -27.87
N PHE B 65 26.84 0.47 -28.12
CA PHE B 65 27.21 0.92 -29.45
C PHE B 65 28.44 0.16 -29.88
N PRO B 66 28.30 -0.93 -30.66
CA PRO B 66 29.39 -1.77 -31.18
C PRO B 66 30.22 -1.08 -32.26
N ALA B 79 33.21 4.03 -54.09
CA ALA B 79 32.95 2.64 -53.74
C ALA B 79 31.71 2.07 -54.45
N PRO B 80 31.72 2.06 -55.80
CA PRO B 80 30.52 1.62 -56.52
C PRO B 80 30.30 0.12 -56.47
N GLU B 81 31.36 -0.67 -56.42
CA GLU B 81 31.20 -2.12 -56.50
C GLU B 81 30.52 -2.67 -55.26
N GLN B 82 30.78 -2.06 -54.10
CA GLN B 82 30.18 -2.54 -52.86
C GLN B 82 28.72 -2.13 -52.77
N LEU B 83 28.41 -0.89 -53.18
CA LEU B 83 27.02 -0.51 -53.39
C LEU B 83 26.32 -1.51 -54.31
N LEU B 84 27.06 -2.07 -55.27
CA LEU B 84 26.48 -3.01 -56.21
C LEU B 84 26.15 -4.34 -55.56
N SER B 85 27.07 -4.87 -54.73
CA SER B 85 26.83 -6.19 -54.15
C SER B 85 25.75 -6.13 -53.09
N GLN B 86 25.72 -5.05 -52.30
CA GLN B 86 24.58 -4.81 -51.42
C GLN B 86 23.29 -4.74 -52.23
N ALA B 87 23.26 -3.89 -53.26
CA ALA B 87 22.05 -3.76 -54.06
C ALA B 87 21.71 -5.10 -54.72
N ARG B 88 22.72 -5.75 -55.30
CA ARG B 88 22.52 -7.06 -55.90
C ARG B 88 21.83 -7.99 -54.93
N ASP B 89 22.31 -8.03 -53.70
CA ASP B 89 21.78 -8.95 -52.69
C ASP B 89 20.36 -8.58 -52.30
N PHE B 90 20.12 -7.30 -52.01
CA PHE B 90 18.78 -6.89 -51.62
C PHE B 90 17.77 -7.19 -52.72
N ILE B 91 18.09 -6.83 -53.96
CA ILE B 91 17.22 -7.17 -55.09
C ILE B 91 16.99 -8.67 -55.13
N ASN B 92 18.05 -9.46 -54.94
CA ASN B 92 17.88 -10.91 -54.78
C ASN B 92 16.86 -11.20 -53.71
N GLN B 93 17.10 -10.67 -52.52
CA GLN B 93 16.13 -10.79 -51.43
C GLN B 93 14.72 -10.45 -51.89
N TYR B 94 14.55 -9.27 -52.50
CA TYR B 94 13.19 -8.81 -52.82
C TYR B 94 12.49 -9.78 -53.77
N TYR B 95 13.22 -10.29 -54.76
CA TYR B 95 12.65 -11.22 -55.74
C TYR B 95 12.42 -12.61 -55.15
N SER B 96 13.15 -12.97 -54.10
CA SER B 96 12.81 -14.19 -53.36
C SER B 96 11.44 -14.04 -52.72
N SER B 97 11.16 -12.86 -52.16
CA SER B 97 9.95 -12.68 -51.36
C SER B 97 8.69 -12.71 -52.22
N ILE B 98 8.76 -12.17 -53.43
CA ILE B 98 7.59 -12.12 -54.31
C ILE B 98 7.46 -13.43 -55.09
N LYS B 99 8.22 -14.45 -54.67
CA LYS B 99 8.16 -15.79 -55.26
C LYS B 99 8.55 -15.80 -56.73
N ARG B 100 9.32 -14.79 -57.16
CA ARG B 100 9.74 -14.65 -58.56
C ARG B 100 11.26 -14.61 -58.66
N SER B 101 11.93 -15.48 -57.89
CA SER B 101 13.38 -15.51 -57.88
C SER B 101 13.91 -16.03 -59.21
N GLY B 102 14.89 -15.31 -59.77
CA GLY B 102 15.46 -15.67 -61.05
C GLY B 102 14.56 -15.48 -62.25
N SER B 103 13.47 -14.73 -62.09
CA SER B 103 12.48 -14.59 -63.15
C SER B 103 12.82 -13.38 -64.02
N GLN B 104 11.89 -13.02 -64.90
CA GLN B 104 12.04 -11.92 -65.86
C GLN B 104 12.47 -10.64 -65.17
N ALA B 105 11.56 -10.06 -64.38
CA ALA B 105 11.82 -8.82 -63.67
C ALA B 105 13.13 -8.86 -62.89
N HIS B 106 13.57 -10.06 -62.47
CA HIS B 106 14.74 -10.15 -61.59
C HIS B 106 15.99 -9.72 -62.34
N GLU B 107 16.21 -10.29 -63.53
CA GLU B 107 17.41 -9.96 -64.30
C GLU B 107 17.45 -8.49 -64.68
N GLN B 108 16.33 -7.97 -65.19
CA GLN B 108 16.28 -6.58 -65.61
C GLN B 108 16.65 -5.65 -64.47
N ARG B 109 16.10 -5.91 -63.27
CA ARG B 109 16.35 -5.04 -62.13
C ARG B 109 17.82 -5.00 -61.76
N LEU B 110 18.49 -6.15 -61.80
CA LEU B 110 19.92 -6.18 -61.57
C LEU B 110 20.64 -5.31 -62.59
N GLN B 111 20.46 -5.61 -63.87
CA GLN B 111 21.12 -4.83 -64.91
C GLN B 111 20.72 -3.36 -64.84
N GLU B 112 19.43 -3.09 -64.59
CA GLU B 112 19.00 -1.71 -64.35
C GLU B 112 19.85 -1.06 -63.25
N VAL B 113 19.86 -1.67 -62.06
CA VAL B 113 20.54 -1.06 -60.92
C VAL B 113 22.01 -0.84 -61.24
N GLU B 114 22.64 -1.81 -61.90
CA GLU B 114 24.05 -1.67 -62.28
C GLU B 114 24.24 -0.53 -63.27
N ALA B 115 23.41 -0.48 -64.31
CA ALA B 115 23.49 0.62 -65.26
C ALA B 115 23.27 1.96 -64.58
N GLU B 116 22.31 2.00 -63.64
CA GLU B 116 22.06 3.24 -62.91
C GLU B 116 23.23 3.59 -62.00
N VAL B 117 23.75 2.60 -61.27
CA VAL B 117 24.92 2.87 -60.43
C VAL B 117 26.09 3.31 -61.30
N ALA B 118 26.30 2.64 -62.43
CA ALA B 118 27.32 3.07 -63.37
C ALA B 118 27.08 4.51 -63.83
N ALA B 119 25.82 4.87 -64.12
CA ALA B 119 25.52 6.17 -64.69
C ALA B 119 25.48 7.26 -63.63
N THR B 120 24.77 7.00 -62.52
CA THR B 120 24.49 8.01 -61.51
C THR B 120 25.32 7.84 -60.24
N GLY B 121 26.01 6.72 -60.07
CA GLY B 121 26.70 6.45 -58.81
C GLY B 121 25.81 5.93 -57.70
N THR B 122 24.54 5.63 -58.01
CA THR B 122 23.52 5.32 -57.02
C THR B 122 22.31 4.82 -57.78
N TYR B 123 21.25 4.45 -57.05
CA TYR B 123 20.04 3.97 -57.72
C TYR B 123 18.84 4.30 -56.85
N GLN B 124 17.64 4.10 -57.43
CA GLN B 124 16.38 4.45 -56.79
C GLN B 124 15.57 3.18 -56.54
N LEU B 125 15.07 3.02 -55.33
CA LEU B 125 14.22 1.90 -55.01
C LEU B 125 12.82 2.11 -55.59
N ARG B 126 12.28 1.08 -56.23
CA ARG B 126 10.86 1.06 -56.51
C ARG B 126 10.09 1.02 -55.20
N GLU B 127 8.83 1.45 -55.26
CA GLU B 127 8.03 1.63 -54.05
C GLU B 127 7.82 0.30 -53.32
N SER B 128 7.53 -0.77 -54.06
CA SER B 128 7.33 -2.07 -53.43
CA SER B 128 7.33 -2.07 -53.43
C SER B 128 8.63 -2.60 -52.84
N GLU B 129 9.74 -2.43 -53.54
CA GLU B 129 11.01 -2.76 -52.94
C GLU B 129 11.22 -1.96 -51.66
N LEU B 130 10.67 -0.74 -51.61
CA LEU B 130 10.89 0.09 -50.43
C LEU B 130 10.06 -0.41 -49.26
N VAL B 131 8.81 -0.81 -49.52
CA VAL B 131 7.97 -1.39 -48.47
C VAL B 131 8.60 -2.68 -47.96
N PHE B 132 9.17 -3.48 -48.85
CA PHE B 132 9.77 -4.74 -48.41
C PHE B 132 11.08 -4.53 -47.67
N GLY B 133 11.86 -3.50 -48.03
CA GLY B 133 13.10 -3.21 -47.34
C GLY B 133 12.93 -2.55 -45.98
N ALA B 134 11.81 -1.87 -45.76
CA ALA B 134 11.51 -1.34 -44.43
C ALA B 134 10.95 -2.41 -43.53
N LYS B 135 10.13 -3.31 -44.07
CA LYS B 135 9.66 -4.45 -43.26
C LYS B 135 10.83 -5.35 -42.89
N GLN B 136 11.69 -5.62 -43.87
CA GLN B 136 12.86 -6.46 -43.64
C GLN B 136 13.75 -5.87 -42.57
N ALA B 137 13.98 -4.55 -42.62
CA ALA B 137 14.88 -3.92 -41.66
C ALA B 137 14.33 -4.00 -40.25
N TRP B 138 13.01 -4.06 -40.12
CA TRP B 138 12.43 -4.32 -38.81
C TRP B 138 12.59 -5.79 -38.45
N ARG B 139 12.29 -6.68 -39.39
CA ARG B 139 12.56 -8.10 -39.21
C ARG B 139 13.98 -8.37 -38.74
N ASN B 140 14.97 -7.66 -39.27
CA ASN B 140 16.39 -7.94 -39.02
C ASN B 140 16.95 -7.27 -37.77
N ALA B 141 16.18 -6.40 -37.15
CA ALA B 141 16.59 -5.59 -35.99
C ALA B 141 16.82 -6.49 -34.78
N PRO B 142 18.08 -6.81 -34.43
CA PRO B 142 18.30 -7.83 -33.39
C PRO B 142 17.73 -7.46 -32.04
N ARG B 143 17.58 -6.18 -31.74
CA ARG B 143 17.24 -5.73 -30.40
C ARG B 143 15.76 -5.39 -30.26
N CYS B 144 14.92 -5.82 -31.20
CA CYS B 144 13.48 -5.53 -31.16
C CYS B 144 12.76 -6.81 -30.76
N VAL B 145 12.20 -6.82 -29.55
CA VAL B 145 11.34 -7.92 -29.12
C VAL B 145 9.99 -7.91 -29.80
N GLY B 146 9.62 -6.78 -30.43
CA GLY B 146 8.30 -6.61 -31.00
C GLY B 146 8.20 -7.07 -32.45
N ARG B 147 9.16 -7.90 -32.87
CA ARG B 147 9.27 -8.26 -34.27
C ARG B 147 8.25 -9.31 -34.73
N ILE B 148 7.36 -9.80 -33.85
CA ILE B 148 6.25 -10.62 -34.34
C ILE B 148 5.41 -9.80 -35.33
N GLN B 149 5.39 -8.48 -35.16
CA GLN B 149 4.63 -7.52 -35.94
C GLN B 149 5.34 -7.05 -37.21
N TRP B 150 6.45 -7.69 -37.61
CA TRP B 150 7.33 -7.06 -38.58
C TRP B 150 6.67 -6.88 -39.95
N GLY B 151 5.69 -7.73 -40.29
CA GLY B 151 5.00 -7.61 -41.55
C GLY B 151 3.88 -6.60 -41.56
N LYS B 152 3.32 -6.29 -40.40
CA LYS B 152 2.27 -5.28 -40.27
C LYS B 152 2.95 -3.93 -40.03
N LEU B 153 3.37 -3.30 -41.13
CA LEU B 153 4.14 -2.06 -41.07
C LEU B 153 3.66 -1.13 -42.17
N GLN B 154 3.20 0.04 -41.77
CA GLN B 154 2.70 1.03 -42.72
C GLN B 154 3.88 1.89 -43.17
N VAL B 155 4.21 1.84 -44.46
CA VAL B 155 5.35 2.54 -45.02
C VAL B 155 4.85 3.77 -45.74
N PHE B 156 5.20 4.95 -45.23
CA PHE B 156 4.91 6.21 -45.91
C PHE B 156 6.13 6.63 -46.70
N ASP B 157 5.97 6.64 -48.01
CA ASP B 157 7.02 7.08 -48.93
C ASP B 157 7.08 8.61 -48.94
N ALA B 158 8.03 9.18 -48.18
CA ALA B 158 8.29 10.62 -48.22
C ALA B 158 9.58 10.95 -48.98
N ARG B 159 10.02 10.06 -49.85
CA ARG B 159 11.25 10.30 -50.60
C ARG B 159 11.14 11.48 -51.54
N ASP B 160 9.95 12.03 -51.73
CA ASP B 160 9.85 13.24 -52.54
C ASP B 160 9.90 14.50 -51.68
N CYS B 161 10.11 14.36 -50.37
CA CYS B 161 10.22 15.52 -49.50
C CYS B 161 11.27 16.49 -50.03
N ARG B 162 11.06 17.77 -49.72
CA ARG B 162 11.77 18.85 -50.40
C ARG B 162 12.39 19.80 -49.39
N SER B 163 11.72 20.01 -48.27
CA SER B 163 12.20 20.94 -47.28
C SER B 163 12.00 20.39 -45.88
N ALA B 164 12.60 21.10 -44.92
CA ALA B 164 12.27 20.90 -43.52
C ALA B 164 10.78 21.05 -43.27
N GLN B 165 10.14 22.03 -43.91
CA GLN B 165 8.71 22.28 -43.68
C GLN B 165 7.85 21.09 -44.13
N GLU B 166 8.11 20.58 -45.33
CA GLU B 166 7.39 19.41 -45.82
C GLU B 166 7.67 18.21 -44.96
N MET B 167 8.94 18.09 -44.55
CA MET B 167 9.34 17.06 -43.59
C MET B 167 8.45 17.10 -42.36
N PHE B 168 8.23 18.30 -41.82
CA PHE B 168 7.39 18.43 -40.64
C PHE B 168 5.97 17.92 -40.89
N THR B 169 5.42 18.22 -42.07
CA THR B 169 4.06 17.81 -42.38
C THR B 169 3.94 16.30 -42.47
N TYR B 170 4.87 15.69 -43.21
CA TYR B 170 4.95 14.24 -43.28
C TYR B 170 5.01 13.62 -41.89
N ILE B 171 5.66 14.30 -40.94
CA ILE B 171 5.94 13.70 -39.65
C ILE B 171 4.70 13.77 -38.78
N CYS B 172 4.02 14.91 -38.81
CA CYS B 172 2.72 15.06 -38.20
C CYS B 172 1.74 14.00 -38.71
N ASN B 173 1.76 13.74 -40.02
CA ASN B 173 0.84 12.73 -40.50
CA ASN B 173 0.87 12.72 -40.56
C ASN B 173 1.28 11.33 -40.09
N HIS B 174 2.59 11.08 -39.99
CA HIS B 174 3.06 9.84 -39.39
C HIS B 174 2.51 9.70 -37.96
N ILE B 175 2.85 10.66 -37.08
CA ILE B 175 2.36 10.66 -35.70
C ILE B 175 0.85 10.47 -35.66
N LYS B 176 0.13 11.20 -36.51
CA LYS B 176 -1.33 11.12 -36.51
C LYS B 176 -1.78 9.72 -36.91
N TYR B 177 -1.24 9.19 -38.01
CA TYR B 177 -1.60 7.84 -38.43
C TYR B 177 -1.29 6.81 -37.36
N ALA B 178 -0.09 6.91 -36.77
CA ALA B 178 0.33 5.87 -35.85
C ALA B 178 -0.45 5.92 -34.55
N THR B 179 -0.61 7.12 -34.01
CA THR B 179 -1.26 7.27 -32.73
C THR B 179 -2.69 6.76 -32.81
N ASN B 180 -3.41 7.17 -33.87
CA ASN B 180 -4.71 6.61 -34.20
C ASN B 180 -5.63 6.61 -32.97
N ARG B 181 -5.50 7.67 -32.17
CA ARG B 181 -6.32 7.93 -30.99
C ARG B 181 -6.08 6.91 -29.88
N GLY B 182 -4.97 6.20 -29.94
CA GLY B 182 -4.59 5.23 -28.94
C GLY B 182 -4.59 3.82 -29.47
N ASN B 183 -5.23 3.56 -30.61
CA ASN B 183 -5.13 2.25 -31.23
C ASN B 183 -3.93 2.29 -32.17
N LEU B 184 -2.75 2.08 -31.60
CA LEU B 184 -1.51 2.41 -32.28
C LEU B 184 -1.25 1.50 -33.47
N ARG B 185 -0.69 2.08 -34.51
CA ARG B 185 -0.33 1.36 -35.73
C ARG B 185 1.16 1.55 -35.99
N SER B 186 1.83 0.45 -36.36
CA SER B 186 3.25 0.51 -36.70
C SER B 186 3.46 1.18 -38.06
N ALA B 187 4.36 2.15 -38.10
CA ALA B 187 4.53 2.95 -39.30
C ALA B 187 5.96 3.41 -39.40
N ILE B 188 6.35 3.79 -40.62
CA ILE B 188 7.65 4.40 -40.84
C ILE B 188 7.53 5.34 -42.04
N THR B 189 8.18 6.48 -41.96
CA THR B 189 8.25 7.42 -43.07
C THR B 189 9.68 7.46 -43.58
N VAL B 190 9.86 7.15 -44.85
CA VAL B 190 11.19 7.10 -45.44
C VAL B 190 11.41 8.43 -46.15
N PHE B 191 12.30 9.24 -45.61
CA PHE B 191 12.63 10.52 -46.23
C PHE B 191 13.72 10.31 -47.28
N PRO B 192 14.01 11.31 -48.11
CA PRO B 192 14.95 11.11 -49.22
C PRO B 192 16.27 10.51 -48.76
N GLN B 193 16.79 9.58 -49.56
CA GLN B 193 18.02 8.87 -49.28
C GLN B 193 19.24 9.77 -49.43
N ARG B 194 20.27 9.46 -48.65
CA ARG B 194 21.57 10.07 -48.84
C ARG B 194 21.98 9.88 -50.29
N CYS B 195 22.54 10.94 -50.87
CA CYS B 195 22.97 10.86 -52.25
C CYS B 195 24.05 11.91 -52.47
N PRO B 196 25.01 11.64 -53.35
CA PRO B 196 26.11 12.58 -53.55
C PRO B 196 25.62 13.94 -54.03
N GLY B 197 26.19 14.99 -53.46
CA GLY B 197 25.95 16.34 -53.89
C GLY B 197 25.04 17.15 -52.99
N ARG B 198 24.27 16.46 -52.15
CA ARG B 198 23.34 17.09 -51.23
C ARG B 198 23.55 16.50 -49.85
N GLY B 199 23.47 17.36 -48.83
CA GLY B 199 23.53 16.89 -47.47
C GLY B 199 22.37 15.96 -47.15
N ASP B 200 22.32 15.47 -45.92
CA ASP B 200 21.31 14.52 -45.50
C ASP B 200 20.07 15.25 -44.99
N PHE B 201 18.90 14.65 -45.17
CA PHE B 201 17.80 14.93 -44.26
C PHE B 201 18.11 14.31 -42.91
N ARG B 202 17.80 15.04 -41.83
CA ARG B 202 18.00 14.53 -40.49
C ARG B 202 16.90 15.02 -39.56
N ILE B 203 16.40 14.11 -38.74
CA ILE B 203 15.69 14.44 -37.53
C ILE B 203 16.71 14.43 -36.40
N TRP B 204 16.93 15.59 -35.77
CA TRP B 204 17.96 15.68 -34.75
C TRP B 204 17.52 14.98 -33.47
N ASN B 205 16.23 15.06 -33.18
CA ASN B 205 15.61 14.43 -32.03
C ASN B 205 15.75 12.91 -32.11
N SER B 206 16.09 12.30 -30.97
CA SER B 206 16.27 10.85 -31.00
C SER B 206 14.94 10.14 -31.18
N GLN B 207 13.87 10.74 -30.68
CA GLN B 207 12.51 10.27 -30.91
C GLN B 207 11.62 11.45 -31.22
N LEU B 208 10.55 11.18 -31.98
CA LEU B 208 9.57 12.23 -32.32
C LEU B 208 8.94 12.84 -31.06
N VAL B 209 8.75 12.04 -30.01
CA VAL B 209 8.21 12.55 -28.76
C VAL B 209 9.25 12.36 -27.68
N ARG B 210 9.72 13.47 -27.12
CA ARG B 210 10.72 13.42 -26.07
C ARG B 210 10.37 14.47 -25.04
N TYR B 211 10.80 14.24 -23.81
CA TYR B 211 10.55 15.20 -22.76
C TYR B 211 11.80 16.02 -22.49
N ALA B 212 11.61 17.34 -22.45
CA ALA B 212 12.68 18.25 -22.11
C ALA B 212 13.43 17.78 -20.87
N GLY B 213 14.73 18.05 -20.87
CA GLY B 213 15.56 17.84 -19.71
C GLY B 213 16.33 19.11 -19.44
N TYR B 214 15.85 19.89 -18.47
CA TYR B 214 16.47 21.15 -18.14
C TYR B 214 17.50 20.94 -17.04
N ARG B 215 18.76 21.27 -17.32
CA ARG B 215 19.75 21.31 -16.25
C ARG B 215 19.37 22.37 -15.24
N GLN B 216 19.41 22.01 -13.98
CA GLN B 216 18.82 22.83 -12.94
C GLN B 216 19.80 23.89 -12.44
N GLN B 217 19.26 24.77 -11.58
CA GLN B 217 20.08 25.67 -10.78
C GLN B 217 21.14 24.89 -10.02
N ASP B 218 20.71 23.99 -9.12
CA ASP B 218 21.61 23.19 -8.28
C ASP B 218 22.16 21.95 -8.99
N GLY B 219 22.57 22.08 -10.25
CA GLY B 219 23.29 21.02 -10.95
C GLY B 219 22.47 19.82 -11.37
N SER B 220 21.22 19.67 -10.94
CA SER B 220 20.43 18.49 -11.27
C SER B 220 19.69 18.70 -12.59
N VAL B 221 18.76 17.79 -12.90
CA VAL B 221 17.97 17.85 -14.12
C VAL B 221 16.49 17.85 -13.76
N ARG B 222 15.71 18.69 -14.43
CA ARG B 222 14.26 18.66 -14.36
C ARG B 222 13.75 18.08 -15.66
N GLY B 223 12.92 17.04 -15.57
CA GLY B 223 12.48 16.37 -16.78
C GLY B 223 13.31 15.14 -17.04
N ASP B 224 13.61 14.85 -18.30
CA ASP B 224 14.30 13.63 -18.66
C ASP B 224 15.78 13.92 -18.82
N PRO B 225 16.65 13.41 -17.94
CA PRO B 225 18.09 13.66 -18.11
C PRO B 225 18.64 13.10 -19.41
N ALA B 226 18.02 12.10 -20.01
CA ALA B 226 18.51 11.59 -21.29
C ALA B 226 18.39 12.63 -22.41
N ASN B 227 17.68 13.75 -22.18
CA ASN B 227 17.35 14.69 -23.23
C ASN B 227 17.91 16.08 -22.94
N VAL B 228 18.95 16.13 -22.11
CA VAL B 228 19.59 17.42 -21.82
C VAL B 228 20.23 18.01 -23.07
N GLU B 229 20.92 17.19 -23.88
CA GLU B 229 21.61 17.69 -25.06
C GLU B 229 20.62 18.26 -26.06
N ILE B 230 19.62 17.47 -26.41
CA ILE B 230 18.67 17.87 -27.44
C ILE B 230 17.84 19.05 -26.97
N THR B 231 17.52 19.09 -25.68
CA THR B 231 16.86 20.25 -25.10
C THR B 231 17.69 21.50 -25.32
N GLU B 232 18.97 21.44 -24.97
CA GLU B 232 19.87 22.58 -25.13
C GLU B 232 19.93 23.03 -26.58
N LEU B 233 20.06 22.07 -27.51
CA LEU B 233 20.05 22.41 -28.93
C LEU B 233 18.77 23.12 -29.31
N CYS B 234 17.62 22.62 -28.87
CA CYS B 234 16.37 23.31 -29.14
C CYS B 234 16.41 24.74 -28.64
N ILE B 235 16.83 24.93 -27.38
CA ILE B 235 16.88 26.26 -26.80
C ILE B 235 17.80 27.15 -27.62
N GLN B 236 19.00 26.64 -27.90
CA GLN B 236 19.95 27.35 -28.74
C GLN B 236 19.32 27.74 -30.08
N HIS B 237 18.45 26.88 -30.62
CA HIS B 237 17.82 27.17 -31.90
C HIS B 237 16.51 27.91 -31.68
N GLY B 238 16.46 28.70 -30.61
CA GLY B 238 15.34 29.61 -30.38
C GLY B 238 14.08 28.99 -29.83
N TRP B 239 14.14 27.78 -29.27
CA TRP B 239 12.99 27.24 -28.57
C TRP B 239 12.83 27.94 -27.23
N THR B 240 11.62 28.37 -26.91
CA THR B 240 11.37 28.94 -25.59
C THR B 240 11.15 27.79 -24.61
N PRO B 241 12.11 27.52 -23.72
CA PRO B 241 11.97 26.35 -22.84
C PRO B 241 10.81 26.53 -21.87
N GLY B 242 10.27 25.41 -21.43
CA GLY B 242 9.38 25.39 -20.30
C GLY B 242 10.16 25.09 -19.04
N ASN B 243 9.42 24.72 -17.99
CA ASN B 243 10.10 24.35 -16.76
C ASN B 243 9.37 23.21 -16.05
N GLY B 244 8.62 22.40 -16.81
CA GLY B 244 7.98 21.22 -16.28
C GLY B 244 8.87 19.98 -16.39
N ARG B 245 8.35 18.88 -15.88
CA ARG B 245 9.04 17.60 -15.97
C ARG B 245 8.69 16.82 -17.22
N PHE B 246 7.57 17.14 -17.85
CA PHE B 246 7.09 16.42 -19.02
C PHE B 246 6.75 17.38 -20.14
N ASP B 247 7.63 18.36 -20.36
CA ASP B 247 7.50 19.26 -21.51
C ASP B 247 7.94 18.52 -22.77
N VAL B 248 7.01 18.33 -23.70
CA VAL B 248 7.30 17.67 -24.96
C VAL B 248 8.24 18.54 -25.80
N LEU B 249 9.27 17.92 -26.37
CA LEU B 249 10.25 18.74 -27.06
C LEU B 249 9.77 19.15 -28.46
N PRO B 250 10.25 20.28 -28.96
CA PRO B 250 10.03 20.60 -30.37
C PRO B 250 10.91 19.71 -31.24
N LEU B 251 10.56 19.64 -32.52
CA LEU B 251 11.38 18.94 -33.48
C LEU B 251 12.45 19.87 -34.06
N LEU B 252 13.67 19.36 -34.14
CA LEU B 252 14.75 19.97 -34.90
C LEU B 252 14.93 19.16 -36.17
N LEU B 253 14.62 19.78 -37.30
CA LEU B 253 14.52 19.12 -38.59
C LEU B 253 15.51 19.77 -39.54
N GLN B 254 16.39 18.96 -40.08
CA GLN B 254 17.45 19.40 -40.97
C GLN B 254 17.08 18.92 -42.37
N ALA B 255 16.81 19.89 -43.25
CA ALA B 255 16.81 19.72 -44.70
C ALA B 255 18.25 19.76 -45.20
N PRO B 256 18.56 19.05 -46.29
CA PRO B 256 19.94 18.99 -46.76
C PRO B 256 20.56 20.37 -46.87
N ASP B 257 21.83 20.46 -46.46
CA ASP B 257 22.63 21.66 -46.61
C ASP B 257 21.96 22.88 -46.00
N GLU B 258 21.18 22.63 -44.95
CA GLU B 258 20.43 23.61 -44.19
C GLU B 258 20.78 23.46 -42.72
N PRO B 259 20.85 24.54 -41.97
CA PRO B 259 20.78 24.42 -40.52
C PRO B 259 19.51 23.68 -40.14
N PRO B 260 19.46 23.04 -38.98
CA PRO B 260 18.19 22.47 -38.52
C PRO B 260 17.19 23.57 -38.27
N GLU B 261 15.92 23.22 -38.44
CA GLU B 261 14.82 24.13 -38.21
C GLU B 261 13.93 23.57 -37.12
N LEU B 262 13.41 24.46 -36.29
CA LEU B 262 12.63 24.11 -35.10
C LEU B 262 11.14 24.10 -35.43
N PHE B 263 10.45 23.01 -35.09
CA PHE B 263 9.02 22.87 -35.36
C PHE B 263 8.32 22.37 -34.10
N LEU B 264 7.40 23.18 -33.58
CA LEU B 264 6.59 22.75 -32.45
C LEU B 264 5.55 21.75 -32.90
N LEU B 265 5.40 20.66 -32.14
CA LEU B 265 4.34 19.69 -32.39
C LEU B 265 3.04 20.20 -31.79
N PRO B 266 1.93 20.17 -32.53
CA PRO B 266 0.65 20.56 -31.94
C PRO B 266 0.36 19.69 -30.72
N PRO B 267 0.01 20.32 -29.60
CA PRO B 267 -0.26 19.54 -28.39
C PRO B 267 -1.24 18.41 -28.62
N GLU B 268 -2.25 18.62 -29.47
CA GLU B 268 -3.26 17.59 -29.70
C GLU B 268 -2.77 16.51 -30.63
N LEU B 269 -1.60 16.67 -31.23
CA LEU B 269 -1.05 15.56 -31.98
C LEU B 269 -0.35 14.56 -31.06
N VAL B 270 0.15 15.02 -29.91
CA VAL B 270 0.97 14.21 -28.99
C VAL B 270 0.07 13.65 -27.89
N LEU B 271 -0.51 12.50 -28.17
CA LEU B 271 -1.30 11.79 -27.19
C LEU B 271 -0.43 11.30 -26.05
N GLU B 272 -0.70 11.79 -24.84
CA GLU B 272 0.00 11.34 -23.63
C GLU B 272 -0.94 10.54 -22.75
N VAL B 273 -0.37 9.92 -21.73
CA VAL B 273 -1.13 9.07 -20.80
C VAL B 273 -0.76 9.44 -19.38
N PRO B 274 -1.65 10.07 -18.61
CA PRO B 274 -1.34 10.34 -17.21
C PRO B 274 -1.23 9.02 -16.46
N LEU B 275 -0.27 8.94 -15.54
CA LEU B 275 0.03 7.68 -14.87
C LEU B 275 -0.66 7.63 -13.52
N GLU B 276 -1.42 6.56 -13.30
CA GLU B 276 -2.04 6.30 -12.01
C GLU B 276 -1.89 4.81 -11.70
N HIS B 277 -2.22 4.45 -10.48
CA HIS B 277 -2.11 3.06 -10.07
C HIS B 277 -3.49 2.51 -9.72
N PRO B 278 -3.82 1.30 -10.15
CA PRO B 278 -5.15 0.75 -9.87
C PRO B 278 -5.52 0.68 -8.40
N THR B 279 -4.55 0.53 -7.51
CA THR B 279 -4.83 0.57 -6.08
C THR B 279 -4.13 1.70 -5.34
N LEU B 280 -2.88 2.01 -5.67
CA LEU B 280 -2.18 3.12 -5.00
C LEU B 280 -2.73 4.45 -5.51
N GLU B 281 -3.68 5.03 -4.77
CA GLU B 281 -4.31 6.25 -5.26
C GLU B 281 -3.43 7.47 -5.09
N TRP B 282 -2.50 7.45 -4.13
CA TRP B 282 -1.54 8.54 -4.08
C TRP B 282 -0.68 8.60 -5.33
N PHE B 283 -0.67 7.54 -6.15
CA PHE B 283 0.25 7.49 -7.28
C PHE B 283 -0.07 8.57 -8.30
N ALA B 284 -1.35 8.89 -8.49
CA ALA B 284 -1.70 9.96 -9.42
C ALA B 284 -1.11 11.30 -8.99
N ALA B 285 -0.84 11.47 -7.70
CA ALA B 285 -0.32 12.75 -7.23
C ALA B 285 1.14 12.94 -7.54
N LEU B 286 1.76 11.98 -8.20
CA LEU B 286 3.14 12.14 -8.61
C LEU B 286 3.24 12.95 -9.89
N GLY B 287 2.13 13.12 -10.61
CA GLY B 287 2.12 13.92 -11.80
C GLY B 287 2.82 13.28 -12.97
N LEU B 288 3.09 11.99 -12.90
CA LEU B 288 3.83 11.35 -13.97
C LEU B 288 2.93 11.11 -15.17
N ARG B 289 3.54 11.22 -16.35
CA ARG B 289 2.91 11.00 -17.64
C ARG B 289 3.91 10.28 -18.52
N TRP B 290 3.41 9.52 -19.49
CA TRP B 290 4.26 9.17 -20.60
C TRP B 290 3.46 9.33 -21.89
N TYR B 291 4.17 9.39 -23.02
CA TYR B 291 3.49 9.57 -24.30
C TYR B 291 3.14 8.23 -24.91
N ALA B 292 2.18 8.25 -25.83
CA ALA B 292 1.68 7.01 -26.43
C ALA B 292 2.62 6.42 -27.47
N LEU B 293 3.33 7.27 -28.21
CA LEU B 293 3.96 6.84 -29.45
C LEU B 293 5.47 6.75 -29.30
N PRO B 294 6.04 5.55 -29.31
CA PRO B 294 7.50 5.43 -29.40
C PRO B 294 7.93 5.48 -30.85
N ALA B 295 8.45 6.63 -31.26
CA ALA B 295 8.86 6.84 -32.65
C ALA B 295 10.34 7.22 -32.65
N VAL B 296 11.17 6.25 -32.99
CA VAL B 296 12.61 6.48 -33.05
C VAL B 296 12.91 7.23 -34.34
N SER B 297 13.58 8.37 -34.21
CA SER B 297 13.80 9.29 -35.31
C SER B 297 15.27 9.56 -35.65
N ASN B 298 16.22 8.98 -34.92
CA ASN B 298 17.65 9.22 -35.16
C ASN B 298 18.38 8.02 -35.76
N MET B 299 17.68 6.98 -36.21
CA MET B 299 18.36 5.84 -36.79
C MET B 299 18.40 5.93 -38.32
N LEU B 300 19.44 5.34 -38.90
CA LEU B 300 19.57 5.29 -40.36
C LEU B 300 19.02 3.96 -40.88
N LEU B 301 18.21 4.05 -41.94
CA LEU B 301 17.64 2.86 -42.56
C LEU B 301 18.44 2.54 -43.79
N GLU B 302 18.92 1.29 -43.85
CA GLU B 302 19.75 0.85 -44.95
C GLU B 302 18.97 -0.18 -45.74
N ILE B 303 18.86 0.04 -47.05
CA ILE B 303 18.26 -0.93 -47.97
C ILE B 303 19.14 -1.01 -49.21
N GLY B 304 19.57 -2.23 -49.54
CA GLY B 304 20.42 -2.49 -50.69
C GLY B 304 21.56 -1.53 -50.92
N GLY B 305 22.27 -1.17 -49.86
CA GLY B 305 23.36 -0.23 -49.95
C GLY B 305 22.95 1.22 -49.95
N LEU B 306 21.66 1.52 -50.09
CA LEU B 306 21.18 2.88 -50.01
C LEU B 306 20.93 3.25 -48.56
N GLU B 307 21.09 4.52 -48.25
CA GLU B 307 21.09 4.99 -46.88
C GLU B 307 20.06 6.08 -46.70
N PHE B 308 19.10 5.85 -45.80
CA PHE B 308 18.08 6.85 -45.51
C PHE B 308 18.34 7.40 -44.11
N PRO B 309 19.10 8.50 -43.98
CA PRO B 309 19.44 9.01 -42.65
C PRO B 309 18.25 9.50 -41.85
N ALA B 310 17.12 9.77 -42.50
CA ALA B 310 15.89 10.15 -41.82
C ALA B 310 14.79 9.20 -42.25
N ALA B 311 14.41 8.29 -41.36
CA ALA B 311 13.28 7.40 -41.58
C ALA B 311 12.69 7.03 -40.23
N PRO B 312 11.99 7.96 -39.58
CA PRO B 312 11.41 7.67 -38.26
C PRO B 312 10.44 6.50 -38.32
N PHE B 313 10.55 5.61 -37.34
CA PHE B 313 9.65 4.47 -37.22
C PHE B 313 8.99 4.41 -35.85
N SER B 314 7.78 3.86 -35.81
CA SER B 314 7.04 3.83 -34.56
C SER B 314 6.25 2.53 -34.48
N GLY B 315 6.10 2.03 -33.24
CA GLY B 315 5.28 0.89 -32.94
C GLY B 315 4.40 1.25 -31.77
N TRP B 316 4.34 0.41 -30.74
CA TRP B 316 3.74 0.80 -29.47
C TRP B 316 4.68 0.35 -28.36
N TYR B 317 4.45 0.85 -27.15
CA TYR B 317 5.42 0.58 -26.09
C TYR B 317 5.26 -0.82 -25.52
N MET B 318 6.37 -1.37 -25.04
CA MET B 318 6.32 -2.42 -24.05
C MET B 318 6.49 -1.78 -22.69
N SER B 319 5.58 -2.11 -21.75
CA SER B 319 5.45 -1.34 -20.51
C SER B 319 6.76 -1.21 -19.73
N THR B 320 7.67 -2.18 -19.88
CA THR B 320 8.92 -2.09 -19.11
C THR B 320 9.76 -0.90 -19.55
N GLU B 321 9.76 -0.58 -20.85
CA GLU B 321 10.53 0.57 -21.29
C GLU B 321 10.15 1.80 -20.49
N ILE B 322 8.84 2.01 -20.35
CA ILE B 322 8.36 3.14 -19.57
C ILE B 322 8.56 2.88 -18.09
N GLY B 323 8.09 1.71 -17.63
CA GLY B 323 7.88 1.55 -16.19
C GLY B 323 9.18 1.36 -15.45
N THR B 324 10.04 0.48 -15.97
CA THR B 324 11.36 0.22 -15.42
C THR B 324 12.39 1.22 -15.93
N ARG B 325 12.68 1.20 -17.22
CA ARG B 325 13.78 2.01 -17.73
C ARG B 325 13.50 3.50 -17.57
N ASN B 326 12.44 4.00 -18.23
CA ASN B 326 12.29 5.44 -18.34
C ASN B 326 12.04 6.09 -16.99
N LEU B 327 11.32 5.43 -16.11
CA LEU B 327 10.98 6.04 -14.84
C LEU B 327 11.92 5.64 -13.70
N CYS B 328 12.49 4.43 -13.74
CA CYS B 328 13.32 3.95 -12.64
C CYS B 328 14.83 3.93 -12.89
N ASP B 329 15.32 4.01 -14.13
CA ASP B 329 16.76 4.12 -14.30
C ASP B 329 17.31 5.24 -13.42
N PRO B 330 18.43 5.00 -12.70
CA PRO B 330 18.96 6.05 -11.82
C PRO B 330 19.32 7.33 -12.58
N HIS B 331 19.63 7.22 -13.86
CA HIS B 331 19.94 8.34 -14.71
C HIS B 331 18.73 8.82 -15.50
N ARG B 332 17.53 8.37 -15.17
CA ARG B 332 16.37 8.88 -15.87
C ARG B 332 15.45 9.58 -14.87
N TYR B 333 14.13 9.36 -14.94
CA TYR B 333 13.26 10.01 -13.97
C TYR B 333 13.52 9.52 -12.54
N ASN B 334 14.10 8.35 -12.36
CA ASN B 334 14.64 7.90 -11.08
C ASN B 334 13.60 8.05 -9.96
N ILE B 335 12.41 7.51 -10.19
CA ILE B 335 11.34 7.62 -9.19
C ILE B 335 11.34 6.51 -8.16
N LEU B 336 12.17 5.46 -8.33
CA LEU B 336 12.01 4.22 -7.57
C LEU B 336 11.99 4.47 -6.06
N GLU B 337 12.91 5.28 -5.56
CA GLU B 337 12.93 5.51 -4.13
C GLU B 337 11.70 6.27 -3.68
N ASP B 338 11.25 7.25 -4.46
CA ASP B 338 10.09 8.01 -4.02
C ASP B 338 8.84 7.15 -3.95
N VAL B 339 8.67 6.24 -4.92
CA VAL B 339 7.55 5.31 -4.89
C VAL B 339 7.68 4.37 -3.68
N ALA B 340 8.87 3.82 -3.45
CA ALA B 340 9.05 2.89 -2.33
C ALA B 340 8.78 3.58 -1.00
N VAL B 341 9.25 4.82 -0.85
CA VAL B 341 8.97 5.60 0.35
C VAL B 341 7.46 5.81 0.49
N CYS B 342 6.81 6.23 -0.59
CA CYS B 342 5.36 6.37 -0.56
C CYS B 342 4.69 5.02 -0.30
N MET B 343 5.28 3.92 -0.77
CA MET B 343 4.67 2.63 -0.56
C MET B 343 4.83 2.12 0.87
N ASP B 344 5.50 2.88 1.75
CA ASP B 344 5.83 2.51 3.13
C ASP B 344 6.85 1.37 3.19
N LEU B 345 7.42 0.98 2.06
CA LEU B 345 8.48 -0.03 2.07
C LEU B 345 9.66 0.44 2.92
N ASP B 346 10.40 -0.53 3.46
CA ASP B 346 11.61 -0.25 4.23
C ASP B 346 12.74 -0.09 3.24
N THR B 347 13.08 1.15 2.90
CA THR B 347 14.15 1.44 1.94
C THR B 347 15.52 1.48 2.57
N ARG B 348 15.66 1.07 3.83
CA ARG B 348 16.94 1.15 4.50
C ARG B 348 17.76 -0.14 4.35
N THR B 349 17.15 -1.24 3.92
CA THR B 349 17.85 -2.48 3.63
C THR B 349 17.47 -2.96 2.23
N THR B 350 18.45 -3.49 1.49
CA THR B 350 18.14 -4.00 0.17
C THR B 350 17.45 -5.36 0.23
N SER B 351 17.64 -6.11 1.32
CA SER B 351 17.07 -7.45 1.42
C SER B 351 15.55 -7.46 1.50
N SER B 352 14.91 -6.32 1.82
CA SER B 352 13.45 -6.21 1.76
C SER B 352 12.90 -6.15 0.34
N LEU B 353 13.78 -6.02 -0.67
CA LEU B 353 13.38 -5.98 -2.06
C LEU B 353 12.41 -4.84 -2.33
N TRP B 354 12.63 -3.70 -1.66
CA TRP B 354 11.78 -2.54 -1.89
C TRP B 354 11.94 -2.03 -3.31
N LYS B 355 13.14 -2.19 -3.89
CA LYS B 355 13.33 -1.80 -5.27
C LYS B 355 12.47 -2.66 -6.18
N ASP B 356 12.53 -3.97 -5.98
CA ASP B 356 11.74 -4.88 -6.80
C ASP B 356 10.25 -4.62 -6.63
N LYS B 357 9.79 -4.51 -5.37
CA LYS B 357 8.37 -4.26 -5.11
C LYS B 357 7.88 -2.95 -5.72
N ALA B 358 8.65 -1.87 -5.52
CA ALA B 358 8.23 -0.57 -6.03
C ALA B 358 8.28 -0.54 -7.54
N ALA B 359 9.30 -1.14 -8.15
CA ALA B 359 9.34 -1.20 -9.60
C ALA B 359 8.15 -1.97 -10.16
N VAL B 360 7.74 -3.05 -9.49
CA VAL B 360 6.67 -3.86 -10.07
C VAL B 360 5.35 -3.07 -10.09
N GLU B 361 5.12 -2.22 -9.10
CA GLU B 361 3.89 -1.46 -9.07
C GLU B 361 3.95 -0.29 -10.04
N ILE B 362 5.14 0.27 -10.28
CA ILE B 362 5.32 1.27 -11.34
C ILE B 362 4.97 0.66 -12.70
N ASN B 363 5.37 -0.58 -12.94
CA ASN B 363 5.02 -1.20 -14.20
C ASN B 363 3.53 -1.51 -14.26
N VAL B 364 2.95 -1.98 -13.15
CA VAL B 364 1.49 -2.14 -13.04
C VAL B 364 0.80 -0.85 -13.40
N ALA B 365 1.24 0.26 -12.80
CA ALA B 365 0.64 1.56 -13.06
C ALA B 365 0.72 1.91 -14.53
N VAL B 366 1.85 1.64 -15.18
CA VAL B 366 2.00 1.99 -16.58
C VAL B 366 0.99 1.19 -17.42
N LEU B 367 0.94 -0.12 -17.20
CA LEU B 367 0.02 -0.99 -17.92
C LEU B 367 -1.43 -0.56 -17.71
N HIS B 368 -1.80 -0.31 -16.46
CA HIS B 368 -3.15 0.09 -16.15
C HIS B 368 -3.46 1.47 -16.69
N SER B 369 -2.53 2.39 -16.55
CA SER B 369 -2.80 3.73 -17.05
C SER B 369 -3.03 3.71 -18.55
N TYR B 370 -2.25 2.88 -19.28
CA TYR B 370 -2.41 2.80 -20.72
C TYR B 370 -3.68 2.05 -21.13
N GLN B 371 -4.11 1.06 -20.34
CA GLN B 371 -5.36 0.39 -20.69
C GLN B 371 -6.54 1.31 -20.39
N LEU B 372 -6.49 1.98 -19.24
CA LEU B 372 -7.50 2.97 -18.89
C LEU B 372 -7.66 4.01 -19.98
N ALA B 373 -6.56 4.46 -20.57
CA ALA B 373 -6.59 5.49 -21.59
C ALA B 373 -6.79 4.92 -22.99
N LYS B 374 -6.97 3.60 -23.11
CA LYS B 374 -7.18 2.90 -24.39
C LYS B 374 -6.06 3.23 -25.37
N VAL B 375 -4.84 3.05 -24.89
CA VAL B 375 -3.64 3.21 -25.69
C VAL B 375 -2.94 1.86 -25.68
N THR B 376 -2.78 1.27 -26.87
CA THR B 376 -2.01 0.04 -27.05
C THR B 376 -0.78 0.00 -26.17
N ILE B 377 -0.61 -1.12 -25.47
CA ILE B 377 0.58 -1.38 -24.68
C ILE B 377 0.68 -2.89 -24.52
N VAL B 378 1.92 -3.40 -24.53
CA VAL B 378 2.16 -4.83 -24.36
C VAL B 378 3.06 -4.98 -23.14
N ASP B 379 2.69 -5.89 -22.25
CA ASP B 379 3.56 -6.13 -21.09
C ASP B 379 4.69 -7.08 -21.49
N HIS B 380 5.74 -7.12 -20.65
CA HIS B 380 6.92 -7.92 -20.98
C HIS B 380 6.61 -9.41 -21.04
N HIS B 381 5.55 -9.87 -20.38
CA HIS B 381 5.20 -11.29 -20.47
C HIS B 381 4.57 -11.60 -21.82
N ALA B 382 3.62 -10.77 -22.26
CA ALA B 382 3.02 -10.97 -23.57
C ALA B 382 4.04 -10.72 -24.67
N ALA B 383 4.83 -9.66 -24.55
CA ALA B 383 5.78 -9.32 -25.61
C ALA B 383 6.78 -10.46 -25.84
N THR B 384 7.39 -10.94 -24.75
CA THR B 384 8.39 -12.00 -24.87
C THR B 384 7.77 -13.29 -25.37
N ALA B 385 6.49 -13.53 -25.07
CA ALA B 385 5.88 -14.77 -25.51
C ALA B 385 5.54 -14.73 -26.99
N SER B 386 5.24 -13.55 -27.52
CA SER B 386 5.07 -13.45 -28.97
C SER B 386 6.43 -13.43 -29.67
N PHE B 387 7.47 -12.95 -28.99
CA PHE B 387 8.79 -13.03 -29.59
C PHE B 387 9.25 -14.47 -29.70
N MET B 388 8.84 -15.32 -28.77
CA MET B 388 9.13 -16.76 -28.90
C MET B 388 8.43 -17.33 -30.12
N LYS B 389 7.21 -16.89 -30.40
CA LYS B 389 6.57 -17.33 -31.64
C LYS B 389 7.32 -16.78 -32.85
N HIS B 390 7.79 -15.53 -32.78
CA HIS B 390 8.57 -14.95 -33.87
C HIS B 390 9.79 -15.80 -34.19
N LEU B 391 10.55 -16.20 -33.15
CA LEU B 391 11.74 -17.04 -33.34
C LEU B 391 11.39 -18.37 -33.99
N GLU B 392 10.23 -18.93 -33.64
CA GLU B 392 9.80 -20.16 -34.29
C GLU B 392 9.42 -19.91 -35.75
N ASN B 393 8.58 -18.90 -36.00
CA ASN B 393 8.23 -18.55 -37.37
C ASN B 393 9.51 -18.25 -38.15
N GLU B 394 10.44 -17.52 -37.54
CA GLU B 394 11.66 -17.17 -38.26
C GLU B 394 12.54 -18.38 -38.52
N GLN B 395 12.49 -19.39 -37.65
CA GLN B 395 13.27 -20.60 -37.85
C GLN B 395 12.75 -21.42 -39.02
N LYS B 396 11.42 -21.53 -39.14
CA LYS B 396 10.85 -22.23 -40.28
C LYS B 396 11.02 -21.44 -41.57
N ALA B 397 11.03 -20.10 -41.47
CA ALA B 397 11.12 -19.20 -42.61
C ALA B 397 12.55 -19.01 -43.11
N ARG B 398 13.49 -18.71 -42.22
CA ARG B 398 14.83 -18.33 -42.64
C ARG B 398 15.93 -19.14 -41.97
N GLY B 399 15.60 -20.14 -41.17
CA GLY B 399 16.61 -20.92 -40.48
C GLY B 399 17.33 -20.17 -39.37
N GLY B 400 16.58 -19.37 -38.60
CA GLY B 400 17.20 -18.56 -37.56
C GLY B 400 16.65 -17.16 -37.50
N CYS B 401 17.19 -16.34 -36.61
CA CYS B 401 16.71 -14.99 -36.36
C CYS B 401 17.72 -14.21 -35.53
N PRO B 402 18.20 -13.06 -36.01
CA PRO B 402 19.18 -12.28 -35.24
C PRO B 402 18.54 -11.70 -33.99
N ALA B 403 19.17 -11.97 -32.85
CA ALA B 403 18.55 -11.60 -31.57
C ALA B 403 19.63 -11.27 -30.55
N ASP B 404 19.47 -10.10 -29.91
CA ASP B 404 20.37 -9.58 -28.89
C ASP B 404 19.74 -9.88 -27.53
N TRP B 405 20.14 -11.01 -26.95
CA TRP B 405 19.55 -11.50 -25.70
C TRP B 405 19.43 -10.41 -24.65
N ALA B 406 20.51 -9.65 -24.44
CA ALA B 406 20.51 -8.62 -23.40
C ALA B 406 19.49 -7.51 -23.67
N TRP B 407 19.07 -7.35 -24.93
CA TRP B 407 18.04 -6.39 -25.26
C TRP B 407 16.67 -7.03 -25.37
N ILE B 408 16.62 -8.30 -25.76
CA ILE B 408 15.36 -9.03 -25.84
C ILE B 408 14.82 -9.34 -24.43
N VAL B 409 15.71 -9.72 -23.51
CA VAL B 409 15.28 -10.07 -22.15
C VAL B 409 14.86 -8.81 -21.41
N PRO B 410 13.65 -8.75 -20.85
CA PRO B 410 13.17 -7.52 -20.18
C PRO B 410 14.01 -7.15 -18.97
N PRO B 411 14.05 -5.86 -18.63
CA PRO B 411 14.90 -5.39 -17.53
C PRO B 411 14.32 -5.61 -16.14
N ILE B 412 13.11 -6.16 -16.03
CA ILE B 412 12.68 -6.76 -14.78
C ILE B 412 12.09 -8.11 -15.12
N SER B 413 12.17 -9.03 -14.15
CA SER B 413 11.56 -10.35 -14.28
C SER B 413 12.11 -11.13 -15.47
N GLY B 414 13.37 -10.89 -15.83
CA GLY B 414 14.02 -11.60 -16.91
C GLY B 414 13.72 -13.08 -17.02
N SER B 415 14.07 -13.90 -16.01
CA SER B 415 13.85 -15.34 -16.12
C SER B 415 12.40 -15.74 -15.95
N LEU B 416 11.52 -14.81 -15.58
CA LEU B 416 10.10 -15.09 -15.61
C LEU B 416 9.56 -15.12 -17.04
N THR B 417 10.30 -14.54 -17.97
CA THR B 417 9.84 -14.57 -19.35
C THR B 417 10.56 -15.69 -20.10
N PRO B 418 9.92 -16.22 -21.15
CA PRO B 418 10.53 -17.36 -21.85
C PRO B 418 11.80 -17.02 -22.62
N VAL B 419 12.04 -15.75 -22.98
CA VAL B 419 13.22 -15.43 -23.79
C VAL B 419 14.50 -15.55 -22.98
N PHE B 420 14.40 -15.51 -21.66
CA PHE B 420 15.56 -15.71 -20.80
C PHE B 420 16.19 -17.08 -21.05
N HIS B 421 15.35 -18.11 -21.16
CA HIS B 421 15.78 -19.50 -21.31
C HIS B 421 15.92 -19.88 -22.76
N GLN B 422 16.01 -18.88 -23.64
CA GLN B 422 16.30 -19.08 -25.05
C GLN B 422 17.67 -18.51 -25.34
N GLU B 423 18.59 -19.36 -25.78
CA GLU B 423 19.85 -18.90 -26.32
C GLU B 423 19.58 -18.22 -27.65
N MET B 424 20.41 -17.24 -27.99
CA MET B 424 20.19 -16.46 -29.20
C MET B 424 21.50 -16.19 -29.92
N VAL B 425 21.39 -16.02 -31.24
CA VAL B 425 22.52 -15.70 -32.11
C VAL B 425 22.32 -14.30 -32.64
N ASN B 426 23.18 -13.39 -32.24
CA ASN B 426 23.09 -11.99 -32.63
C ASN B 426 24.06 -11.75 -33.78
N TYR B 427 23.58 -11.08 -34.82
CA TYR B 427 24.37 -10.78 -36.00
C TYR B 427 23.63 -9.74 -36.82
N PHE B 428 24.30 -9.22 -37.84
CA PHE B 428 23.80 -8.09 -38.61
C PHE B 428 23.35 -8.58 -39.98
N LEU B 429 22.06 -8.46 -40.26
CA LEU B 429 21.48 -8.62 -41.58
C LEU B 429 21.11 -7.27 -42.15
N SER B 430 20.99 -7.23 -43.48
CA SER B 430 20.62 -6.07 -44.24
C SER B 430 19.45 -6.45 -45.14
N PRO B 431 18.45 -5.58 -45.30
CA PRO B 431 18.22 -4.23 -44.73
C PRO B 431 18.21 -4.15 -43.22
N ALA B 432 18.40 -2.93 -42.71
CA ALA B 432 18.73 -2.80 -41.32
C ALA B 432 18.52 -1.37 -40.86
N PHE B 433 18.23 -1.20 -39.59
CA PHE B 433 18.32 0.08 -38.93
C PHE B 433 19.65 0.10 -38.20
N ARG B 434 20.49 1.07 -38.51
CA ARG B 434 21.82 1.22 -37.94
C ARG B 434 21.83 2.47 -37.07
N TYR B 435 22.75 2.54 -36.14
CA TYR B 435 22.97 3.82 -35.47
C TYR B 435 23.75 4.75 -36.39
N GLN B 436 23.66 6.04 -36.13
CA GLN B 436 24.42 6.99 -36.91
C GLN B 436 24.91 8.09 -35.96
N PRO B 437 25.98 8.79 -36.32
CA PRO B 437 26.43 9.86 -35.43
C PRO B 437 25.38 10.97 -35.40
N ASP B 438 25.30 11.64 -34.25
CA ASP B 438 24.44 12.80 -34.11
C ASP B 438 24.92 13.90 -35.05
N PRO B 439 24.01 14.60 -35.74
CA PRO B 439 24.45 15.56 -36.76
C PRO B 439 25.09 16.82 -36.19
N TRP B 440 25.05 17.05 -34.88
CA TRP B 440 25.80 18.21 -34.34
C TRP B 440 27.23 17.85 -33.86
N LYS C 27 -40.93 13.85 36.11
CA LYS C 27 -40.02 13.33 35.10
C LYS C 27 -39.98 14.24 33.86
N PHE C 28 -39.53 15.47 34.06
CA PHE C 28 -39.20 16.38 32.97
C PHE C 28 -37.68 16.42 32.86
N PRO C 29 -37.05 15.64 31.96
CA PRO C 29 -35.59 15.51 31.95
C PRO C 29 -34.81 16.81 32.02
N ARG C 30 -33.93 16.90 33.01
CA ARG C 30 -33.04 18.05 33.18
C ARG C 30 -31.89 17.91 32.19
N VAL C 31 -31.61 18.98 31.46
CA VAL C 31 -30.60 18.93 30.40
C VAL C 31 -29.63 20.09 30.61
N LYS C 32 -28.36 19.78 30.74
CA LYS C 32 -27.34 20.76 31.06
C LYS C 32 -26.43 20.98 29.86
N ASN C 33 -26.03 22.24 29.67
CA ASN C 33 -24.89 22.57 28.82
C ASN C 33 -23.69 22.81 29.70
N TRP C 34 -22.64 22.02 29.50
CA TRP C 34 -21.50 22.00 30.41
C TRP C 34 -20.47 23.08 30.10
N GLU C 35 -20.49 23.65 28.90
CA GLU C 35 -19.62 24.78 28.60
C GLU C 35 -20.11 26.05 29.30
N VAL C 36 -21.42 26.20 29.45
CA VAL C 36 -22.01 27.42 29.97
C VAL C 36 -22.66 27.22 31.34
N GLY C 37 -23.14 26.02 31.64
CA GLY C 37 -23.85 25.77 32.87
C GLY C 37 -25.34 26.03 32.77
N SER C 38 -25.85 26.33 31.59
CA SER C 38 -27.27 26.53 31.42
C SER C 38 -28.01 25.23 31.70
N ILE C 39 -29.16 25.36 32.34
CA ILE C 39 -30.08 24.25 32.57
C ILE C 39 -31.40 24.61 31.89
N THR C 40 -31.89 23.71 31.06
CA THR C 40 -33.27 23.71 30.62
C THR C 40 -33.88 22.35 30.91
N TYR C 41 -35.20 22.29 30.87
CA TYR C 41 -35.94 21.06 31.04
C TYR C 41 -36.65 20.74 29.74
N ASP C 42 -36.52 19.51 29.27
CA ASP C 42 -37.24 19.11 28.06
C ASP C 42 -38.62 18.66 28.48
N THR C 43 -39.61 19.50 28.23
CA THR C 43 -40.99 19.11 28.48
C THR C 43 -41.63 18.50 27.25
N LEU C 44 -41.05 18.71 26.07
CA LEU C 44 -41.62 18.16 24.83
C LEU C 44 -41.49 16.64 24.76
N SER C 45 -40.47 16.05 25.40
CA SER C 45 -40.31 14.60 25.34
C SER C 45 -41.48 13.87 25.97
N ALA C 46 -42.23 14.53 26.85
CA ALA C 46 -43.45 13.93 27.39
C ALA C 46 -44.41 13.55 26.27
N GLN C 47 -44.46 14.33 25.20
CA GLN C 47 -45.30 14.10 24.05
C GLN C 47 -44.70 13.14 23.02
N ALA C 48 -43.64 12.41 23.38
CA ALA C 48 -43.05 11.46 22.44
C ALA C 48 -44.07 10.40 22.04
N GLN C 49 -44.24 10.22 20.75
CA GLN C 49 -45.25 9.31 20.22
C GLN C 49 -44.84 7.86 20.45
N GLN C 50 -44.12 7.27 19.48
CA GLN C 50 -43.79 5.85 19.54
C GLN C 50 -42.68 5.63 20.56
N ASP C 51 -42.06 4.45 20.53
CA ASP C 51 -41.07 4.04 21.52
C ASP C 51 -39.71 3.85 20.85
N GLY C 52 -38.68 4.42 21.46
CA GLY C 52 -37.32 4.21 21.04
C GLY C 52 -36.78 2.85 21.47
N PRO C 53 -35.47 2.67 21.37
CA PRO C 53 -34.91 1.34 21.59
C PRO C 53 -34.43 1.09 23.01
N CYS C 54 -34.35 2.13 23.82
CA CYS C 54 -33.75 2.08 25.13
C CYS C 54 -34.77 1.61 26.15
N THR C 55 -34.27 1.03 27.26
CA THR C 55 -35.04 0.71 28.46
C THR C 55 -34.22 1.13 29.67
N PRO C 56 -34.77 1.08 30.89
CA PRO C 56 -33.93 1.33 32.08
C PRO C 56 -32.80 0.33 32.22
N ARG C 57 -32.95 -0.87 31.67
CA ARG C 57 -31.90 -1.87 31.77
C ARG C 57 -30.68 -1.51 30.92
N ARG C 58 -30.88 -1.01 29.70
CA ARG C 58 -29.74 -0.71 28.85
C ARG C 58 -30.12 0.28 27.76
N CYS C 59 -29.21 1.21 27.50
CA CYS C 59 -29.36 2.26 26.50
C CYS C 59 -28.82 1.79 25.16
N LEU C 60 -29.65 1.89 24.11
CA LEU C 60 -29.26 1.50 22.76
C LEU C 60 -29.20 2.71 21.82
N GLY C 61 -28.94 3.89 22.37
CA GLY C 61 -28.93 5.10 21.57
C GLY C 61 -27.89 5.10 20.44
N SER C 62 -26.80 4.36 20.61
CA SER C 62 -25.78 4.33 19.55
C SER C 62 -26.14 3.41 18.39
N LEU C 63 -27.23 2.65 18.46
CA LEU C 63 -27.58 1.80 17.33
C LEU C 63 -28.08 2.68 16.18
N VAL C 64 -27.76 2.30 14.94
CA VAL C 64 -28.18 3.15 13.82
C VAL C 64 -29.63 2.85 13.45
N PHE C 65 -30.00 1.57 13.42
CA PHE C 65 -31.36 1.11 13.19
C PHE C 65 -31.87 0.46 14.47
N PRO C 66 -32.49 1.22 15.38
CA PRO C 66 -32.92 0.81 16.74
C PRO C 66 -33.51 -0.60 16.86
N ALA C 79 -56.37 -2.13 10.41
CA ALA C 79 -57.01 -1.35 11.45
C ALA C 79 -57.36 0.04 10.95
N PRO C 80 -58.64 0.25 10.63
CA PRO C 80 -59.06 1.62 10.32
C PRO C 80 -59.06 2.54 11.51
N GLU C 81 -59.49 2.06 12.69
CA GLU C 81 -59.52 2.92 13.87
C GLU C 81 -58.12 3.38 14.25
N GLN C 82 -57.12 2.54 14.02
CA GLN C 82 -55.73 2.92 14.31
C GLN C 82 -55.34 4.16 13.52
N LEU C 83 -55.60 4.14 12.21
CA LEU C 83 -55.26 5.27 11.35
C LEU C 83 -55.87 6.57 11.83
N LEU C 84 -57.04 6.49 12.48
CA LEU C 84 -57.79 7.70 12.83
C LEU C 84 -57.11 8.47 13.93
N SER C 85 -56.69 7.78 14.99
CA SER C 85 -56.10 8.44 16.15
C SER C 85 -54.81 9.16 15.75
N GLN C 86 -53.98 8.51 14.94
CA GLN C 86 -52.82 9.18 14.36
C GLN C 86 -53.26 10.38 13.54
N ALA C 87 -54.20 10.15 12.61
CA ALA C 87 -54.70 11.21 11.75
C ALA C 87 -55.32 12.33 12.55
N ARG C 88 -56.11 12.00 13.57
CA ARG C 88 -56.72 13.02 14.40
C ARG C 88 -55.65 13.92 15.02
N ASP C 89 -54.72 13.34 15.77
CA ASP C 89 -53.84 14.17 16.59
C ASP C 89 -52.96 15.09 15.74
N PHE C 90 -52.54 14.66 14.56
CA PHE C 90 -51.79 15.57 13.69
C PHE C 90 -52.63 16.77 13.27
N ILE C 91 -53.91 16.56 12.93
CA ILE C 91 -54.77 17.69 12.60
C ILE C 91 -54.81 18.68 13.76
N ASN C 92 -54.98 18.15 14.98
CA ASN C 92 -55.00 18.99 16.16
C ASN C 92 -53.70 19.76 16.29
N GLN C 93 -52.58 19.07 16.07
CA GLN C 93 -51.28 19.71 16.02
C GLN C 93 -51.26 20.83 15.00
N TYR C 94 -51.65 20.53 13.76
CA TYR C 94 -51.59 21.52 12.68
C TYR C 94 -52.43 22.74 13.00
N TYR C 95 -53.69 22.53 13.41
CA TYR C 95 -54.51 23.69 13.70
C TYR C 95 -54.02 24.42 14.94
N SER C 96 -53.43 23.71 15.90
CA SER C 96 -52.74 24.37 16.99
C SER C 96 -51.62 25.27 16.45
N SER C 97 -50.88 24.78 15.46
CA SER C 97 -49.76 25.52 14.91
C SER C 97 -50.21 26.73 14.07
N ILE C 98 -51.46 26.81 13.66
CA ILE C 98 -51.91 27.97 12.90
C ILE C 98 -52.83 28.86 13.74
N LYS C 99 -52.85 28.68 15.06
CA LYS C 99 -53.70 29.45 15.98
C LYS C 99 -55.19 29.17 15.76
N ARG C 100 -55.52 28.11 15.05
CA ARG C 100 -56.89 27.81 14.61
C ARG C 100 -57.37 26.46 15.14
N SER C 101 -57.03 26.14 16.38
CA SER C 101 -57.44 24.88 16.97
C SER C 101 -58.78 25.04 17.67
N GLY C 102 -59.56 23.96 17.66
CA GLY C 102 -60.90 24.00 18.23
C GLY C 102 -61.82 24.93 17.48
N SER C 103 -61.34 25.45 16.34
CA SER C 103 -62.09 26.38 15.51
C SER C 103 -63.05 25.61 14.60
N GLN C 104 -63.58 26.30 13.59
CA GLN C 104 -64.57 25.70 12.70
C GLN C 104 -63.91 24.79 11.67
N ALA C 105 -62.92 25.30 10.94
CA ALA C 105 -62.20 24.46 9.97
C ALA C 105 -61.57 23.26 10.65
N HIS C 106 -61.18 23.39 11.91
CA HIS C 106 -60.68 22.23 12.63
C HIS C 106 -61.71 21.12 12.63
N GLU C 107 -62.95 21.43 13.02
CA GLU C 107 -63.97 20.39 13.11
C GLU C 107 -64.36 19.85 11.75
N GLN C 108 -64.32 20.67 10.70
CA GLN C 108 -64.65 20.16 9.38
C GLN C 108 -63.63 19.12 8.95
N ARG C 109 -62.35 19.43 9.14
CA ARG C 109 -61.30 18.49 8.77
C ARG C 109 -61.40 17.18 9.54
N LEU C 110 -61.77 17.24 10.82
CA LEU C 110 -61.90 16.01 11.61
C LEU C 110 -62.92 15.07 10.99
N GLN C 111 -64.19 15.49 10.94
CA GLN C 111 -65.23 14.70 10.29
C GLN C 111 -64.82 14.31 8.87
N GLU C 112 -64.16 15.23 8.16
CA GLU C 112 -63.78 14.96 6.78
C GLU C 112 -62.76 13.83 6.69
N VAL C 113 -61.85 13.76 7.67
CA VAL C 113 -60.94 12.62 7.71
C VAL C 113 -61.71 11.35 8.04
N GLU C 114 -62.56 11.41 9.07
CA GLU C 114 -63.35 10.26 9.49
C GLU C 114 -64.05 9.62 8.30
N ALA C 115 -64.84 10.42 7.58
CA ALA C 115 -65.67 9.87 6.50
C ALA C 115 -64.80 9.33 5.39
N GLU C 116 -63.68 9.98 5.11
CA GLU C 116 -62.82 9.56 4.01
C GLU C 116 -62.19 8.20 4.29
N VAL C 117 -61.86 7.94 5.55
CA VAL C 117 -61.37 6.61 5.90
C VAL C 117 -62.53 5.63 5.99
N ALA C 118 -63.71 6.09 6.43
CA ALA C 118 -64.90 5.26 6.29
C ALA C 118 -65.21 4.97 4.83
N ALA C 119 -64.92 5.92 3.94
CA ALA C 119 -65.20 5.74 2.52
C ALA C 119 -64.20 4.80 1.86
N THR C 120 -62.91 4.97 2.11
CA THR C 120 -61.91 4.15 1.45
C THR C 120 -61.01 3.34 2.38
N GLY C 121 -60.71 3.83 3.58
CA GLY C 121 -59.75 3.20 4.46
C GLY C 121 -58.50 4.02 4.69
N THR C 122 -58.29 5.06 3.89
CA THR C 122 -57.20 6.01 4.08
C THR C 122 -57.84 7.39 3.94
N TYR C 123 -57.03 8.43 3.77
CA TYR C 123 -57.58 9.75 3.52
C TYR C 123 -56.49 10.61 2.88
N GLN C 124 -56.92 11.73 2.31
CA GLN C 124 -56.02 12.63 1.61
C GLN C 124 -55.67 13.82 2.49
N LEU C 125 -54.45 14.31 2.34
CA LEU C 125 -53.94 15.46 3.08
C LEU C 125 -54.13 16.74 2.28
N ARG C 126 -54.65 17.77 2.93
CA ARG C 126 -54.62 19.10 2.33
C ARG C 126 -53.18 19.49 2.06
N GLU C 127 -52.97 20.18 0.94
CA GLU C 127 -51.61 20.50 0.51
C GLU C 127 -50.83 21.21 1.60
N SER C 128 -51.48 22.09 2.36
CA SER C 128 -50.78 22.84 3.38
C SER C 128 -50.48 21.97 4.59
N GLU C 129 -51.49 21.22 5.06
CA GLU C 129 -51.22 20.16 6.04
C GLU C 129 -50.03 19.33 5.59
N LEU C 130 -49.98 18.99 4.29
CA LEU C 130 -48.87 18.20 3.77
C LEU C 130 -47.56 18.98 3.84
N VAL C 131 -47.57 20.28 3.53
CA VAL C 131 -46.35 21.06 3.70
C VAL C 131 -45.97 21.16 5.17
N PHE C 132 -46.96 21.31 6.05
CA PHE C 132 -46.66 21.41 7.47
C PHE C 132 -46.10 20.11 8.01
N GLY C 133 -46.67 18.97 7.59
CA GLY C 133 -46.14 17.68 7.98
C GLY C 133 -44.73 17.43 7.50
N ALA C 134 -44.36 18.01 6.35
CA ALA C 134 -43.01 17.82 5.83
C ALA C 134 -41.98 18.58 6.67
N LYS C 135 -42.21 19.88 6.89
CA LYS C 135 -41.30 20.64 7.73
C LYS C 135 -41.26 20.12 9.15
N GLN C 136 -42.41 19.67 9.67
CA GLN C 136 -42.43 19.12 11.02
C GLN C 136 -41.60 17.85 11.12
N ALA C 137 -41.68 16.97 10.11
CA ALA C 137 -40.94 15.73 10.16
C ALA C 137 -39.44 15.99 10.05
N TRP C 138 -39.05 17.03 9.33
CA TRP C 138 -37.66 17.49 9.36
C TRP C 138 -37.31 18.08 10.72
N ARG C 139 -38.16 18.98 11.22
CA ARG C 139 -37.97 19.60 12.53
C ARG C 139 -37.92 18.58 13.64
N ASN C 140 -38.54 17.43 13.44
CA ASN C 140 -38.53 16.37 14.43
C ASN C 140 -37.42 15.34 14.22
N ALA C 141 -36.69 15.42 13.12
CA ALA C 141 -35.61 14.47 12.83
C ALA C 141 -34.49 14.63 13.85
N PRO C 142 -34.32 13.71 14.78
CA PRO C 142 -33.38 13.96 15.88
C PRO C 142 -31.92 13.99 15.46
N ARG C 143 -31.57 13.31 14.37
CA ARG C 143 -30.18 13.20 13.96
C ARG C 143 -29.74 14.32 13.02
N CYS C 144 -30.65 15.23 12.66
CA CYS C 144 -30.39 16.27 11.69
C CYS C 144 -29.79 17.49 12.37
N VAL C 145 -28.53 17.81 12.07
CA VAL C 145 -27.94 19.01 12.66
C VAL C 145 -28.36 20.26 11.92
N GLY C 146 -29.03 20.12 10.78
CA GLY C 146 -29.33 21.26 9.95
C GLY C 146 -30.72 21.79 10.17
N ARG C 147 -31.27 21.56 11.36
CA ARG C 147 -32.68 21.90 11.56
C ARG C 147 -32.92 23.37 11.80
N ILE C 148 -31.90 24.21 11.98
CA ILE C 148 -32.12 25.65 12.06
C ILE C 148 -32.91 26.11 10.83
N GLN C 149 -32.89 25.30 9.78
CA GLN C 149 -33.46 25.62 8.48
C GLN C 149 -34.88 25.11 8.29
N TRP C 150 -35.50 24.54 9.34
CA TRP C 150 -36.66 23.69 9.12
C TRP C 150 -37.85 24.45 8.56
N GLY C 151 -37.93 25.77 8.79
CA GLY C 151 -39.02 26.55 8.22
C GLY C 151 -38.91 26.83 6.73
N LYS C 152 -37.71 26.77 6.18
CA LYS C 152 -37.46 27.05 4.76
C LYS C 152 -37.25 25.72 4.05
N LEU C 153 -38.36 25.15 3.57
CA LEU C 153 -38.34 23.88 2.84
C LEU C 153 -39.31 23.99 1.68
N GLN C 154 -38.88 23.55 0.50
CA GLN C 154 -39.71 23.57 -0.70
C GLN C 154 -40.36 22.21 -0.85
N VAL C 155 -41.66 22.15 -0.61
CA VAL C 155 -42.41 20.91 -0.75
C VAL C 155 -43.01 20.88 -2.14
N PHE C 156 -42.67 19.84 -2.91
CA PHE C 156 -43.28 19.56 -4.21
C PHE C 156 -44.28 18.42 -4.05
N ASP C 157 -45.54 18.68 -4.35
CA ASP C 157 -46.55 17.63 -4.28
C ASP C 157 -46.50 16.79 -5.54
N ALA C 158 -46.13 15.50 -5.40
CA ALA C 158 -46.11 14.57 -6.51
C ALA C 158 -47.14 13.44 -6.35
N ARG C 159 -48.17 13.65 -5.52
CA ARG C 159 -49.18 12.61 -5.32
C ARG C 159 -49.96 12.29 -6.58
N ASP C 160 -49.93 13.16 -7.57
CA ASP C 160 -50.56 12.84 -8.85
C ASP C 160 -49.76 11.83 -9.66
N CYS C 161 -48.61 11.36 -9.17
CA CYS C 161 -47.75 10.51 -9.97
C CYS C 161 -48.36 9.12 -10.15
N ARG C 162 -48.11 8.53 -11.32
CA ARG C 162 -48.71 7.25 -11.67
C ARG C 162 -47.81 6.33 -12.47
N SER C 163 -46.52 6.65 -12.61
CA SER C 163 -45.61 5.80 -13.37
C SER C 163 -44.18 6.21 -13.03
N ALA C 164 -43.25 5.29 -13.31
CA ALA C 164 -41.84 5.56 -13.08
C ALA C 164 -41.33 6.69 -13.96
N GLN C 165 -41.94 6.92 -15.12
CA GLN C 165 -41.50 8.02 -15.96
C GLN C 165 -41.95 9.36 -15.40
N GLU C 166 -43.16 9.42 -14.84
CA GLU C 166 -43.60 10.63 -14.15
C GLU C 166 -42.77 10.88 -12.91
N MET C 167 -42.61 9.84 -12.08
CA MET C 167 -41.68 9.88 -10.95
C MET C 167 -40.36 10.50 -11.37
N PHE C 168 -39.77 9.99 -12.45
CA PHE C 168 -38.49 10.49 -12.92
C PHE C 168 -38.55 11.96 -13.30
N THR C 169 -39.68 12.43 -13.83
CA THR C 169 -39.80 13.84 -14.17
C THR C 169 -40.07 14.70 -12.95
N TYR C 170 -40.71 14.14 -11.92
CA TYR C 170 -40.74 14.82 -10.63
C TYR C 170 -39.35 14.89 -10.01
N ILE C 171 -38.57 13.81 -10.11
CA ILE C 171 -37.26 13.75 -9.46
C ILE C 171 -36.31 14.75 -10.11
N CYS C 172 -36.29 14.80 -11.44
CA CYS C 172 -35.37 15.66 -12.16
C CYS C 172 -35.65 17.12 -11.92
N ASN C 173 -36.91 17.47 -11.64
CA ASN C 173 -37.22 18.86 -11.32
C ASN C 173 -36.72 19.21 -9.93
N HIS C 174 -37.00 18.35 -8.95
CA HIS C 174 -36.41 18.47 -7.62
C HIS C 174 -34.92 18.76 -7.72
N ILE C 175 -34.18 17.81 -8.29
CA ILE C 175 -32.74 17.99 -8.54
C ILE C 175 -32.48 19.37 -9.15
N LYS C 176 -33.24 19.73 -10.19
CA LYS C 176 -33.06 21.02 -10.86
C LYS C 176 -33.33 22.18 -9.92
N TYR C 177 -34.50 22.18 -9.28
CA TYR C 177 -34.82 23.24 -8.32
C TYR C 177 -33.79 23.29 -7.18
N ALA C 178 -33.38 22.13 -6.68
CA ALA C 178 -32.59 22.12 -5.46
C ALA C 178 -31.13 22.49 -5.74
N THR C 179 -30.58 21.99 -6.84
CA THR C 179 -29.22 22.38 -7.23
C THR C 179 -29.13 23.90 -7.41
N ASN C 180 -30.04 24.46 -8.21
CA ASN C 180 -30.13 25.90 -8.42
C ASN C 180 -28.76 26.51 -8.71
N ARG C 181 -27.95 25.80 -9.50
CA ARG C 181 -26.64 26.26 -9.95
C ARG C 181 -25.66 26.46 -8.79
N GLY C 182 -25.72 25.63 -7.76
CA GLY C 182 -24.78 25.78 -6.67
C GLY C 182 -25.40 26.37 -5.42
N ASN C 183 -26.23 27.39 -5.59
CA ASN C 183 -26.90 28.01 -4.45
C ASN C 183 -28.03 27.08 -4.03
N LEU C 184 -27.73 26.17 -3.10
CA LEU C 184 -28.64 25.07 -2.82
C LEU C 184 -29.83 25.52 -2.01
N ARG C 185 -30.96 24.85 -2.24
CA ARG C 185 -32.25 25.18 -1.65
C ARG C 185 -32.96 23.90 -1.23
N SER C 186 -33.43 23.85 0.02
CA SER C 186 -34.01 22.63 0.54
C SER C 186 -35.32 22.30 -0.15
N ALA C 187 -35.61 21.01 -0.26
CA ALA C 187 -36.79 20.60 -1.01
C ALA C 187 -37.19 19.19 -0.62
N ILE C 188 -38.43 18.85 -0.94
CA ILE C 188 -38.91 17.47 -0.80
C ILE C 188 -40.01 17.26 -1.83
N THR C 189 -40.07 16.06 -2.39
CA THR C 189 -41.09 15.68 -3.36
C THR C 189 -41.85 14.50 -2.80
N VAL C 190 -43.09 14.72 -2.38
CA VAL C 190 -43.91 13.71 -1.74
C VAL C 190 -44.71 12.96 -2.81
N PHE C 191 -44.29 11.73 -3.11
CA PHE C 191 -45.00 10.83 -4.03
C PHE C 191 -46.19 10.20 -3.33
N PRO C 192 -47.05 9.47 -4.06
CA PRO C 192 -48.31 9.01 -3.46
C PRO C 192 -48.08 8.03 -2.32
N GLN C 193 -48.77 8.28 -1.21
CA GLN C 193 -48.76 7.42 -0.04
C GLN C 193 -49.09 5.98 -0.39
N ARG C 194 -48.66 5.04 0.45
CA ARG C 194 -49.22 3.71 0.41
C ARG C 194 -50.70 3.76 0.79
N CYS C 195 -51.41 2.69 0.47
CA CYS C 195 -52.77 2.51 0.95
C CYS C 195 -53.14 1.04 0.72
N PRO C 196 -54.19 0.55 1.39
CA PRO C 196 -54.49 -0.88 1.36
C PRO C 196 -54.65 -1.44 -0.05
N GLY C 197 -54.23 -2.69 -0.22
CA GLY C 197 -54.39 -3.44 -1.45
C GLY C 197 -53.60 -2.90 -2.63
N ARG C 198 -53.29 -1.61 -2.56
CA ARG C 198 -52.56 -0.90 -3.60
C ARG C 198 -51.07 -0.99 -3.34
N GLY C 199 -50.30 -1.03 -4.42
CA GLY C 199 -48.86 -1.19 -4.34
C GLY C 199 -48.14 -0.03 -3.68
N ASP C 200 -46.88 0.18 -4.03
CA ASP C 200 -46.09 1.20 -3.35
C ASP C 200 -45.12 1.87 -4.30
N PHE C 201 -44.89 3.16 -4.07
CA PHE C 201 -43.85 3.91 -4.76
C PHE C 201 -42.56 3.84 -3.95
N ARG C 202 -41.52 3.27 -4.54
CA ARG C 202 -40.24 3.10 -3.87
C ARG C 202 -39.12 3.59 -4.78
N ILE C 203 -38.22 4.39 -4.22
CA ILE C 203 -36.99 4.74 -4.90
C ILE C 203 -35.90 3.80 -4.37
N TRP C 204 -35.44 2.89 -5.22
CA TRP C 204 -34.48 1.88 -4.77
C TRP C 204 -33.13 2.49 -4.37
N ASN C 205 -32.83 3.68 -4.86
CA ASN C 205 -31.60 4.37 -4.51
C ASN C 205 -31.72 4.98 -3.12
N SER C 206 -30.66 4.84 -2.32
CA SER C 206 -30.63 5.50 -1.01
C SER C 206 -30.51 7.01 -1.15
N GLN C 207 -29.86 7.48 -2.22
CA GLN C 207 -29.81 8.90 -2.55
C GLN C 207 -30.02 9.04 -4.05
N LEU C 208 -30.47 10.22 -4.46
CA LEU C 208 -30.65 10.46 -5.88
C LEU C 208 -29.31 10.45 -6.61
N VAL C 209 -28.31 11.08 -6.01
CA VAL C 209 -26.95 11.00 -6.51
C VAL C 209 -26.18 9.98 -5.69
N ARG C 210 -25.64 8.97 -6.36
CA ARG C 210 -24.87 7.90 -5.73
C ARG C 210 -23.78 7.46 -6.69
N TYR C 211 -22.55 7.37 -6.20
CA TYR C 211 -21.46 6.86 -7.02
C TYR C 211 -21.45 5.34 -7.00
N ALA C 212 -21.07 4.76 -8.14
CA ALA C 212 -21.06 3.31 -8.27
C ALA C 212 -20.02 2.68 -7.34
N GLY C 213 -20.30 1.45 -6.93
CA GLY C 213 -19.34 0.66 -6.19
C GLY C 213 -19.16 -0.67 -6.89
N TYR C 214 -17.93 -0.98 -7.29
CA TYR C 214 -17.67 -2.09 -8.20
C TYR C 214 -16.92 -3.19 -7.45
N ARG C 215 -17.53 -4.37 -7.39
CA ARG C 215 -16.79 -5.54 -6.94
C ARG C 215 -15.60 -5.77 -7.89
N GLN C 216 -14.46 -6.11 -7.30
CA GLN C 216 -13.27 -6.38 -8.09
C GLN C 216 -12.87 -7.84 -7.91
N GLN C 217 -12.18 -8.39 -8.92
CA GLN C 217 -11.53 -9.67 -8.78
C GLN C 217 -10.44 -9.64 -7.70
N ASP C 218 -10.09 -8.44 -7.24
CA ASP C 218 -9.27 -8.19 -6.06
C ASP C 218 -10.03 -8.42 -4.76
N GLY C 219 -11.34 -8.67 -4.83
CA GLY C 219 -12.19 -8.62 -3.66
C GLY C 219 -12.49 -7.23 -3.14
N SER C 220 -11.78 -6.20 -3.61
CA SER C 220 -11.97 -4.83 -3.14
C SER C 220 -13.12 -4.18 -3.91
N VAL C 221 -13.30 -2.88 -3.69
CA VAL C 221 -14.37 -2.11 -4.31
C VAL C 221 -13.77 -0.83 -4.88
N ARG C 222 -13.93 -0.65 -6.20
CA ARG C 222 -13.61 0.60 -6.87
C ARG C 222 -14.88 1.44 -6.95
N GLY C 223 -14.78 2.68 -6.49
CA GLY C 223 -15.95 3.51 -6.29
C GLY C 223 -16.38 3.52 -4.82
N ASP C 224 -17.68 3.65 -4.58
CA ASP C 224 -18.17 3.76 -3.22
C ASP C 224 -18.56 2.39 -2.70
N PRO C 225 -17.93 1.89 -1.64
CA PRO C 225 -18.35 0.58 -1.10
C PRO C 225 -19.77 0.59 -0.59
N ALA C 226 -20.27 1.73 -0.13
CA ALA C 226 -21.64 1.83 0.36
C ALA C 226 -22.65 1.38 -0.69
N ASN C 227 -22.26 1.32 -1.96
CA ASN C 227 -23.20 1.15 -3.06
C ASN C 227 -22.93 -0.12 -3.86
N VAL C 228 -22.21 -1.08 -3.27
CA VAL C 228 -21.92 -2.34 -3.95
C VAL C 228 -23.20 -3.04 -4.38
N GLU C 229 -24.23 -2.98 -3.54
CA GLU C 229 -25.46 -3.72 -3.84
C GLU C 229 -26.33 -2.98 -4.85
N ILE C 230 -26.56 -1.68 -4.62
CA ILE C 230 -27.41 -0.93 -5.55
C ILE C 230 -26.75 -0.80 -6.91
N THR C 231 -25.41 -0.87 -6.98
CA THR C 231 -24.75 -0.89 -8.27
C THR C 231 -24.98 -2.23 -8.97
N GLU C 232 -24.97 -3.33 -8.21
CA GLU C 232 -25.37 -4.62 -8.79
C GLU C 232 -26.79 -4.56 -9.32
N LEU C 233 -27.69 -3.92 -8.56
CA LEU C 233 -29.08 -3.81 -8.97
C LEU C 233 -29.25 -2.94 -10.21
N CYS C 234 -28.39 -1.94 -10.37
CA CYS C 234 -28.44 -1.16 -11.59
C CYS C 234 -27.91 -1.94 -12.78
N ILE C 235 -26.76 -2.60 -12.61
CA ILE C 235 -26.21 -3.41 -13.70
C ILE C 235 -27.20 -4.48 -14.12
N GLN C 236 -28.02 -4.96 -13.18
CA GLN C 236 -29.07 -5.91 -13.52
C GLN C 236 -30.19 -5.24 -14.31
N HIS C 237 -31.12 -4.59 -13.61
CA HIS C 237 -32.30 -3.99 -14.22
C HIS C 237 -31.94 -2.96 -15.27
N GLY C 238 -31.10 -3.32 -16.24
CA GLY C 238 -30.73 -2.40 -17.29
C GLY C 238 -29.28 -1.98 -17.33
N TRP C 239 -28.86 -1.12 -16.39
CA TRP C 239 -27.67 -0.30 -16.53
C TRP C 239 -26.46 -1.13 -16.94
N THR C 240 -25.61 -0.53 -17.77
CA THR C 240 -24.33 -1.08 -18.12
C THR C 240 -23.23 -0.26 -17.46
N PRO C 241 -22.30 -0.92 -16.76
CA PRO C 241 -21.49 -0.20 -15.77
C PRO C 241 -20.41 0.68 -16.37
N GLY C 242 -20.02 1.69 -15.58
CA GLY C 242 -18.80 2.41 -15.82
C GLY C 242 -17.62 1.65 -15.24
N ASN C 243 -16.49 2.36 -15.13
CA ASN C 243 -15.35 1.76 -14.44
C ASN C 243 -14.66 2.76 -13.54
N GLY C 244 -15.31 3.86 -13.19
CA GLY C 244 -14.68 4.93 -12.46
C GLY C 244 -14.99 4.91 -10.97
N ARG C 245 -14.13 5.60 -10.22
CA ARG C 245 -14.35 5.83 -8.80
C ARG C 245 -15.62 6.64 -8.55
N PHE C 246 -16.06 7.44 -9.53
CA PHE C 246 -17.18 8.34 -9.28
C PHE C 246 -18.23 8.26 -10.39
N ASP C 247 -18.58 7.04 -10.81
CA ASP C 247 -19.65 6.86 -11.79
C ASP C 247 -21.00 7.05 -11.10
N VAL C 248 -21.71 8.11 -11.48
CA VAL C 248 -23.02 8.44 -10.89
C VAL C 248 -24.03 7.36 -11.30
N LEU C 249 -24.56 6.67 -10.30
CA LEU C 249 -25.48 5.57 -10.58
C LEU C 249 -26.75 6.08 -11.24
N PRO C 250 -27.34 5.27 -12.12
CA PRO C 250 -28.71 5.54 -12.56
C PRO C 250 -29.66 5.38 -11.40
N LEU C 251 -30.89 5.82 -11.62
CA LEU C 251 -31.95 5.67 -10.63
C LEU C 251 -32.80 4.45 -10.96
N LEU C 252 -33.05 3.64 -9.95
CA LEU C 252 -33.98 2.51 -10.06
C LEU C 252 -35.26 2.93 -9.36
N LEU C 253 -36.22 3.41 -10.15
CA LEU C 253 -37.48 3.93 -9.66
C LEU C 253 -38.57 2.89 -9.91
N GLN C 254 -39.44 2.69 -8.92
CA GLN C 254 -40.45 1.64 -8.96
C GLN C 254 -41.80 2.24 -8.62
N ALA C 255 -42.81 2.04 -9.55
CA ALA C 255 -44.21 2.36 -9.45
C ALA C 255 -44.97 1.17 -8.86
N PRO C 256 -46.12 1.43 -8.22
CA PRO C 256 -46.87 0.36 -7.54
C PRO C 256 -47.06 -0.91 -8.36
N ASP C 257 -46.63 -2.04 -7.79
CA ASP C 257 -46.79 -3.37 -8.37
C ASP C 257 -46.09 -3.50 -9.71
N GLU C 258 -45.11 -2.65 -9.99
CA GLU C 258 -44.33 -2.76 -11.19
C GLU C 258 -42.88 -3.07 -10.85
N PRO C 259 -42.20 -3.85 -11.67
CA PRO C 259 -40.74 -3.90 -11.60
C PRO C 259 -40.16 -2.51 -11.77
N PRO C 260 -39.03 -2.22 -11.12
CA PRO C 260 -38.47 -0.87 -11.20
C PRO C 260 -37.77 -0.61 -12.51
N GLU C 261 -38.01 0.57 -13.07
CA GLU C 261 -37.44 0.96 -14.35
C GLU C 261 -36.16 1.75 -14.12
N LEU C 262 -35.17 1.55 -14.99
CA LEU C 262 -33.89 2.23 -14.90
C LEU C 262 -33.96 3.57 -15.61
N PHE C 263 -33.50 4.63 -14.94
CA PHE C 263 -33.51 5.98 -15.49
C PHE C 263 -32.16 6.62 -15.28
N LEU C 264 -31.55 7.11 -16.37
CA LEU C 264 -30.24 7.75 -16.30
C LEU C 264 -30.38 9.24 -16.01
N LEU C 265 -29.45 9.77 -15.24
CA LEU C 265 -29.53 11.20 -14.93
C LEU C 265 -28.73 11.99 -15.94
N PRO C 266 -29.25 13.12 -16.41
CA PRO C 266 -28.48 13.98 -17.29
C PRO C 266 -27.29 14.57 -16.56
N PRO C 267 -26.06 14.28 -17.03
CA PRO C 267 -24.86 14.79 -16.34
C PRO C 267 -24.89 16.29 -16.10
N GLU C 268 -25.58 17.05 -16.95
CA GLU C 268 -25.77 18.47 -16.72
C GLU C 268 -26.73 18.74 -15.55
N LEU C 269 -27.50 17.76 -15.13
CA LEU C 269 -28.40 17.94 -13.99
C LEU C 269 -27.71 17.69 -12.67
N VAL C 270 -26.74 16.79 -12.64
CA VAL C 270 -26.09 16.34 -11.42
C VAL C 270 -24.84 17.19 -11.23
N LEU C 271 -24.93 18.22 -10.39
CA LEU C 271 -23.82 19.15 -10.20
C LEU C 271 -22.78 18.52 -9.30
N GLU C 272 -21.54 18.47 -9.77
CA GLU C 272 -20.45 17.83 -9.02
C GLU C 272 -19.32 18.82 -8.75
N VAL C 273 -18.67 18.67 -7.60
CA VAL C 273 -17.55 19.53 -7.24
C VAL C 273 -16.27 18.70 -7.30
N PRO C 274 -15.38 18.93 -8.27
CA PRO C 274 -14.06 18.29 -8.20
C PRO C 274 -13.26 18.90 -7.06
N LEU C 275 -12.57 18.05 -6.31
CA LEU C 275 -11.96 18.45 -5.05
C LEU C 275 -10.51 18.85 -5.26
N GLU C 276 -10.16 20.06 -4.84
CA GLU C 276 -8.78 20.52 -4.82
C GLU C 276 -8.55 21.17 -3.47
N HIS C 277 -7.28 21.34 -3.14
CA HIS C 277 -6.92 21.87 -1.83
C HIS C 277 -6.28 23.24 -1.98
N PRO C 278 -6.60 24.21 -1.11
CA PRO C 278 -6.10 25.58 -1.30
C PRO C 278 -4.60 25.72 -1.49
N THR C 279 -3.80 24.85 -0.87
CA THR C 279 -2.35 25.01 -0.88
C THR C 279 -1.58 23.75 -1.24
N LEU C 280 -2.22 22.58 -1.29
CA LEU C 280 -1.57 21.32 -1.63
C LEU C 280 -1.92 21.05 -3.09
N GLU C 281 -1.00 21.41 -3.99
CA GLU C 281 -1.29 21.36 -5.41
C GLU C 281 -1.57 19.94 -5.90
N TRP C 282 -0.97 18.94 -5.25
CA TRP C 282 -1.15 17.55 -5.65
C TRP C 282 -2.52 16.99 -5.32
N PHE C 283 -3.32 17.70 -4.50
CA PHE C 283 -4.61 17.14 -4.10
C PHE C 283 -5.53 16.97 -5.29
N ALA C 284 -5.62 18.00 -6.14
CA ALA C 284 -6.45 17.94 -7.33
C ALA C 284 -6.13 16.71 -8.16
N ALA C 285 -4.87 16.30 -8.20
CA ALA C 285 -4.49 15.14 -8.99
C ALA C 285 -5.04 13.84 -8.40
N LEU C 286 -5.37 13.81 -7.10
CA LEU C 286 -5.99 12.62 -6.54
C LEU C 286 -7.35 12.32 -7.18
N GLY C 287 -7.88 13.24 -8.00
CA GLY C 287 -9.05 12.98 -8.80
C GLY C 287 -10.34 12.86 -8.01
N LEU C 288 -10.34 13.33 -6.78
CA LEU C 288 -11.52 13.22 -5.93
C LEU C 288 -12.61 14.18 -6.37
N ARG C 289 -13.85 13.67 -6.35
CA ARG C 289 -15.03 14.48 -6.62
C ARG C 289 -16.07 14.19 -5.57
N TRP C 290 -17.00 15.13 -5.41
CA TRP C 290 -18.28 14.80 -4.80
C TRP C 290 -19.39 15.64 -5.43
N TYR C 291 -20.63 15.25 -5.18
CA TYR C 291 -21.76 15.94 -5.79
C TYR C 291 -22.30 16.98 -4.82
N ALA C 292 -23.07 17.91 -5.37
CA ALA C 292 -23.53 19.09 -4.63
C ALA C 292 -24.73 18.78 -3.73
N LEU C 293 -25.57 17.86 -4.13
CA LEU C 293 -26.89 17.76 -3.52
C LEU C 293 -27.05 16.51 -2.68
N PRO C 294 -27.10 16.61 -1.33
CA PRO C 294 -27.51 15.47 -0.50
C PRO C 294 -29.03 15.33 -0.58
N ALA C 295 -29.48 14.26 -1.22
CA ALA C 295 -30.91 14.11 -1.52
C ALA C 295 -31.30 12.67 -1.19
N VAL C 296 -31.87 12.48 -0.02
CA VAL C 296 -32.13 11.16 0.54
C VAL C 296 -33.45 10.64 0.01
N SER C 297 -33.42 9.44 -0.56
CA SER C 297 -34.52 8.92 -1.36
C SER C 297 -35.06 7.58 -0.86
N ASN C 298 -34.56 7.08 0.27
CA ASN C 298 -34.93 5.75 0.75
C ASN C 298 -35.65 5.77 2.08
N MET C 299 -35.92 6.93 2.65
CA MET C 299 -36.67 7.01 3.90
C MET C 299 -38.15 7.17 3.64
N LEU C 300 -38.94 6.85 4.65
CA LEU C 300 -40.39 6.90 4.60
C LEU C 300 -40.88 8.06 5.44
N LEU C 301 -41.68 8.92 4.83
CA LEU C 301 -42.30 10.05 5.51
C LEU C 301 -43.66 9.64 6.05
N GLU C 302 -43.96 10.07 7.28
CA GLU C 302 -45.18 9.72 7.99
C GLU C 302 -45.85 10.98 8.49
N ILE C 303 -47.10 11.22 8.09
CA ILE C 303 -47.87 12.40 8.51
C ILE C 303 -49.26 11.92 8.93
N GLY C 304 -49.60 12.12 10.20
CA GLY C 304 -50.91 11.78 10.70
C GLY C 304 -51.37 10.40 10.30
N GLY C 305 -50.56 9.39 10.59
CA GLY C 305 -50.86 8.03 10.21
C GLY C 305 -50.73 7.72 8.74
N LEU C 306 -50.50 8.73 7.89
CA LEU C 306 -50.19 8.48 6.49
C LEU C 306 -48.71 8.17 6.33
N GLU C 307 -48.40 7.37 5.32
CA GLU C 307 -47.06 6.84 5.15
C GLU C 307 -46.66 6.98 3.68
N PHE C 308 -45.57 7.71 3.43
CA PHE C 308 -45.13 7.97 2.06
C PHE C 308 -43.80 7.28 1.80
N PRO C 309 -43.79 6.11 1.15
CA PRO C 309 -42.55 5.33 1.06
C PRO C 309 -41.53 5.93 0.12
N ALA C 310 -41.90 6.97 -0.63
CA ALA C 310 -40.98 7.73 -1.46
C ALA C 310 -41.29 9.20 -1.24
N ALA C 311 -40.41 9.89 -0.53
CA ALA C 311 -40.52 11.33 -0.29
C ALA C 311 -39.12 11.91 -0.25
N PRO C 312 -38.42 11.92 -1.38
CA PRO C 312 -37.02 12.35 -1.35
C PRO C 312 -36.91 13.80 -0.89
N PHE C 313 -35.98 14.04 0.03
CA PHE C 313 -35.70 15.37 0.57
C PHE C 313 -34.22 15.68 0.40
N SER C 314 -33.92 16.96 0.25
CA SER C 314 -32.58 17.41 -0.05
C SER C 314 -32.24 18.65 0.77
N GLY C 315 -30.99 18.75 1.20
CA GLY C 315 -30.53 19.96 1.84
C GLY C 315 -29.35 20.55 1.10
N TRP C 316 -28.31 20.92 1.85
CA TRP C 316 -26.94 21.00 1.35
C TRP C 316 -26.05 20.28 2.35
N TYR C 317 -24.82 20.03 1.95
CA TYR C 317 -23.94 19.23 2.78
C TYR C 317 -23.35 20.03 3.93
N MET C 318 -23.16 19.35 5.06
CA MET C 318 -22.15 19.76 6.02
C MET C 318 -20.82 19.14 5.62
N SER C 319 -19.75 19.93 5.65
CA SER C 319 -18.52 19.50 4.98
C SER C 319 -17.98 18.17 5.54
N THR C 320 -18.11 17.93 6.85
CA THR C 320 -17.56 16.68 7.41
C THR C 320 -18.25 15.43 6.86
N GLU C 321 -19.46 15.56 6.32
CA GLU C 321 -20.09 14.40 5.70
C GLU C 321 -19.25 13.90 4.56
N ILE C 322 -18.80 14.82 3.70
CA ILE C 322 -17.99 14.45 2.57
C ILE C 322 -16.56 14.17 3.00
N GLY C 323 -15.87 15.17 3.57
CA GLY C 323 -14.44 15.06 3.77
C GLY C 323 -14.05 14.05 4.82
N THR C 324 -14.91 13.83 5.81
CA THR C 324 -14.67 12.85 6.86
C THR C 324 -15.38 11.53 6.60
N ARG C 325 -16.71 11.51 6.63
CA ARG C 325 -17.38 10.21 6.56
C ARG C 325 -17.23 9.58 5.17
N ASN C 326 -17.70 10.28 4.14
CA ASN C 326 -17.74 9.67 2.82
C ASN C 326 -16.34 9.38 2.28
N LEU C 327 -15.38 10.28 2.50
CA LEU C 327 -14.07 10.06 1.92
C LEU C 327 -13.11 9.35 2.87
N CYS C 328 -13.30 9.42 4.19
CA CYS C 328 -12.31 8.85 5.11
C CYS C 328 -12.80 7.65 5.91
N ASP C 329 -14.07 7.28 5.87
CA ASP C 329 -14.47 6.09 6.64
C ASP C 329 -13.75 4.88 6.06
N PRO C 330 -13.33 3.94 6.92
CA PRO C 330 -12.61 2.75 6.39
C PRO C 330 -13.42 1.97 5.39
N HIS C 331 -14.74 2.06 5.44
CA HIS C 331 -15.61 1.29 4.57
C HIS C 331 -16.23 2.16 3.49
N ARG C 332 -15.77 3.39 3.35
CA ARG C 332 -16.19 4.26 2.26
C ARG C 332 -14.99 4.45 1.32
N TYR C 333 -14.66 5.66 0.88
CA TYR C 333 -13.55 5.79 -0.06
C TYR C 333 -12.21 5.50 0.58
N ASN C 334 -12.10 5.71 1.90
CA ASN C 334 -10.92 5.32 2.68
C ASN C 334 -9.64 5.99 2.14
N ILE C 335 -9.74 7.28 1.83
CA ILE C 335 -8.65 8.01 1.19
C ILE C 335 -7.62 8.54 2.17
N LEU C 336 -7.83 8.33 3.47
CA LEU C 336 -7.01 8.98 4.49
C LEU C 336 -5.52 8.66 4.34
N GLU C 337 -5.20 7.38 4.16
CA GLU C 337 -3.80 7.01 4.04
C GLU C 337 -3.16 7.61 2.78
N ASP C 338 -3.86 7.52 1.64
CA ASP C 338 -3.38 8.10 0.39
C ASP C 338 -2.99 9.56 0.57
N VAL C 339 -3.88 10.35 1.17
CA VAL C 339 -3.61 11.77 1.43
C VAL C 339 -2.46 11.96 2.42
N ALA C 340 -2.47 11.19 3.51
CA ALA C 340 -1.36 11.29 4.47
C ALA C 340 -0.02 11.05 3.78
N VAL C 341 0.03 10.02 2.93
CA VAL C 341 1.25 9.74 2.16
C VAL C 341 1.67 10.96 1.33
N CYS C 342 0.71 11.61 0.67
CA CYS C 342 1.07 12.76 -0.16
C CYS C 342 1.57 13.92 0.68
N MET C 343 0.98 14.10 1.87
CA MET C 343 1.42 15.13 2.80
C MET C 343 2.73 14.77 3.47
N ASP C 344 3.31 13.63 3.13
CA ASP C 344 4.56 13.17 3.70
C ASP C 344 4.48 13.10 5.23
N LEU C 345 3.34 12.62 5.72
CA LEU C 345 3.21 12.41 7.15
C LEU C 345 3.84 11.07 7.54
N ASP C 346 4.08 10.91 8.84
CA ASP C 346 4.70 9.69 9.36
C ASP C 346 3.59 8.72 9.72
N THR C 347 3.29 7.81 8.78
CA THR C 347 2.16 6.89 8.93
C THR C 347 2.52 5.63 9.69
N ARG C 348 3.73 5.53 10.23
CA ARG C 348 4.16 4.31 10.91
C ARG C 348 3.65 4.27 12.35
N THR C 349 3.56 5.42 13.00
CA THR C 349 3.13 5.52 14.39
C THR C 349 1.83 6.33 14.46
N THR C 350 0.88 5.84 15.27
CA THR C 350 -0.39 6.55 15.41
C THR C 350 -0.22 7.91 16.07
N SER C 351 0.84 8.10 16.85
CA SER C 351 0.95 9.29 17.67
C SER C 351 1.44 10.52 16.91
N SER C 352 1.78 10.40 15.62
CA SER C 352 2.00 11.61 14.82
C SER C 352 0.71 12.31 14.45
N LEU C 353 -0.45 11.66 14.67
CA LEU C 353 -1.76 12.20 14.31
C LEU C 353 -1.89 12.41 12.81
N TRP C 354 -1.21 11.56 12.04
CA TRP C 354 -1.29 11.66 10.59
C TRP C 354 -2.71 11.41 10.12
N LYS C 355 -3.43 10.50 10.78
CA LYS C 355 -4.85 10.39 10.46
C LYS C 355 -5.56 11.72 10.70
N ASP C 356 -5.24 12.40 11.79
CA ASP C 356 -5.93 13.63 12.14
C ASP C 356 -5.56 14.77 11.19
N LYS C 357 -4.29 14.85 10.83
CA LYS C 357 -3.86 15.95 9.98
C LYS C 357 -4.40 15.79 8.58
N ALA C 358 -4.31 14.58 8.02
CA ALA C 358 -4.83 14.32 6.69
C ALA C 358 -6.32 14.58 6.61
N ALA C 359 -7.06 14.17 7.64
CA ALA C 359 -8.51 14.35 7.62
C ALA C 359 -8.88 15.83 7.58
N VAL C 360 -8.20 16.64 8.39
CA VAL C 360 -8.47 18.07 8.42
C VAL C 360 -8.26 18.69 7.04
N GLU C 361 -7.17 18.31 6.37
CA GLU C 361 -6.90 18.89 5.06
C GLU C 361 -7.89 18.39 4.02
N ILE C 362 -8.39 17.16 4.18
CA ILE C 362 -9.45 16.68 3.29
C ILE C 362 -10.71 17.51 3.49
N ASN C 363 -11.04 17.85 4.73
CA ASN C 363 -12.19 18.71 4.94
C ASN C 363 -11.90 20.12 4.42
N VAL C 364 -10.68 20.61 4.64
CA VAL C 364 -10.31 21.92 4.11
C VAL C 364 -10.47 21.93 2.59
N ALA C 365 -10.01 20.86 1.93
CA ALA C 365 -10.20 20.70 0.50
C ALA C 365 -11.67 20.73 0.13
N VAL C 366 -12.48 19.95 0.85
CA VAL C 366 -13.91 19.91 0.58
C VAL C 366 -14.50 21.30 0.73
N LEU C 367 -14.19 21.96 1.85
CA LEU C 367 -14.74 23.30 2.08
C LEU C 367 -14.27 24.26 1.00
N HIS C 368 -12.97 24.29 0.74
CA HIS C 368 -12.44 25.18 -0.28
C HIS C 368 -13.07 24.92 -1.64
N SER C 369 -13.21 23.64 -2.01
CA SER C 369 -13.64 23.31 -3.37
C SER C 369 -15.12 23.62 -3.58
N TYR C 370 -15.95 23.46 -2.56
CA TYR C 370 -17.34 23.84 -2.70
C TYR C 370 -17.50 25.35 -2.79
N GLN C 371 -16.75 26.09 -1.97
CA GLN C 371 -16.77 27.55 -2.02
C GLN C 371 -16.36 28.06 -3.40
N LEU C 372 -15.17 27.66 -3.84
CA LEU C 372 -14.62 28.03 -5.14
C LEU C 372 -15.66 27.88 -6.23
N ALA C 373 -16.43 26.79 -6.17
CA ALA C 373 -17.45 26.46 -7.15
C ALA C 373 -18.81 27.03 -6.81
N LYS C 374 -18.89 27.88 -5.78
CA LYS C 374 -20.14 28.55 -5.40
C LYS C 374 -21.24 27.55 -5.10
N VAL C 375 -20.87 26.39 -4.58
CA VAL C 375 -21.83 25.37 -4.18
C VAL C 375 -22.04 25.47 -2.68
N THR C 376 -23.29 25.60 -2.26
CA THR C 376 -23.57 25.73 -0.83
C THR C 376 -22.98 24.56 -0.05
N ILE C 377 -22.22 24.89 0.98
CA ILE C 377 -21.72 23.91 1.95
C ILE C 377 -21.59 24.64 3.28
N VAL C 378 -21.59 23.88 4.36
CA VAL C 378 -21.46 24.48 5.66
C VAL C 378 -20.50 23.62 6.48
N ASP C 379 -19.60 24.28 7.21
CA ASP C 379 -18.64 23.54 7.99
C ASP C 379 -19.26 23.14 9.31
N HIS C 380 -18.67 22.14 9.94
CA HIS C 380 -19.26 21.62 11.15
C HIS C 380 -19.24 22.63 12.29
N HIS C 381 -18.43 23.69 12.20
CA HIS C 381 -18.47 24.69 13.25
C HIS C 381 -19.67 25.61 13.08
N ALA C 382 -19.83 26.18 11.86
CA ALA C 382 -21.04 26.96 11.61
C ALA C 382 -22.28 26.12 11.88
N ALA C 383 -22.26 24.85 11.44
CA ALA C 383 -23.42 23.99 11.55
C ALA C 383 -23.78 23.68 13.01
N THR C 384 -22.79 23.35 13.84
CA THR C 384 -23.11 23.10 15.24
C THR C 384 -23.44 24.38 15.98
N ALA C 385 -22.88 25.51 15.57
CA ALA C 385 -23.27 26.77 16.19
C ALA C 385 -24.71 27.15 15.80
N SER C 386 -25.13 26.80 14.60
CA SER C 386 -26.51 27.09 14.21
CA SER C 386 -26.51 27.08 14.20
C SER C 386 -27.48 26.13 14.89
N PHE C 387 -27.07 24.88 15.08
CA PHE C 387 -27.93 23.95 15.79
C PHE C 387 -28.07 24.30 17.26
N MET C 388 -27.09 25.00 17.83
CA MET C 388 -27.28 25.50 19.19
C MET C 388 -28.40 26.53 19.21
N LYS C 389 -28.41 27.46 18.24
CA LYS C 389 -29.52 28.39 18.13
C LYS C 389 -30.82 27.64 17.94
N HIS C 390 -30.82 26.62 17.08
CA HIS C 390 -32.02 25.83 16.87
C HIS C 390 -32.55 25.26 18.20
N LEU C 391 -31.67 24.66 19.00
CA LEU C 391 -32.08 24.14 20.30
C LEU C 391 -32.74 25.23 21.13
N GLU C 392 -32.04 26.35 21.30
CA GLU C 392 -32.55 27.50 22.04
C GLU C 392 -33.89 27.97 21.48
N ASN C 393 -33.98 28.13 20.14
CA ASN C 393 -35.25 28.48 19.51
C ASN C 393 -36.33 27.43 19.80
N GLU C 394 -35.98 26.15 19.74
CA GLU C 394 -36.97 25.12 19.99
C GLU C 394 -37.35 25.06 21.46
N GLN C 395 -36.41 25.35 22.36
CA GLN C 395 -36.75 25.45 23.78
C GLN C 395 -37.88 26.44 24.00
N LYS C 396 -37.75 27.64 23.44
CA LYS C 396 -38.75 28.69 23.63
C LYS C 396 -40.07 28.31 22.97
N ALA C 397 -40.01 27.64 21.82
CA ALA C 397 -41.16 27.38 20.97
C ALA C 397 -41.91 26.11 21.32
N ARG C 398 -41.19 25.04 21.65
CA ARG C 398 -41.79 23.73 21.85
C ARG C 398 -41.47 23.10 23.20
N GLY C 399 -40.68 23.76 24.04
CA GLY C 399 -40.28 23.21 25.31
C GLY C 399 -39.15 22.20 25.26
N GLY C 400 -38.55 22.00 24.10
CA GLY C 400 -37.52 20.98 23.96
C GLY C 400 -37.17 20.78 22.49
N CYS C 401 -36.41 19.71 22.25
CA CYS C 401 -35.99 19.41 20.88
C CYS C 401 -35.37 18.01 20.82
N PRO C 402 -36.05 17.05 20.18
CA PRO C 402 -35.47 15.71 20.07
C PRO C 402 -34.17 15.75 19.29
N ALA C 403 -33.12 15.18 19.89
CA ALA C 403 -31.79 15.30 19.34
C ALA C 403 -30.99 14.08 19.76
N ASP C 404 -30.17 13.58 18.84
CA ASP C 404 -29.42 12.34 18.97
C ASP C 404 -27.95 12.75 18.94
N TRP C 405 -27.39 12.89 20.13
CA TRP C 405 -26.07 13.49 20.34
C TRP C 405 -25.00 12.87 19.46
N ALA C 406 -25.00 11.53 19.36
CA ALA C 406 -24.02 10.81 18.55
C ALA C 406 -24.01 11.29 17.10
N TRP C 407 -25.18 11.69 16.60
CA TRP C 407 -25.32 12.15 15.24
C TRP C 407 -25.26 13.67 15.12
N ILE C 408 -25.56 14.40 16.19
CA ILE C 408 -25.42 15.85 16.14
C ILE C 408 -23.95 16.26 16.24
N VAL C 409 -23.19 15.62 17.12
CA VAL C 409 -21.76 15.94 17.27
C VAL C 409 -20.99 15.50 16.02
N PRO C 410 -20.22 16.38 15.38
CA PRO C 410 -19.57 16.02 14.10
C PRO C 410 -18.50 14.96 14.29
N PRO C 411 -18.14 14.23 13.22
CA PRO C 411 -17.18 13.12 13.29
C PRO C 411 -15.72 13.53 13.35
N ILE C 412 -15.44 14.82 13.34
CA ILE C 412 -14.13 15.34 13.67
C ILE C 412 -14.34 16.53 14.58
N SER C 413 -13.34 16.82 15.40
CA SER C 413 -13.31 17.97 16.28
C SER C 413 -14.51 18.04 17.20
N GLY C 414 -15.14 16.88 17.47
CA GLY C 414 -16.30 16.77 18.36
C GLY C 414 -16.42 17.85 19.41
N SER C 415 -15.49 17.85 20.37
CA SER C 415 -15.54 18.76 21.51
C SER C 415 -15.11 20.18 21.16
N LEU C 416 -14.70 20.42 19.93
CA LEU C 416 -14.40 21.80 19.52
C LEU C 416 -15.65 22.57 19.10
N THR C 417 -16.77 21.88 18.89
CA THR C 417 -18.13 22.31 18.53
C THR C 417 -19.04 22.27 19.75
N PRO C 418 -19.98 23.22 19.88
CA PRO C 418 -20.63 23.44 21.18
C PRO C 418 -21.65 22.37 21.52
N VAL C 419 -22.10 21.59 20.53
CA VAL C 419 -23.08 20.54 20.74
C VAL C 419 -22.50 19.35 21.47
N PHE C 420 -21.16 19.23 21.49
CA PHE C 420 -20.51 18.23 22.32
C PHE C 420 -20.87 18.44 23.79
N HIS C 421 -20.86 19.71 24.23
CA HIS C 421 -21.11 20.05 25.62
C HIS C 421 -22.58 20.28 25.92
N GLN C 422 -23.46 19.94 24.99
CA GLN C 422 -24.90 20.09 25.17
C GLN C 422 -25.50 18.70 25.34
N GLU C 423 -25.95 18.40 26.54
CA GLU C 423 -26.79 17.23 26.73
C GLU C 423 -28.03 17.33 25.86
N MET C 424 -28.49 16.18 25.37
CA MET C 424 -29.63 16.14 24.50
C MET C 424 -30.55 15.00 24.91
N VAL C 425 -31.84 15.18 24.63
CA VAL C 425 -32.86 14.15 24.80
C VAL C 425 -33.29 13.68 23.41
N ASN C 426 -33.27 12.37 23.20
CA ASN C 426 -33.73 11.80 21.94
C ASN C 426 -35.06 11.06 22.15
N TYR C 427 -36.04 11.35 21.29
CA TYR C 427 -37.33 10.69 21.31
C TYR C 427 -37.96 10.81 19.93
N PHE C 428 -39.10 10.13 19.75
CA PHE C 428 -39.74 10.08 18.44
C PHE C 428 -41.00 10.95 18.46
N LEU C 429 -40.92 12.10 17.83
CA LEU C 429 -42.14 12.85 17.54
C LEU C 429 -42.67 12.43 16.18
N SER C 430 -43.90 12.85 15.89
CA SER C 430 -44.54 12.64 14.60
C SER C 430 -45.23 13.95 14.24
N PRO C 431 -45.25 14.32 12.94
CA PRO C 431 -44.74 13.61 11.75
C PRO C 431 -43.23 13.35 11.76
N ALA C 432 -42.79 12.42 10.92
CA ALA C 432 -41.41 11.96 11.05
C ALA C 432 -40.89 11.34 9.76
N PHE C 433 -39.59 11.41 9.57
CA PHE C 433 -38.93 10.55 8.60
C PHE C 433 -38.48 9.29 9.32
N ARG C 434 -38.74 8.14 8.70
CA ARG C 434 -38.40 6.85 9.27
C ARG C 434 -37.60 6.05 8.25
N TYR C 435 -36.71 5.20 8.76
CA TYR C 435 -36.17 4.15 7.91
C TYR C 435 -37.29 3.18 7.54
N GLN C 436 -36.99 2.30 6.61
CA GLN C 436 -37.99 1.36 6.13
C GLN C 436 -37.27 0.23 5.43
N PRO C 437 -37.81 -0.97 5.44
CA PRO C 437 -37.14 -2.09 4.75
C PRO C 437 -36.85 -1.77 3.30
N ASP C 438 -35.93 -2.52 2.71
CA ASP C 438 -35.59 -2.33 1.31
C ASP C 438 -36.77 -2.77 0.44
N PRO C 439 -36.79 -2.37 -0.84
CA PRO C 439 -37.90 -2.80 -1.70
C PRO C 439 -37.80 -4.24 -2.15
N TRP C 440 -36.86 -4.99 -1.59
CA TRP C 440 -36.73 -6.41 -1.92
C TRP C 440 -36.61 -7.27 -0.65
N PHE D 28 -32.16 -9.70 23.48
CA PHE D 28 -30.75 -9.49 23.22
C PHE D 28 -30.49 -8.50 22.09
N PRO D 29 -29.95 -7.33 22.43
CA PRO D 29 -29.72 -6.29 21.40
C PRO D 29 -28.71 -6.75 20.36
N ARG D 30 -29.08 -6.57 19.09
CA ARG D 30 -28.18 -6.82 17.97
C ARG D 30 -27.24 -5.63 17.84
N VAL D 31 -25.95 -5.88 17.90
CA VAL D 31 -24.92 -4.85 17.86
C VAL D 31 -24.15 -5.01 16.56
N LYS D 32 -23.99 -3.93 15.80
CA LYS D 32 -23.30 -4.01 14.53
C LYS D 32 -22.02 -3.18 14.55
N ASN D 33 -20.97 -3.69 13.92
CA ASN D 33 -19.82 -2.87 13.56
C ASN D 33 -19.94 -2.48 12.09
N TRP D 34 -19.96 -1.17 11.83
CA TRP D 34 -20.18 -0.69 10.47
C TRP D 34 -18.91 -0.67 9.62
N GLU D 35 -17.74 -0.83 10.23
CA GLU D 35 -16.50 -0.80 9.47
C GLU D 35 -16.21 -2.15 8.80
N VAL D 36 -16.66 -3.24 9.41
CA VAL D 36 -16.46 -4.59 8.89
C VAL D 36 -17.78 -5.29 8.58
N GLY D 37 -18.91 -4.75 9.04
CA GLY D 37 -20.19 -5.39 8.84
C GLY D 37 -20.55 -6.45 9.85
N SER D 38 -19.67 -6.71 10.81
CA SER D 38 -19.88 -7.81 11.75
C SER D 38 -20.97 -7.46 12.77
N ILE D 39 -21.59 -8.50 13.30
CA ILE D 39 -22.81 -8.40 14.11
C ILE D 39 -22.67 -9.33 15.31
N THR D 40 -22.82 -8.77 16.52
CA THR D 40 -22.90 -9.58 17.73
C THR D 40 -24.17 -9.22 18.49
N TYR D 41 -24.51 -10.07 19.46
CA TYR D 41 -25.63 -9.83 20.36
C TYR D 41 -25.11 -9.67 21.77
N ASP D 42 -25.61 -8.65 22.48
CA ASP D 42 -25.09 -8.37 23.82
C ASP D 42 -25.98 -9.09 24.85
N THR D 43 -25.68 -10.38 25.03
CA THR D 43 -26.37 -11.17 26.05
C THR D 43 -26.05 -10.66 27.45
N LEU D 44 -24.85 -10.12 27.65
CA LEU D 44 -24.46 -9.68 28.99
C LEU D 44 -25.42 -8.62 29.53
N SER D 45 -25.94 -7.76 28.66
CA SER D 45 -26.80 -6.67 29.11
C SER D 45 -28.04 -7.18 29.83
N ALA D 46 -28.49 -8.38 29.49
CA ALA D 46 -29.65 -8.98 30.14
C ALA D 46 -29.46 -9.08 31.64
N GLN D 47 -28.21 -9.16 32.09
CA GLN D 47 -27.88 -9.27 33.51
C GLN D 47 -27.70 -7.92 34.17
N ALA D 48 -28.20 -6.84 33.58
CA ALA D 48 -28.04 -5.51 34.16
C ALA D 48 -28.95 -5.37 35.37
N GLN D 49 -28.34 -5.17 36.53
CA GLN D 49 -29.05 -5.00 37.79
C GLN D 49 -29.62 -3.59 37.88
N GLN D 50 -28.85 -2.66 38.43
CA GLN D 50 -29.32 -1.29 38.62
C GLN D 50 -29.63 -0.65 37.27
N ASP D 51 -30.73 0.08 37.22
CA ASP D 51 -31.25 0.59 35.96
C ASP D 51 -30.65 1.96 35.65
N GLY D 52 -30.62 2.28 34.36
CA GLY D 52 -30.10 3.54 33.89
C GLY D 52 -31.21 4.53 33.58
N PRO D 53 -30.88 5.66 32.97
CA PRO D 53 -31.83 6.77 32.90
C PRO D 53 -32.78 6.76 31.72
N CYS D 54 -32.72 5.74 30.86
CA CYS D 54 -33.47 5.74 29.62
C CYS D 54 -34.74 4.93 29.77
N THR D 55 -35.72 5.29 28.95
CA THR D 55 -37.01 4.65 28.84
C THR D 55 -37.30 4.49 27.36
N PRO D 56 -38.22 3.59 27.00
CA PRO D 56 -38.69 3.57 25.60
C PRO D 56 -39.19 4.94 25.13
N ARG D 57 -39.57 5.83 26.05
CA ARG D 57 -40.14 7.12 25.66
C ARG D 57 -39.06 8.10 25.20
N ARG D 58 -37.86 8.02 25.77
CA ARG D 58 -36.80 8.97 25.48
C ARG D 58 -35.49 8.43 26.03
N CYS D 59 -34.41 8.66 25.29
CA CYS D 59 -33.06 8.19 25.62
C CYS D 59 -32.25 9.34 26.21
N LEU D 60 -31.61 9.10 27.34
CA LEU D 60 -30.82 10.11 28.04
C LEU D 60 -29.37 9.68 28.14
N GLY D 61 -28.91 8.87 27.19
CA GLY D 61 -27.54 8.40 27.20
C GLY D 61 -26.50 9.50 27.06
N SER D 62 -26.89 10.67 26.59
CA SER D 62 -25.96 11.78 26.51
C SER D 62 -25.81 12.55 27.82
N LEU D 63 -26.67 12.29 28.81
CA LEU D 63 -26.58 13.04 30.05
C LEU D 63 -25.38 12.57 30.87
N VAL D 64 -24.69 13.52 31.48
CA VAL D 64 -23.46 13.19 32.21
C VAL D 64 -23.79 12.54 33.54
N PHE D 65 -24.47 13.26 34.43
CA PHE D 65 -24.99 12.70 35.67
C PHE D 65 -26.49 12.51 35.52
N PRO D 66 -26.95 11.31 35.30
CA PRO D 66 -28.39 11.05 35.17
C PRO D 66 -29.11 10.84 36.51
N ARG D 67 -28.89 11.75 37.45
CA ARG D 67 -29.54 11.68 38.75
C ARG D 67 -29.80 13.07 39.32
N ALA D 79 -30.99 -2.72 54.21
CA ALA D 79 -31.68 -3.69 53.36
C ALA D 79 -30.91 -5.01 53.35
N PRO D 80 -31.22 -5.88 54.30
CA PRO D 80 -30.42 -7.13 54.43
C PRO D 80 -30.50 -8.06 53.23
N GLU D 81 -31.71 -8.33 52.74
CA GLU D 81 -31.88 -9.27 51.63
C GLU D 81 -31.41 -8.68 50.29
N GLN D 82 -31.50 -7.37 50.10
CA GLN D 82 -30.93 -6.79 48.89
C GLN D 82 -29.40 -6.83 48.93
N LEU D 83 -28.80 -6.53 50.08
CA LEU D 83 -27.35 -6.65 50.21
C LEU D 83 -26.90 -8.09 49.98
N LEU D 84 -27.72 -9.05 50.44
CA LEU D 84 -27.38 -10.46 50.32
C LEU D 84 -27.41 -10.91 48.87
N SER D 85 -28.42 -10.47 48.11
CA SER D 85 -28.46 -10.84 46.70
C SER D 85 -27.27 -10.27 45.94
N GLN D 86 -26.82 -9.06 46.31
CA GLN D 86 -25.66 -8.47 45.66
C GLN D 86 -24.38 -9.19 46.08
N ALA D 87 -24.24 -9.46 47.38
CA ALA D 87 -23.12 -10.24 47.87
C ALA D 87 -23.05 -11.61 47.18
N ARG D 88 -24.18 -12.32 47.14
CA ARG D 88 -24.18 -13.65 46.55
C ARG D 88 -23.76 -13.58 45.08
N ASP D 89 -24.36 -12.65 44.34
CA ASP D 89 -23.97 -12.53 42.93
C ASP D 89 -22.50 -12.27 42.83
N PHE D 90 -21.98 -11.37 43.66
CA PHE D 90 -20.57 -11.08 43.63
C PHE D 90 -19.74 -12.33 43.92
N ILE D 91 -20.03 -13.03 45.04
CA ILE D 91 -19.34 -14.28 45.35
C ILE D 91 -19.37 -15.22 44.15
N ASN D 92 -20.57 -15.37 43.55
CA ASN D 92 -20.71 -16.20 42.36
C ASN D 92 -19.84 -15.70 41.22
N GLN D 93 -19.64 -14.40 41.15
CA GLN D 93 -18.77 -13.84 40.12
C GLN D 93 -17.33 -14.24 40.38
N TYR D 94 -16.88 -14.05 41.61
CA TYR D 94 -15.51 -14.42 41.99
C TYR D 94 -15.25 -15.89 41.69
N TYR D 95 -16.15 -16.78 42.13
CA TYR D 95 -15.86 -18.20 41.94
C TYR D 95 -15.94 -18.60 40.48
N SER D 96 -16.65 -17.83 39.66
CA SER D 96 -16.55 -18.01 38.22
C SER D 96 -15.16 -17.61 37.71
N SER D 97 -14.65 -16.47 38.18
CA SER D 97 -13.38 -15.97 37.64
C SER D 97 -12.27 -16.99 37.81
N ILE D 98 -12.27 -17.71 38.92
CA ILE D 98 -11.21 -18.67 39.19
C ILE D 98 -11.71 -20.07 38.87
N LYS D 99 -12.67 -20.16 37.94
CA LYS D 99 -13.14 -21.43 37.39
C LYS D 99 -13.41 -22.45 38.50
N ARG D 100 -14.08 -22.01 39.55
CA ARG D 100 -14.37 -22.92 40.66
C ARG D 100 -15.83 -22.79 41.11
N SER D 101 -16.72 -22.50 40.16
CA SER D 101 -18.14 -22.42 40.49
C SER D 101 -18.67 -23.75 41.03
N GLY D 102 -19.49 -23.67 42.06
CA GLY D 102 -20.10 -24.85 42.64
C GLY D 102 -19.19 -25.68 43.52
N SER D 103 -17.93 -25.28 43.69
CA SER D 103 -17.02 -26.04 44.53
C SER D 103 -17.49 -25.97 45.99
N GLN D 104 -16.84 -26.78 46.84
CA GLN D 104 -17.11 -26.68 48.28
C GLN D 104 -16.77 -25.28 48.79
N ALA D 105 -15.59 -24.76 48.43
CA ALA D 105 -15.18 -23.44 48.88
C ALA D 105 -16.18 -22.36 48.45
N HIS D 106 -16.81 -22.54 47.29
CA HIS D 106 -17.83 -21.61 46.82
C HIS D 106 -19.10 -21.69 47.67
N GLU D 107 -19.62 -22.90 47.83
CA GLU D 107 -20.68 -23.15 48.81
C GLU D 107 -20.36 -22.45 50.13
N GLN D 108 -19.17 -22.72 50.66
CA GLN D 108 -18.83 -22.25 51.99
C GLN D 108 -18.72 -20.73 52.06
N ARG D 109 -18.13 -20.09 51.05
CA ARG D 109 -18.00 -18.65 51.13
C ARG D 109 -19.36 -17.98 51.16
N LEU D 110 -20.31 -18.48 50.36
CA LEU D 110 -21.67 -17.93 50.35
C LEU D 110 -22.33 -18.04 51.72
N GLN D 111 -22.40 -19.27 52.24
CA GLN D 111 -22.82 -19.50 53.61
C GLN D 111 -22.07 -18.61 54.58
N GLU D 112 -20.77 -18.45 54.39
CA GLU D 112 -20.00 -17.58 55.27
C GLU D 112 -20.46 -16.14 55.17
N VAL D 113 -20.65 -15.63 53.95
CA VAL D 113 -21.10 -14.26 53.81
C VAL D 113 -22.50 -14.10 54.40
N GLU D 114 -23.38 -15.07 54.15
CA GLU D 114 -24.75 -14.97 54.62
C GLU D 114 -24.83 -14.97 56.14
N ALA D 115 -23.91 -15.67 56.80
CA ALA D 115 -23.88 -15.65 58.25
C ALA D 115 -23.48 -14.27 58.77
N GLU D 116 -22.50 -13.65 58.12
CA GLU D 116 -21.98 -12.39 58.65
C GLU D 116 -22.98 -11.27 58.41
N VAL D 117 -23.70 -11.31 57.30
CA VAL D 117 -24.75 -10.32 57.05
C VAL D 117 -25.84 -10.43 58.12
N ALA D 118 -26.17 -11.64 58.52
CA ALA D 118 -27.26 -11.82 59.49
C ALA D 118 -26.85 -11.44 60.90
N ALA D 119 -25.57 -11.60 61.25
CA ALA D 119 -25.09 -11.15 62.56
C ALA D 119 -24.83 -9.65 62.56
N THR D 120 -24.03 -9.17 61.61
CA THR D 120 -23.52 -7.81 61.69
C THR D 120 -24.30 -6.82 60.86
N GLY D 121 -25.16 -7.29 59.95
CA GLY D 121 -25.79 -6.42 58.98
C GLY D 121 -24.94 -6.12 57.76
N THR D 122 -23.65 -6.45 57.79
CA THR D 122 -22.74 -6.27 56.66
C THR D 122 -21.82 -7.49 56.59
N TYR D 123 -20.83 -7.43 55.72
CA TYR D 123 -19.80 -8.46 55.70
C TYR D 123 -18.50 -7.83 55.25
N GLN D 124 -17.46 -8.65 55.21
CA GLN D 124 -16.16 -8.18 54.74
C GLN D 124 -15.70 -9.00 53.56
N LEU D 125 -15.14 -8.32 52.56
CA LEU D 125 -14.52 -9.05 51.46
C LEU D 125 -13.24 -9.72 51.92
N ARG D 126 -13.04 -10.95 51.49
CA ARG D 126 -11.69 -11.49 51.54
C ARG D 126 -10.78 -10.61 50.70
N GLU D 127 -9.50 -10.58 51.06
CA GLU D 127 -8.52 -9.84 50.26
C GLU D 127 -8.68 -10.14 48.78
N SER D 128 -8.79 -11.42 48.42
CA SER D 128 -8.79 -11.82 47.03
CA SER D 128 -8.78 -11.81 47.02
C SER D 128 -10.05 -11.38 46.31
N GLU D 129 -11.17 -11.32 47.03
CA GLU D 129 -12.41 -10.80 46.48
C GLU D 129 -12.32 -9.30 46.30
N LEU D 130 -11.51 -8.61 47.10
CA LEU D 130 -11.36 -7.18 46.90
C LEU D 130 -10.56 -6.90 45.63
N VAL D 131 -9.41 -7.57 45.46
CA VAL D 131 -8.67 -7.38 44.21
C VAL D 131 -9.58 -7.68 43.03
N PHE D 132 -10.29 -8.80 43.08
CA PHE D 132 -11.14 -9.18 41.97
C PHE D 132 -12.21 -8.13 41.73
N GLY D 133 -12.83 -7.63 42.81
CA GLY D 133 -13.91 -6.66 42.67
C GLY D 133 -13.46 -5.36 42.06
N ALA D 134 -12.28 -4.85 42.44
CA ALA D 134 -11.79 -3.61 41.86
C ALA D 134 -11.53 -3.77 40.38
N LYS D 135 -10.88 -4.88 40.02
CA LYS D 135 -10.67 -5.18 38.62
C LYS D 135 -11.99 -5.22 37.87
N GLN D 136 -13.02 -5.85 38.49
CA GLN D 136 -14.31 -5.95 37.82
C GLN D 136 -15.00 -4.62 37.70
N ALA D 137 -14.83 -3.75 38.71
CA ALA D 137 -15.45 -2.43 38.68
C ALA D 137 -14.91 -1.61 37.51
N TRP D 138 -13.58 -1.69 37.29
CA TRP D 138 -12.95 -1.17 36.08
C TRP D 138 -13.52 -1.86 34.85
N ARG D 139 -13.52 -3.19 34.84
CA ARG D 139 -13.97 -3.93 33.66
C ARG D 139 -15.38 -3.54 33.26
N ASN D 140 -16.20 -3.15 34.23
CA ASN D 140 -17.60 -2.80 34.05
C ASN D 140 -17.84 -1.33 33.76
N ALA D 141 -16.78 -0.47 33.82
CA ALA D 141 -16.99 0.96 33.67
C ALA D 141 -17.27 1.29 32.21
N PRO D 142 -18.53 1.60 31.87
CA PRO D 142 -18.90 1.75 30.45
C PRO D 142 -18.19 2.89 29.75
N ARG D 143 -17.89 3.96 30.46
CA ARG D 143 -17.25 5.15 29.94
C ARG D 143 -15.74 5.09 29.86
N CYS D 144 -15.10 4.01 30.33
CA CYS D 144 -13.63 3.94 30.31
C CYS D 144 -13.17 3.25 29.04
N VAL D 145 -12.31 3.94 28.29
CA VAL D 145 -11.87 3.41 27.00
C VAL D 145 -10.61 2.56 27.16
N GLY D 146 -9.91 2.66 28.28
CA GLY D 146 -8.70 1.89 28.46
C GLY D 146 -8.89 0.58 29.23
N ARG D 147 -10.01 -0.10 29.02
CA ARG D 147 -10.31 -1.29 29.81
C ARG D 147 -9.68 -2.56 29.24
N ILE D 148 -8.91 -2.49 28.15
CA ILE D 148 -8.09 -3.64 27.77
C ILE D 148 -7.15 -3.99 28.90
N GLN D 149 -6.81 -3.01 29.73
CA GLN D 149 -5.89 -3.13 30.84
C GLN D 149 -6.54 -3.69 32.12
N TRP D 150 -7.84 -4.03 32.08
CA TRP D 150 -8.60 -4.19 33.33
C TRP D 150 -8.02 -5.27 34.23
N GLY D 151 -7.31 -6.24 33.66
CA GLY D 151 -6.65 -7.26 34.47
C GLY D 151 -5.32 -6.84 35.09
N LYS D 152 -4.68 -5.78 34.57
CA LYS D 152 -3.43 -5.26 35.13
C LYS D 152 -3.79 -4.06 35.99
N LEU D 153 -4.08 -4.35 37.25
CA LEU D 153 -4.50 -3.33 38.20
C LEU D 153 -3.85 -3.71 39.51
N GLN D 154 -3.07 -2.80 40.07
CA GLN D 154 -2.47 -2.98 41.38
C GLN D 154 -3.49 -2.52 42.42
N VAL D 155 -3.94 -3.45 43.26
CA VAL D 155 -4.96 -3.18 44.26
C VAL D 155 -4.23 -3.02 45.60
N PHE D 156 -4.23 -1.81 46.14
CA PHE D 156 -3.69 -1.54 47.46
C PHE D 156 -4.83 -1.59 48.49
N ASP D 157 -4.69 -2.46 49.49
CA ASP D 157 -5.73 -2.67 50.50
C ASP D 157 -5.48 -1.70 51.65
N ALA D 158 -6.25 -0.63 51.71
CA ALA D 158 -6.12 0.30 52.81
C ALA D 158 -7.29 0.20 53.78
N ARG D 159 -7.95 -0.96 53.86
CA ARG D 159 -9.18 -1.07 54.65
C ARG D 159 -8.94 -0.95 56.13
N ASP D 160 -7.70 -1.10 56.59
CA ASP D 160 -7.37 -0.87 58.00
C ASP D 160 -6.93 0.55 58.26
N CYS D 161 -7.02 1.42 57.25
CA CYS D 161 -6.74 2.84 57.43
C CYS D 161 -7.64 3.42 58.51
N ARG D 162 -7.10 4.34 59.29
CA ARG D 162 -7.84 4.81 60.44
C ARG D 162 -7.76 6.30 60.72
N SER D 163 -7.04 7.08 59.93
CA SER D 163 -7.11 8.51 60.11
C SER D 163 -6.81 9.19 58.78
N ALA D 164 -6.93 10.53 58.78
CA ALA D 164 -6.63 11.29 57.56
C ALA D 164 -5.15 11.24 57.25
N GLN D 165 -4.31 11.14 58.28
CA GLN D 165 -2.87 11.05 58.06
C GLN D 165 -2.50 9.68 57.48
N GLU D 166 -3.11 8.60 57.97
CA GLU D 166 -2.92 7.30 57.34
C GLU D 166 -3.42 7.30 55.91
N MET D 167 -4.49 8.04 55.65
CA MET D 167 -5.00 8.20 54.29
C MET D 167 -3.95 8.82 53.39
N PHE D 168 -3.37 9.94 53.86
CA PHE D 168 -2.36 10.64 53.09
C PHE D 168 -1.16 9.77 52.80
N THR D 169 -0.73 8.96 53.78
CA THR D 169 0.39 8.07 53.54
C THR D 169 0.01 7.03 52.49
N TYR D 170 -1.16 6.42 52.64
CA TYR D 170 -1.62 5.50 51.60
C TYR D 170 -1.72 6.17 50.23
N ILE D 171 -1.99 7.47 50.18
CA ILE D 171 -2.19 8.15 48.90
C ILE D 171 -0.85 8.50 48.28
N CYS D 172 0.12 8.92 49.10
CA CYS D 172 1.47 9.13 48.58
C CYS D 172 2.07 7.83 48.08
N ASN D 173 1.88 6.73 48.81
CA ASN D 173 2.38 5.45 48.34
C ASN D 173 1.77 5.08 46.99
N HIS D 174 0.46 5.35 46.82
CA HIS D 174 -0.19 5.08 45.55
C HIS D 174 0.41 5.96 44.45
N ILE D 175 0.49 7.28 44.68
CA ILE D 175 1.00 8.20 43.66
C ILE D 175 2.40 7.77 43.25
N LYS D 176 3.24 7.51 44.24
CA LYS D 176 4.58 7.03 43.99
C LYS D 176 4.55 5.76 43.15
N TYR D 177 3.86 4.72 43.64
CA TYR D 177 3.83 3.45 42.92
C TYR D 177 3.32 3.63 41.49
N ALA D 178 2.20 4.36 41.35
CA ALA D 178 1.54 4.46 40.05
C ALA D 178 2.36 5.31 39.08
N THR D 179 2.91 6.42 39.56
CA THR D 179 3.75 7.25 38.71
C THR D 179 4.97 6.49 38.26
N ASN D 180 5.76 6.01 39.22
CA ASN D 180 6.90 5.15 38.90
C ASN D 180 7.88 5.90 37.99
N ARG D 181 8.15 7.14 38.37
CA ARG D 181 9.06 8.05 37.67
C ARG D 181 8.72 8.19 36.18
N GLY D 182 7.44 8.00 35.85
CA GLY D 182 6.94 8.17 34.50
C GLY D 182 6.49 6.89 33.82
N ASN D 183 6.81 5.71 34.35
CA ASN D 183 6.39 4.47 33.71
C ASN D 183 5.12 4.01 34.42
N LEU D 184 4.00 4.58 33.99
CA LEU D 184 2.79 4.55 34.78
C LEU D 184 2.27 3.13 34.96
N ARG D 185 1.81 2.86 36.17
CA ARG D 185 1.21 1.59 36.56
C ARG D 185 -0.18 1.85 37.13
N SER D 186 -1.16 1.11 36.63
CA SER D 186 -2.52 1.28 37.10
C SER D 186 -2.63 0.79 38.52
N ALA D 187 -3.32 1.58 39.35
CA ALA D 187 -3.42 1.22 40.76
C ALA D 187 -4.75 1.67 41.30
N ILE D 188 -5.18 1.03 42.38
CA ILE D 188 -6.32 1.51 43.15
C ILE D 188 -6.03 1.23 44.62
N THR D 189 -6.25 2.24 45.45
CA THR D 189 -6.16 2.11 46.90
C THR D 189 -7.57 2.11 47.46
N VAL D 190 -7.93 1.07 48.19
CA VAL D 190 -9.29 0.92 48.68
C VAL D 190 -9.28 1.23 50.17
N PHE D 191 -9.82 2.39 50.52
CA PHE D 191 -10.01 2.77 51.92
C PHE D 191 -11.23 2.07 52.49
N PRO D 192 -11.49 2.21 53.81
CA PRO D 192 -12.49 1.34 54.45
C PRO D 192 -13.89 1.56 53.93
N GLN D 193 -14.66 0.49 53.94
CA GLN D 193 -15.99 0.54 53.39
C GLN D 193 -16.92 1.39 54.26
N ARG D 194 -18.00 1.82 53.65
CA ARG D 194 -19.07 2.46 54.40
C ARG D 194 -19.63 1.48 55.42
N CYS D 195 -19.83 1.94 56.66
CA CYS D 195 -20.50 1.11 57.64
C CYS D 195 -21.33 1.98 58.56
N PRO D 196 -22.42 1.44 59.12
CA PRO D 196 -23.32 2.28 59.92
C PRO D 196 -22.66 2.80 61.18
N GLY D 197 -23.11 3.97 61.61
CA GLY D 197 -22.59 4.58 62.81
C GLY D 197 -21.16 5.01 62.69
N ARG D 198 -20.71 5.27 61.47
CA ARG D 198 -19.36 5.74 61.19
C ARG D 198 -19.44 6.49 59.88
N GLY D 199 -18.90 7.71 59.88
CA GLY D 199 -18.82 8.46 58.64
C GLY D 199 -17.90 7.78 57.64
N ASP D 200 -18.02 8.22 56.39
CA ASP D 200 -17.20 7.69 55.30
C ASP D 200 -15.82 8.30 55.32
N PHE D 201 -14.81 7.52 54.95
CA PHE D 201 -13.62 8.14 54.37
C PHE D 201 -14.04 8.83 53.07
N ARG D 202 -13.58 10.07 52.88
CA ARG D 202 -13.73 10.73 51.59
C ARG D 202 -12.48 11.51 51.21
N ILE D 203 -12.19 11.52 49.93
CA ILE D 203 -11.22 12.42 49.34
C ILE D 203 -12.02 13.53 48.68
N TRP D 204 -11.88 14.76 49.16
CA TRP D 204 -12.73 15.81 48.59
C TRP D 204 -12.32 16.15 47.16
N ASN D 205 -11.02 16.07 46.88
CA ASN D 205 -10.52 16.32 45.54
C ASN D 205 -11.07 15.30 44.57
N SER D 206 -11.45 15.79 43.37
CA SER D 206 -11.93 14.91 42.32
C SER D 206 -10.80 14.07 41.73
N GLN D 207 -9.57 14.58 41.82
CA GLN D 207 -8.39 13.80 41.43
C GLN D 207 -7.27 14.04 42.42
N LEU D 208 -6.41 13.06 42.56
CA LEU D 208 -5.25 13.23 43.41
C LEU D 208 -4.43 14.44 42.98
N VAL D 209 -4.19 14.59 41.69
CA VAL D 209 -3.46 15.74 41.17
C VAL D 209 -4.44 16.59 40.39
N ARG D 210 -4.56 17.86 40.79
CA ARG D 210 -5.41 18.82 40.12
C ARG D 210 -4.73 20.17 40.20
N TYR D 211 -4.89 20.97 39.16
CA TYR D 211 -4.30 22.29 39.15
C TYR D 211 -5.30 23.28 39.75
N ALA D 212 -4.79 24.20 40.57
CA ALA D 212 -5.65 25.20 41.18
C ALA D 212 -6.38 26.02 40.13
N GLY D 213 -7.55 26.51 40.51
CA GLY D 213 -8.31 27.41 39.67
C GLY D 213 -8.82 28.57 40.48
N TYR D 214 -8.26 29.75 40.27
CA TYR D 214 -8.53 30.92 41.11
C TYR D 214 -9.58 31.81 40.44
N ARG D 215 -10.77 31.85 41.02
CA ARG D 215 -11.74 32.88 40.68
C ARG D 215 -11.07 34.25 40.77
N GLN D 216 -11.15 35.01 39.69
CA GLN D 216 -10.32 36.20 39.59
C GLN D 216 -11.08 37.45 39.98
N GLN D 217 -10.35 38.57 40.01
CA GLN D 217 -10.94 39.89 40.23
C GLN D 217 -12.14 40.09 39.30
N ASP D 218 -12.01 39.65 38.04
CA ASP D 218 -12.99 39.96 36.99
C ASP D 218 -14.24 39.10 37.06
N GLY D 219 -14.15 37.89 37.56
CA GLY D 219 -15.10 36.84 37.25
C GLY D 219 -14.51 35.81 36.31
N SER D 220 -13.33 36.09 35.77
CA SER D 220 -12.55 35.13 35.01
C SER D 220 -11.94 34.10 35.99
N VAL D 221 -11.09 33.23 35.47
CA VAL D 221 -10.37 32.25 36.27
C VAL D 221 -8.93 32.23 35.81
N ARG D 222 -8.00 32.20 36.77
CA ARG D 222 -6.61 31.89 36.49
C ARG D 222 -6.32 30.48 36.99
N GLY D 223 -5.92 29.60 36.09
CA GLY D 223 -5.72 28.21 36.43
C GLY D 223 -6.77 27.38 35.74
N ASP D 224 -7.12 26.27 36.35
CA ASP D 224 -8.12 25.39 35.77
C ASP D 224 -9.49 25.77 36.29
N PRO D 225 -10.41 26.22 35.44
CA PRO D 225 -11.76 26.53 35.92
C PRO D 225 -12.50 25.31 36.46
N ALA D 226 -12.11 24.10 36.05
CA ALA D 226 -12.75 22.90 36.56
C ALA D 226 -12.60 22.77 38.08
N ASN D 227 -11.61 23.43 38.67
CA ASN D 227 -11.24 23.23 40.06
C ASN D 227 -11.43 24.50 40.88
N VAL D 228 -12.28 25.41 40.42
CA VAL D 228 -12.57 26.62 41.19
C VAL D 228 -13.20 26.27 42.53
N GLU D 229 -14.08 25.27 42.54
CA GLU D 229 -14.77 24.94 43.79
C GLU D 229 -13.82 24.31 44.79
N ILE D 230 -13.09 23.27 44.36
CA ILE D 230 -12.20 22.61 45.28
C ILE D 230 -11.04 23.53 45.67
N THR D 231 -10.72 24.52 44.82
CA THR D 231 -9.73 25.53 45.19
C THR D 231 -10.23 26.40 46.34
N GLU D 232 -11.46 26.91 46.22
CA GLU D 232 -12.02 27.73 47.29
C GLU D 232 -12.10 26.95 48.60
N LEU D 233 -12.45 25.67 48.52
CA LEU D 233 -12.52 24.87 49.73
C LEU D 233 -11.13 24.68 50.34
N CYS D 234 -10.08 24.62 49.50
CA CYS D 234 -8.73 24.48 50.03
C CYS D 234 -8.29 25.76 50.76
N ILE D 235 -8.46 26.92 50.10
CA ILE D 235 -8.15 28.19 50.75
C ILE D 235 -8.85 28.27 52.09
N GLN D 236 -10.16 28.01 52.07
CA GLN D 236 -10.97 28.09 53.27
C GLN D 236 -10.45 27.17 54.36
N HIS D 237 -9.80 26.07 53.98
CA HIS D 237 -9.23 25.14 54.94
C HIS D 237 -7.75 25.39 55.22
N GLY D 238 -7.24 26.58 54.86
CA GLY D 238 -5.95 27.04 55.30
C GLY D 238 -4.84 26.99 54.27
N TRP D 239 -5.06 26.39 53.11
CA TRP D 239 -3.97 26.28 52.13
C TRP D 239 -3.60 27.66 51.62
N THR D 240 -2.34 28.02 51.75
CA THR D 240 -1.92 29.29 51.19
C THR D 240 -1.96 29.18 49.68
N PRO D 241 -2.78 29.97 48.99
CA PRO D 241 -2.86 29.84 47.53
C PRO D 241 -1.63 30.41 46.86
N GLY D 242 -1.32 29.85 45.68
CA GLY D 242 -0.40 30.45 44.75
C GLY D 242 -1.14 31.37 43.80
N ASN D 243 -0.42 31.75 42.72
CA ASN D 243 -1.01 32.57 41.67
C ASN D 243 -0.63 32.11 40.27
N GLY D 244 -0.10 30.90 40.11
CA GLY D 244 0.20 30.38 38.78
C GLY D 244 -1.01 29.76 38.12
N ARG D 245 -0.82 29.37 36.86
CA ARG D 245 -1.86 28.66 36.13
C ARG D 245 -1.84 27.16 36.40
N PHE D 246 -0.75 26.64 36.97
CA PHE D 246 -0.62 25.20 37.20
C PHE D 246 -0.13 24.92 38.62
N ASP D 247 -0.80 25.53 39.60
CA ASP D 247 -0.49 25.26 41.00
C ASP D 247 -1.18 23.97 41.40
N VAL D 248 -0.40 22.99 41.82
CA VAL D 248 -1.00 21.73 42.24
C VAL D 248 -1.76 21.94 43.55
N LEU D 249 -3.01 21.51 43.57
CA LEU D 249 -3.81 21.69 44.77
C LEU D 249 -3.33 20.79 45.90
N PRO D 250 -3.56 21.19 47.15
CA PRO D 250 -3.38 20.25 48.26
C PRO D 250 -4.56 19.29 48.30
N LEU D 251 -4.37 18.19 49.01
CA LEU D 251 -5.46 17.25 49.21
C LEU D 251 -6.24 17.62 50.47
N LEU D 252 -7.56 17.56 50.36
CA LEU D 252 -8.46 17.63 51.50
C LEU D 252 -8.92 16.21 51.75
N LEU D 253 -8.49 15.63 52.86
CA LEU D 253 -8.84 14.26 53.20
C LEU D 253 -9.79 14.26 54.39
N GLN D 254 -10.85 13.47 54.27
CA GLN D 254 -11.88 13.38 55.30
C GLN D 254 -11.85 11.99 55.92
N ALA D 255 -11.47 11.92 57.18
CA ALA D 255 -11.66 10.69 57.92
C ALA D 255 -13.06 10.67 58.53
N PRO D 256 -13.58 9.48 58.84
CA PRO D 256 -14.93 9.39 59.41
C PRO D 256 -15.18 10.42 60.49
N ASP D 257 -16.24 11.22 60.30
CA ASP D 257 -16.82 12.11 61.30
C ASP D 257 -15.88 13.22 61.73
N GLU D 258 -14.93 13.56 60.88
CA GLU D 258 -14.05 14.69 61.04
C GLU D 258 -14.18 15.60 59.83
N PRO D 259 -13.95 16.90 59.97
CA PRO D 259 -13.84 17.77 58.79
C PRO D 259 -12.61 17.42 57.97
N PRO D 260 -12.55 17.83 56.72
CA PRO D 260 -11.41 17.44 55.89
C PRO D 260 -10.12 18.07 56.40
N GLU D 261 -9.04 17.32 56.26
CA GLU D 261 -7.71 17.75 56.66
C GLU D 261 -6.87 18.07 55.43
N LEU D 262 -6.25 19.24 55.43
CA LEU D 262 -5.41 19.66 54.33
C LEU D 262 -4.04 18.99 54.42
N PHE D 263 -3.57 18.44 53.30
CA PHE D 263 -2.27 17.78 53.15
C PHE D 263 -1.63 18.26 51.85
N LEU D 264 -0.35 18.65 51.91
CA LEU D 264 0.38 19.09 50.73
C LEU D 264 1.12 17.90 50.10
N LEU D 265 0.96 17.74 48.80
CA LEU D 265 1.70 16.69 48.13
C LEU D 265 3.15 17.14 47.96
N PRO D 266 4.13 16.30 48.29
CA PRO D 266 5.52 16.63 48.00
C PRO D 266 5.69 16.90 46.52
N PRO D 267 6.13 18.10 46.15
CA PRO D 267 6.39 18.39 44.73
C PRO D 267 7.09 17.26 43.99
N GLU D 268 8.06 16.60 44.63
CA GLU D 268 8.79 15.52 43.98
C GLU D 268 7.93 14.29 43.74
N LEU D 269 6.74 14.21 44.34
CA LEU D 269 5.80 13.13 44.09
C LEU D 269 4.88 13.40 42.91
N VAL D 270 4.76 14.66 42.49
CA VAL D 270 3.82 15.08 41.45
C VAL D 270 4.63 15.29 40.17
N LEU D 271 4.64 14.26 39.33
CA LEU D 271 5.35 14.32 38.06
C LEU D 271 4.57 15.14 37.04
N GLU D 272 5.24 16.11 36.44
CA GLU D 272 4.63 17.01 35.48
C GLU D 272 5.40 17.02 34.18
N VAL D 273 4.67 17.22 33.08
CA VAL D 273 5.23 17.26 31.74
C VAL D 273 5.15 18.69 31.24
N PRO D 274 6.28 19.38 31.08
CA PRO D 274 6.26 20.65 30.34
C PRO D 274 5.89 20.34 28.91
N LEU D 275 5.00 21.17 28.36
CA LEU D 275 4.51 20.95 27.01
C LEU D 275 5.35 21.76 26.03
N GLU D 276 5.87 21.06 25.02
CA GLU D 276 6.49 21.68 23.88
C GLU D 276 5.98 20.96 22.64
N HIS D 277 6.13 21.60 21.49
CA HIS D 277 5.77 21.01 20.21
C HIS D 277 7.04 20.64 19.45
N PRO D 278 7.05 19.48 18.79
CA PRO D 278 8.28 19.04 18.13
C PRO D 278 8.75 20.02 17.08
N THR D 279 7.84 20.56 16.28
CA THR D 279 8.26 21.53 15.31
C THR D 279 7.85 22.94 15.67
N LEU D 280 6.81 23.17 16.47
CA LEU D 280 6.46 24.55 16.82
C LEU D 280 7.20 24.98 18.08
N GLU D 281 8.30 25.72 17.89
CA GLU D 281 9.21 26.04 18.99
C GLU D 281 8.68 27.14 19.89
N TRP D 282 7.87 28.05 19.35
CA TRP D 282 7.24 29.02 20.25
C TRP D 282 6.34 28.33 21.26
N PHE D 283 5.92 27.09 20.97
CA PHE D 283 4.91 26.45 21.82
C PHE D 283 5.41 26.32 23.25
N ALA D 284 6.69 26.02 23.45
CA ALA D 284 7.19 25.91 24.83
C ALA D 284 6.97 27.21 25.58
N ALA D 285 7.09 28.35 24.91
CA ALA D 285 6.94 29.63 25.59
C ALA D 285 5.52 29.90 26.06
N LEU D 286 4.54 29.09 25.62
CA LEU D 286 3.20 29.20 26.16
C LEU D 286 3.19 28.93 27.67
N GLY D 287 4.10 28.09 28.15
CA GLY D 287 4.16 27.82 29.56
C GLY D 287 3.18 26.75 29.99
N LEU D 288 2.87 25.81 29.10
CA LEU D 288 1.90 24.79 29.38
C LEU D 288 2.55 23.55 29.97
N ARG D 289 1.85 22.95 30.92
CA ARG D 289 2.31 21.73 31.57
C ARG D 289 1.08 20.95 31.99
N TRP D 290 1.19 19.62 31.99
CA TRP D 290 0.18 18.78 32.60
C TRP D 290 0.88 17.75 33.47
N TYR D 291 0.10 17.13 34.35
CA TYR D 291 0.68 16.17 35.28
C TYR D 291 0.63 14.76 34.70
N ALA D 292 1.49 13.90 35.26
CA ALA D 292 1.67 12.58 34.68
C ALA D 292 0.47 11.70 34.92
N LEU D 293 -0.16 11.85 36.08
CA LEU D 293 -0.92 10.78 36.71
C LEU D 293 -2.38 11.17 36.81
N PRO D 294 -3.25 10.56 36.03
CA PRO D 294 -4.70 10.78 36.19
C PRO D 294 -5.27 9.87 37.26
N ALA D 295 -5.60 10.42 38.42
CA ALA D 295 -6.05 9.58 39.53
C ALA D 295 -7.38 10.10 40.05
N VAL D 296 -8.46 9.48 39.60
CA VAL D 296 -9.81 9.85 40.02
C VAL D 296 -9.98 9.47 41.49
N SER D 297 -10.34 10.45 42.33
CA SER D 297 -10.41 10.25 43.76
C SER D 297 -11.80 10.46 44.36
N ASN D 298 -12.84 10.72 43.55
CA ASN D 298 -14.14 11.04 44.11
C ASN D 298 -15.24 10.07 43.72
N MET D 299 -14.94 8.99 43.03
CA MET D 299 -16.00 8.03 42.81
C MET D 299 -16.03 6.98 43.91
N LEU D 300 -17.21 6.39 44.09
CA LEU D 300 -17.45 5.32 45.03
C LEU D 300 -17.28 3.98 44.32
N LEU D 301 -16.70 3.05 45.02
CA LEU D 301 -16.50 1.73 44.47
C LEU D 301 -17.42 0.79 45.22
N GLU D 302 -18.14 -0.05 44.47
CA GLU D 302 -19.21 -0.87 44.99
C GLU D 302 -18.92 -2.31 44.62
N ILE D 303 -18.80 -3.17 45.63
CA ILE D 303 -18.45 -4.58 45.43
C ILE D 303 -19.37 -5.44 46.29
N GLY D 304 -20.17 -6.27 45.64
CA GLY D 304 -21.06 -7.17 46.36
C GLY D 304 -21.96 -6.46 47.36
N GLY D 305 -22.46 -5.29 46.99
CA GLY D 305 -23.29 -4.51 47.87
C GLY D 305 -22.55 -3.64 48.85
N LEU D 306 -21.24 -3.81 48.99
CA LEU D 306 -20.45 -2.98 49.88
C LEU D 306 -19.98 -1.75 49.12
N GLU D 307 -19.93 -0.65 49.84
CA GLU D 307 -19.62 0.62 49.21
C GLU D 307 -18.32 1.13 49.77
N PHE D 308 -17.45 1.63 48.91
CA PHE D 308 -16.19 2.19 49.39
C PHE D 308 -16.14 3.64 48.92
N PRO D 309 -16.45 4.60 49.79
CA PRO D 309 -16.56 6.00 49.36
C PRO D 309 -15.23 6.63 48.99
N ALA D 310 -14.12 6.09 49.45
CA ALA D 310 -12.79 6.58 49.06
C ALA D 310 -12.02 5.37 48.54
N ALA D 311 -11.76 5.37 47.24
CA ALA D 311 -11.05 4.29 46.56
C ALA D 311 -10.36 4.85 45.32
N PRO D 312 -9.42 5.77 45.48
CA PRO D 312 -8.80 6.42 44.32
C PRO D 312 -8.15 5.42 43.39
N PHE D 313 -8.43 5.57 42.10
CA PHE D 313 -7.81 4.78 41.05
C PHE D 313 -7.16 5.70 40.03
N SER D 314 -6.20 5.13 39.31
CA SER D 314 -5.37 5.88 38.38
C SER D 314 -4.88 4.92 37.32
N GLY D 315 -4.70 5.45 36.12
CA GLY D 315 -4.09 4.70 35.04
C GLY D 315 -3.09 5.63 34.40
N TRP D 316 -3.14 5.74 33.08
CA TRP D 316 -2.41 6.78 32.40
C TRP D 316 -3.36 7.50 31.45
N TYR D 317 -2.86 8.60 30.91
CA TYR D 317 -3.70 9.47 30.12
C TYR D 317 -3.84 8.96 28.71
N MET D 318 -5.04 9.16 28.15
CA MET D 318 -5.19 9.24 26.71
C MET D 318 -4.99 10.70 26.33
N SER D 319 -4.12 10.95 25.34
CA SER D 319 -3.60 12.30 25.13
C SER D 319 -4.69 13.32 24.87
N THR D 320 -5.79 12.90 24.25
CA THR D 320 -6.89 13.82 23.97
C THR D 320 -7.52 14.37 25.24
N GLU D 321 -7.41 13.68 26.37
CA GLU D 321 -7.96 14.28 27.59
C GLU D 321 -7.21 15.56 27.93
N ILE D 322 -5.89 15.53 27.79
CA ILE D 322 -5.10 16.73 28.03
C ILE D 322 -5.23 17.69 26.84
N GLY D 323 -4.90 17.21 25.65
CA GLY D 323 -4.75 18.12 24.51
C GLY D 323 -6.07 18.72 24.06
N THR D 324 -7.09 17.88 23.88
CA THR D 324 -8.37 18.41 23.42
C THR D 324 -9.17 18.98 24.58
N ARG D 325 -9.53 18.13 25.54
CA ARG D 325 -10.48 18.51 26.58
C ARG D 325 -9.89 19.53 27.56
N ASN D 326 -8.84 19.15 28.28
CA ASN D 326 -8.32 20.03 29.34
C ASN D 326 -7.74 21.33 28.77
N LEU D 327 -7.11 21.26 27.60
CA LEU D 327 -6.52 22.48 27.07
C LEU D 327 -7.43 23.24 26.11
N CYS D 328 -8.33 22.58 25.37
CA CYS D 328 -9.14 23.31 24.39
C CYS D 328 -10.63 23.41 24.73
N ASP D 329 -11.12 22.77 25.80
CA ASP D 329 -12.48 23.06 26.23
C ASP D 329 -12.57 24.56 26.51
N PRO D 330 -13.59 25.24 25.99
CA PRO D 330 -13.71 26.69 26.24
C PRO D 330 -13.75 27.03 27.72
N HIS D 331 -14.41 26.19 28.53
CA HIS D 331 -14.53 26.33 29.97
C HIS D 331 -13.36 25.74 30.73
N ARG D 332 -12.32 25.35 30.02
CA ARG D 332 -11.12 24.82 30.65
C ARG D 332 -9.97 25.79 30.35
N TYR D 333 -8.80 25.33 29.93
CA TYR D 333 -7.71 26.27 29.72
C TYR D 333 -7.93 27.12 28.49
N ASN D 334 -8.68 26.61 27.51
CA ASN D 334 -9.22 27.43 26.42
C ASN D 334 -8.10 28.16 25.67
N ILE D 335 -7.11 27.40 25.22
CA ILE D 335 -5.96 27.97 24.54
C ILE D 335 -6.09 27.92 23.02
N LEU D 336 -7.18 27.35 22.51
CA LEU D 336 -7.26 26.99 21.10
C LEU D 336 -7.09 28.20 20.19
N GLU D 337 -7.73 29.31 20.52
CA GLU D 337 -7.59 30.51 19.70
C GLU D 337 -6.17 31.04 19.74
N ASP D 338 -5.51 30.94 20.90
CA ASP D 338 -4.18 31.51 21.02
C ASP D 338 -3.16 30.69 20.26
N VAL D 339 -3.26 29.36 20.37
CA VAL D 339 -2.41 28.49 19.58
C VAL D 339 -2.60 28.77 18.09
N ALA D 340 -3.87 28.89 17.67
CA ALA D 340 -4.16 29.10 16.25
C ALA D 340 -3.59 30.42 15.75
N VAL D 341 -3.76 31.49 16.51
CA VAL D 341 -3.16 32.78 16.17
C VAL D 341 -1.65 32.67 16.12
N CYS D 342 -1.07 31.99 17.11
CA CYS D 342 0.37 31.77 17.10
C CYS D 342 0.81 30.99 15.88
N MET D 343 -0.02 30.07 15.41
CA MET D 343 0.29 29.31 14.21
C MET D 343 0.05 30.10 12.94
N ASP D 344 -0.34 31.37 13.07
CA ASP D 344 -0.74 32.21 11.95
C ASP D 344 -1.85 31.58 11.12
N LEU D 345 -2.76 30.88 11.79
CA LEU D 345 -3.98 30.46 11.15
C LEU D 345 -4.94 31.64 11.02
N ASP D 346 -5.91 31.51 10.12
CA ASP D 346 -6.91 32.56 9.92
C ASP D 346 -8.06 32.28 10.86
N THR D 347 -7.99 32.88 12.05
CA THR D 347 -9.00 32.66 13.09
C THR D 347 -10.32 33.37 12.83
N ARG D 348 -10.45 34.10 11.72
CA ARG D 348 -11.62 34.94 11.54
C ARG D 348 -12.71 34.27 10.71
N THR D 349 -12.54 33.02 10.30
CA THR D 349 -13.65 32.27 9.74
C THR D 349 -13.49 30.81 10.10
N THR D 350 -14.60 30.15 10.38
CA THR D 350 -14.57 28.75 10.79
C THR D 350 -14.10 27.85 9.64
N SER D 351 -14.30 28.29 8.40
CA SER D 351 -14.07 27.40 7.27
C SER D 351 -12.59 27.16 6.97
N SER D 352 -11.68 27.96 7.54
CA SER D 352 -10.27 27.58 7.48
C SER D 352 -9.98 26.35 8.32
N LEU D 353 -10.89 26.00 9.24
CA LEU D 353 -10.68 24.89 10.14
C LEU D 353 -9.45 25.11 11.01
N TRP D 354 -9.24 26.38 11.39
CA TRP D 354 -8.16 26.71 12.31
C TRP D 354 -8.34 26.00 13.66
N LYS D 355 -9.57 25.94 14.17
CA LYS D 355 -9.78 25.25 15.44
C LYS D 355 -9.29 23.81 15.37
N ASP D 356 -9.63 23.12 14.27
CA ASP D 356 -9.21 21.74 14.10
C ASP D 356 -7.69 21.63 13.98
N LYS D 357 -7.07 22.54 13.21
CA LYS D 357 -5.63 22.46 13.00
C LYS D 357 -4.87 22.79 14.28
N ALA D 358 -5.28 23.84 14.99
CA ALA D 358 -4.57 24.16 16.21
C ALA D 358 -4.77 23.04 17.23
N ALA D 359 -5.96 22.46 17.26
CA ALA D 359 -6.20 21.42 18.26
C ALA D 359 -5.44 20.15 17.94
N VAL D 360 -5.27 19.83 16.66
CA VAL D 360 -4.46 18.66 16.32
C VAL D 360 -3.04 18.88 16.82
N GLU D 361 -2.49 20.08 16.60
CA GLU D 361 -1.13 20.37 17.04
C GLU D 361 -1.01 20.40 18.55
N ILE D 362 -2.04 20.86 19.28
CA ILE D 362 -1.96 20.77 20.73
C ILE D 362 -1.95 19.32 21.15
N ASN D 363 -2.67 18.47 20.43
CA ASN D 363 -2.60 17.04 20.70
C ASN D 363 -1.26 16.45 20.29
N VAL D 364 -0.64 16.96 19.20
CA VAL D 364 0.72 16.50 18.88
C VAL D 364 1.67 16.87 20.00
N ALA D 365 1.65 18.13 20.44
CA ALA D 365 2.54 18.57 21.50
C ALA D 365 2.42 17.71 22.77
N VAL D 366 1.18 17.43 23.20
CA VAL D 366 0.97 16.61 24.38
C VAL D 366 1.67 15.26 24.22
N LEU D 367 1.37 14.54 23.13
CA LEU D 367 1.99 13.26 22.88
C LEU D 367 3.51 13.38 22.84
N HIS D 368 3.98 14.41 22.15
CA HIS D 368 5.42 14.54 22.00
C HIS D 368 6.10 14.85 23.33
N SER D 369 5.51 15.78 24.10
CA SER D 369 6.04 16.13 25.42
C SER D 369 6.02 14.93 26.37
N TYR D 370 4.99 14.09 26.30
CA TYR D 370 4.97 12.97 27.23
C TYR D 370 5.97 11.89 26.83
N GLN D 371 6.13 11.66 25.52
CA GLN D 371 7.15 10.73 25.04
C GLN D 371 8.55 11.24 25.34
N LEU D 372 8.75 12.54 25.19
CA LEU D 372 10.02 13.18 25.49
C LEU D 372 10.37 13.06 26.97
N ALA D 373 9.39 13.22 27.85
CA ALA D 373 9.64 13.11 29.28
C ALA D 373 9.54 11.70 29.80
N LYS D 374 9.33 10.71 28.91
CA LYS D 374 9.22 9.29 29.25
C LYS D 374 8.13 9.04 30.28
N VAL D 375 7.01 9.73 30.11
CA VAL D 375 5.78 9.50 30.87
C VAL D 375 4.82 8.77 29.97
N THR D 376 4.27 7.67 30.48
CA THR D 376 3.30 6.89 29.71
C THR D 376 2.18 7.78 29.23
N ILE D 377 1.77 7.56 27.99
CA ILE D 377 0.61 8.21 27.41
C ILE D 377 0.19 7.35 26.24
N VAL D 378 -1.08 7.44 25.88
CA VAL D 378 -1.61 6.71 24.74
C VAL D 378 -2.40 7.71 23.92
N ASP D 379 -2.21 7.68 22.59
CA ASP D 379 -3.03 8.57 21.79
C ASP D 379 -4.38 7.89 21.55
N HIS D 380 -5.33 8.66 21.01
CA HIS D 380 -6.70 8.15 20.91
C HIS D 380 -6.83 7.09 19.84
N HIS D 381 -5.90 7.06 18.89
CA HIS D 381 -5.92 5.99 17.89
C HIS D 381 -5.54 4.66 18.52
N ALA D 382 -4.44 4.63 19.26
CA ALA D 382 -4.03 3.40 19.93
C ALA D 382 -5.07 2.99 20.96
N ALA D 383 -5.55 3.96 21.74
CA ALA D 383 -6.54 3.67 22.79
C ALA D 383 -7.78 3.01 22.23
N THR D 384 -8.37 3.61 21.19
CA THR D 384 -9.64 3.10 20.68
C THR D 384 -9.47 1.76 19.99
N ALA D 385 -8.35 1.55 19.29
CA ALA D 385 -8.09 0.25 18.68
C ALA D 385 -7.97 -0.83 19.75
N SER D 386 -7.35 -0.51 20.89
CA SER D 386 -7.26 -1.49 21.96
C SER D 386 -8.62 -1.75 22.55
N PHE D 387 -9.44 -0.70 22.70
CA PHE D 387 -10.82 -0.91 23.12
C PHE D 387 -11.55 -1.86 22.17
N MET D 388 -11.26 -1.77 20.87
CA MET D 388 -11.89 -2.72 19.96
C MET D 388 -11.47 -4.17 20.28
N LYS D 389 -10.19 -4.38 20.59
CA LYS D 389 -9.77 -5.72 21.00
C LYS D 389 -10.47 -6.13 22.30
N HIS D 390 -10.61 -5.18 23.24
CA HIS D 390 -11.34 -5.44 24.48
C HIS D 390 -12.73 -5.95 24.22
N LEU D 391 -13.48 -5.24 23.37
CA LEU D 391 -14.84 -5.64 23.04
C LEU D 391 -14.87 -7.07 22.53
N GLU D 392 -13.96 -7.38 21.62
CA GLU D 392 -13.93 -8.73 21.07
C GLU D 392 -13.64 -9.75 22.15
N ASN D 393 -12.69 -9.44 23.06
CA ASN D 393 -12.42 -10.31 24.20
C ASN D 393 -13.66 -10.45 25.08
N GLU D 394 -14.25 -9.33 25.45
CA GLU D 394 -15.40 -9.37 26.33
C GLU D 394 -16.58 -10.12 25.71
N GLN D 395 -16.82 -9.95 24.40
CA GLN D 395 -17.83 -10.76 23.73
C GLN D 395 -17.57 -12.25 23.95
N LYS D 396 -16.33 -12.69 23.72
CA LYS D 396 -15.94 -14.06 24.01
C LYS D 396 -16.25 -14.42 25.46
N ALA D 397 -15.70 -13.65 26.39
CA ALA D 397 -15.66 -14.07 27.79
C ALA D 397 -17.03 -13.93 28.44
N ARG D 398 -17.72 -12.81 28.20
CA ARG D 398 -18.98 -12.52 28.87
C ARG D 398 -20.15 -12.35 27.91
N GLY D 399 -19.92 -12.34 26.60
CA GLY D 399 -21.02 -12.19 25.67
C GLY D 399 -21.56 -10.78 25.61
N GLY D 400 -20.69 -9.79 25.73
CA GLY D 400 -21.11 -8.40 25.71
C GLY D 400 -20.21 -7.57 26.61
N CYS D 401 -20.34 -6.26 26.47
CA CYS D 401 -19.50 -5.30 27.17
C CYS D 401 -20.25 -3.99 27.33
N PRO D 402 -20.48 -3.51 28.55
CA PRO D 402 -21.16 -2.23 28.69
C PRO D 402 -20.27 -1.10 28.21
N ALA D 403 -20.78 -0.33 27.26
CA ALA D 403 -20.00 0.74 26.66
C ALA D 403 -20.92 1.92 26.33
N ASP D 404 -20.48 3.10 26.74
CA ASP D 404 -21.15 4.38 26.54
C ASP D 404 -20.48 5.04 25.34
N TRP D 405 -21.11 4.91 24.18
CA TRP D 405 -20.52 5.36 22.92
C TRP D 405 -19.98 6.79 23.00
N ALA D 406 -20.73 7.67 23.63
CA ALA D 406 -20.38 9.09 23.65
C ALA D 406 -19.14 9.38 24.47
N TRP D 407 -18.76 8.48 25.37
CA TRP D 407 -17.54 8.64 26.16
C TRP D 407 -16.39 7.82 25.61
N ILE D 408 -16.69 6.73 24.89
CA ILE D 408 -15.65 5.94 24.25
C ILE D 408 -15.08 6.67 23.02
N VAL D 409 -15.94 7.32 22.22
CA VAL D 409 -15.47 8.07 21.06
C VAL D 409 -14.66 9.29 21.52
N PRO D 410 -13.43 9.41 21.04
CA PRO D 410 -12.55 10.54 21.44
C PRO D 410 -13.16 11.88 21.07
N PRO D 411 -12.78 12.95 21.78
CA PRO D 411 -13.34 14.29 21.47
C PRO D 411 -12.86 14.89 20.16
N ILE D 412 -11.85 14.34 19.52
CA ILE D 412 -11.49 14.72 18.16
C ILE D 412 -11.44 13.45 17.31
N SER D 413 -11.53 13.65 16.00
CA SER D 413 -11.31 12.61 15.00
C SER D 413 -12.15 11.37 15.25
N GLY D 414 -13.35 11.56 15.79
CA GLY D 414 -14.14 10.42 16.23
C GLY D 414 -14.27 9.33 15.19
N SER D 415 -14.74 9.70 14.00
CA SER D 415 -14.95 8.70 12.97
C SER D 415 -13.64 8.16 12.41
N LEU D 416 -12.51 8.76 12.76
CA LEU D 416 -11.22 8.24 12.33
C LEU D 416 -10.79 7.07 13.19
N THR D 417 -11.43 6.85 14.32
CA THR D 417 -11.16 5.73 15.20
C THR D 417 -12.22 4.65 15.01
N PRO D 418 -11.87 3.39 15.26
CA PRO D 418 -12.82 2.31 14.96
C PRO D 418 -14.01 2.23 15.91
N VAL D 419 -13.93 2.81 17.10
CA VAL D 419 -15.05 2.71 18.03
C VAL D 419 -16.22 3.56 17.55
N PHE D 420 -15.96 4.55 16.69
CA PHE D 420 -17.05 5.35 16.13
C PHE D 420 -18.05 4.47 15.40
N HIS D 421 -17.55 3.58 14.57
CA HIS D 421 -18.40 2.72 13.75
C HIS D 421 -18.89 1.49 14.50
N GLN D 422 -18.59 1.39 15.81
CA GLN D 422 -19.06 0.27 16.63
C GLN D 422 -20.31 0.70 17.41
N GLU D 423 -21.44 0.10 17.06
CA GLU D 423 -22.62 0.18 17.90
C GLU D 423 -22.29 -0.34 19.29
N MET D 424 -22.82 0.32 20.32
CA MET D 424 -22.51 -0.05 21.69
C MET D 424 -23.77 -0.08 22.54
N VAL D 425 -23.78 -0.97 23.53
CA VAL D 425 -24.87 -1.12 24.47
C VAL D 425 -24.40 -0.58 25.81
N ASN D 426 -25.13 0.38 26.36
CA ASN D 426 -24.77 0.95 27.64
C ASN D 426 -25.68 0.37 28.73
N TYR D 427 -25.08 -0.17 29.79
CA TYR D 427 -25.82 -0.72 30.92
C TYR D 427 -24.93 -0.78 32.16
N PHE D 428 -25.54 -1.07 33.31
CA PHE D 428 -24.86 -0.99 34.59
C PHE D 428 -24.64 -2.37 35.16
N LEU D 429 -23.37 -2.75 35.31
CA LEU D 429 -23.05 -4.00 35.99
C LEU D 429 -22.34 -3.71 37.31
N SER D 430 -22.48 -4.63 38.25
CA SER D 430 -21.77 -4.52 39.52
C SER D 430 -20.83 -5.72 39.69
N PRO D 431 -19.62 -5.51 40.25
CA PRO D 431 -19.01 -4.30 40.83
C PRO D 431 -18.94 -3.09 39.88
N ALA D 432 -18.93 -1.89 40.47
CA ALA D 432 -18.97 -0.68 39.68
C ALA D 432 -18.32 0.44 40.45
N PHE D 433 -17.74 1.35 39.68
CA PHE D 433 -17.41 2.68 40.14
C PHE D 433 -18.63 3.54 39.85
N ARG D 434 -19.03 4.32 40.84
CA ARG D 434 -20.24 5.09 40.80
C ARG D 434 -19.89 6.50 41.20
N TYR D 435 -20.56 7.44 40.57
CA TYR D 435 -20.55 8.80 41.06
C TYR D 435 -21.26 8.86 42.39
N GLN D 436 -20.85 9.80 43.22
CA GLN D 436 -21.48 10.01 44.51
C GLN D 436 -21.50 11.50 44.77
N PRO D 437 -22.41 11.98 45.63
CA PRO D 437 -22.52 13.43 45.84
C PRO D 437 -21.23 13.99 46.43
N ASP D 438 -21.03 15.28 46.22
CA ASP D 438 -19.85 15.94 46.78
C ASP D 438 -19.95 15.93 48.31
N PRO D 439 -18.88 15.57 49.01
CA PRO D 439 -18.98 15.36 50.46
C PRO D 439 -19.32 16.62 51.23
N TRP D 440 -19.27 17.78 50.61
CA TRP D 440 -19.61 19.03 51.29
C TRP D 440 -20.97 19.58 50.85
CHA HEM E . 28.78 -18.59 -10.92
CHB HEM E . 27.41 -16.31 -6.86
CHC HEM E . 31.49 -17.80 -4.68
CHD HEM E . 32.94 -19.85 -8.84
C1A HEM E . 28.02 -17.91 -10.00
C2A HEM E . 26.65 -17.45 -10.17
C3A HEM E . 26.29 -16.82 -9.04
C4A HEM E . 27.40 -16.85 -8.13
CMA HEM E . 24.93 -16.17 -8.77
CAA HEM E . 25.75 -17.65 -11.40
CBA HEM E . 25.61 -19.15 -11.66
CGA HEM E . 24.16 -19.52 -11.93
O1A HEM E . 23.28 -18.67 -11.70
O2A HEM E . 23.92 -20.67 -12.35
C1B HEM E . 28.40 -16.49 -5.91
C2B HEM E . 28.43 -15.92 -4.58
C3B HEM E . 29.55 -16.31 -3.96
C4B HEM E . 30.27 -17.17 -4.89
CMB HEM E . 27.33 -15.01 -3.99
CAB HEM E . 29.94 -15.91 -2.50
CBB HEM E . 31.10 -16.23 -1.90
C1C HEM E . 32.23 -18.53 -5.59
C2C HEM E . 33.43 -19.32 -5.33
C3C HEM E . 33.82 -19.89 -6.48
C4C HEM E . 32.89 -19.49 -7.52
CMC HEM E . 34.10 -19.45 -3.96
CAC HEM E . 35.05 -20.79 -6.76
CBC HEM E . 36.15 -20.77 -6.04
C1D HEM E . 31.93 -19.70 -9.77
C2D HEM E . 31.95 -20.19 -11.13
C3D HEM E . 30.81 -19.83 -11.70
C4D HEM E . 30.02 -19.12 -10.72
CMD HEM E . 33.10 -20.96 -11.80
CAD HEM E . 30.39 -20.15 -13.16
CBD HEM E . 29.78 -21.55 -13.10
CGD HEM E . 28.88 -21.84 -14.28
O1D HEM E . 29.11 -21.24 -15.35
O2D HEM E . 27.96 -22.70 -14.14
NA HEM E . 28.44 -17.51 -8.74
NB HEM E . 29.54 -17.24 -6.06
NC HEM E . 31.93 -18.67 -6.94
ND HEM E . 30.74 -19.04 -9.55
FE HEM E . 30.36 -17.82 -7.95
N1 H4B F . 22.48 -16.35 -15.68
C2 H4B F . 22.70 -17.09 -14.56
N2 H4B F . 23.23 -16.48 -13.46
N3 H4B F . 22.40 -18.40 -14.54
C4 H4B F . 21.88 -19.01 -15.64
O4 H4B F . 21.60 -20.24 -15.63
C4A H4B F . 21.66 -18.26 -16.78
C8A H4B F . 21.97 -16.92 -16.79
N5 H4B F . 21.15 -18.83 -17.89
N8 H4B F . 21.77 -16.17 -17.91
C6 H4B F . 21.47 -18.25 -19.18
C7 H4B F . 21.27 -16.73 -19.17
C9 H4B F . 20.64 -18.95 -20.24
O9 H4B F . 19.31 -19.18 -19.77
C10 H4B F . 20.53 -18.16 -21.54
C11 H4B F . 19.72 -18.97 -22.55
O10 H4B F . 21.83 -17.87 -22.06
C13 KMI G . 26.78 -22.72 -10.93
C11 KMI G . 26.52 -21.75 -8.75
C12 KMI G . 27.34 -22.13 -9.81
C14 KMI G . 25.42 -22.93 -11.02
C02 KMI G . 26.86 -19.60 -5.76
C03 KMI G . 28.13 -19.91 -5.28
C04 KMI G . 28.89 -20.85 -5.95
C05 KMI G . 28.38 -21.46 -7.09
C06 KMI G . 27.11 -21.12 -7.54
C07 KMI G . 30.26 -21.19 -5.45
C15 KMI G . 24.58 -22.56 -9.96
C16 KMI G . 25.14 -21.97 -8.83
C17 KMI G . 23.08 -22.77 -10.06
C19 KMI G . 20.95 -21.60 -9.71
N01 KMI G . 26.39 -20.21 -6.86
N02 KMI G . 26.09 -18.69 -5.11
N18 KMI G . 22.42 -21.48 -9.75
C1 BTB H . -4.68 -20.43 -0.30
O1 BTB H . -4.77 -20.89 -1.66
C2 BTB H . -5.75 -19.39 0.01
C3 BTB H . -5.70 -18.31 -1.08
O3 BTB H . -6.96 -17.67 -1.33
C4 BTB H . -7.12 -20.09 0.09
O4 BTB H . -8.18 -19.37 -0.54
N BTB H . -5.45 -18.86 1.36
C5 BTB H . -4.16 -18.13 1.33
C6 BTB H . -4.27 -16.88 2.20
O6 BTB H . -5.65 -16.58 2.45
C7 BTB H . -5.36 -19.98 2.31
C8 BTB H . -5.97 -19.60 3.65
O8 BTB H . -7.16 -18.85 3.40
C1 BTB I . -6.06 -21.95 -16.91
O1 BTB I . -6.65 -21.80 -15.62
C2 BTB I . -4.58 -21.64 -16.82
C3 BTB I . -4.04 -22.06 -15.49
O3 BTB I . -2.69 -21.62 -15.49
C4 BTB I . -3.81 -22.46 -17.86
O4 BTB I . -2.57 -22.87 -17.30
N BTB I . -4.29 -20.19 -16.97
C5 BTB I . -5.50 -19.35 -17.01
C6 BTB I . -5.66 -18.57 -15.71
O6 BTB I . -5.54 -19.48 -14.61
C7 BTB I . -3.49 -19.88 -18.16
C8 BTB I . -2.29 -19.05 -17.70
O8 BTB I . -2.20 -19.14 -16.27
C1 BTB J . 37.78 -55.70 -9.19
O1 BTB J . 36.53 -56.22 -9.65
C2 BTB J . 37.74 -54.16 -9.23
C3 BTB J . 36.97 -53.73 -10.48
O3 BTB J . 37.18 -52.34 -10.77
C4 BTB J . 36.98 -53.65 -8.01
O4 BTB J . 37.10 -52.22 -7.91
N BTB J . 39.14 -53.65 -9.18
C5 BTB J . 40.07 -54.30 -10.14
C6 BTB J . 40.13 -53.71 -11.55
O6 BTB J . 40.29 -52.28 -11.53
C7 BTB J . 39.69 -53.90 -7.83
C8 BTB J . 40.89 -52.99 -7.58
O8 BTB J . 40.53 -51.65 -7.94
C1 GOL K . 50.74 -27.13 3.72
O1 GOL K . 50.49 -26.04 4.58
C2 GOL K . 49.50 -27.99 3.74
O2 GOL K . 48.68 -27.54 4.79
C3 GOL K . 49.87 -29.46 3.92
O3 GOL K . 48.83 -30.29 3.41
C1 GOL L . -1.57 -45.05 -18.02
O1 GOL L . -2.46 -44.88 -19.09
C2 GOL L . -0.48 -44.01 -18.18
O2 GOL L . -0.67 -42.88 -17.39
C3 GOL L . -0.56 -43.41 -19.54
O3 GOL L . -0.05 -42.10 -19.39
C1 GOL M . 13.97 -10.39 6.61
O1 GOL M . 12.64 -10.35 7.08
C2 GOL M . 14.11 -9.95 5.15
O2 GOL M . 14.72 -8.68 5.08
C3 GOL M . 12.75 -9.91 4.46
O3 GOL M . 12.90 -9.69 3.06
CL CL N . 21.48 -23.76 -7.09
GD GD3 O . -7.99 -17.33 1.22
ZN ZN P . 29.88 -11.99 -28.37
CHA HEM Q . 14.10 -1.84 -30.16
CHB HEM Q . 9.61 -3.17 -28.81
CHC HEM Q . 8.03 -1.82 -33.18
CHD HEM Q . 12.56 -1.37 -34.77
C1A HEM Q . 13.02 -2.21 -29.40
C2A HEM Q . 13.00 -2.37 -27.95
C3A HEM Q . 11.77 -2.72 -27.59
C4A HEM Q . 10.95 -2.83 -28.78
CMA HEM Q . 11.30 -3.00 -26.16
CAA HEM Q . 14.18 -2.12 -27.00
CBA HEM Q . 14.41 -0.62 -26.86
CGA HEM Q . 14.89 -0.33 -25.46
O1A HEM Q . 14.83 -1.24 -24.60
O2A HEM Q . 15.33 0.83 -25.19
C1B HEM Q . 8.76 -2.94 -29.86
C2B HEM Q . 7.34 -3.18 -29.93
C3B HEM Q . 6.91 -2.80 -31.12
C4B HEM Q . 8.04 -2.31 -31.89
CMB HEM Q . 6.45 -3.75 -28.80
CAB HEM Q . 5.41 -2.91 -31.54
CBB HEM Q . 4.90 -2.68 -32.76
C1C HEM Q . 9.09 -1.54 -33.99
C2C HEM Q . 9.01 -1.06 -35.36
C3C HEM Q . 10.27 -0.93 -35.82
C4C HEM Q . 11.19 -1.34 -34.74
CMC HEM Q . 7.68 -0.76 -36.08
CAC HEM Q . 10.77 -0.47 -37.21
CBC HEM Q . 9.95 -0.29 -38.26
C1D HEM Q . 13.38 -1.42 -33.63
C2D HEM Q . 14.77 -1.12 -33.60
C3D HEM Q . 15.22 -1.25 -32.35
C4D HEM Q . 14.10 -1.61 -31.52
CMD HEM Q . 15.56 -0.76 -34.85
CAD HEM Q . 16.67 -1.02 -31.87
CBD HEM Q . 16.79 0.47 -31.55
CGD HEM Q . 18.01 0.60 -30.67
O1D HEM Q . 18.92 -0.25 -30.86
O2D HEM Q . 18.08 1.54 -29.82
NA HEM Q . 11.76 -2.50 -29.85
NB HEM Q . 9.14 -2.41 -31.07
NC HEM Q . 10.43 -1.71 -33.66
ND HEM Q . 13.00 -1.70 -32.34
FE HEM Q . 11.07 -2.38 -31.77
N1 H4B R . 18.24 -3.91 -23.26
C2 H4B R . 17.27 -3.12 -23.79
N2 H4B R . 16.16 -3.68 -24.32
N3 H4B R . 17.42 -1.77 -23.78
C4 H4B R . 18.53 -1.21 -23.26
O4 H4B R . 18.68 0.04 -23.27
C4A H4B R . 19.54 -2.03 -22.73
C8A H4B R . 19.37 -3.40 -22.73
N5 H4B R . 20.65 -1.49 -22.20
N8 H4B R . 20.33 -4.23 -22.20
C6 H4B R . 21.82 -2.34 -22.10
C7 H4B R . 21.51 -3.72 -21.53
C9 H4B R . 22.90 -1.58 -21.33
O9 H4B R . 22.40 -0.98 -20.13
C10 H4B R . 24.06 -2.49 -21.00
C11 H4B R . 25.19 -1.63 -20.44
O10 H4B R . 24.47 -3.18 -22.19
C13 KMI S . 14.92 2.37 -29.06
C11 KMI S . 12.57 1.98 -28.84
C12 KMI S . 13.74 1.89 -29.59
C14 KMI S . 14.95 2.92 -27.79
C02 KMI S . 9.22 0.42 -29.00
C03 KMI S . 8.86 0.60 -30.34
C04 KMI S . 9.76 1.23 -31.19
C05 KMI S . 10.97 1.68 -30.71
C06 KMI S . 11.28 1.49 -29.37
C07 KMI S . 9.41 1.44 -32.63
C15 KMI S . 13.79 2.99 -27.03
C16 KMI S . 12.60 2.52 -27.57
C17 KMI S . 13.79 3.54 -25.61
C19 KMI S . 13.17 2.68 -23.38
N01 KMI S . 10.40 0.87 -28.52
N02 KMI S . 8.39 -0.20 -28.15
N18 KMI S . 12.85 2.69 -24.82
C1 BTB T . -9.46 -0.66 -0.79
O1 BTB T . -10.60 -0.59 -1.65
C2 BTB T . -8.24 -0.08 -1.49
C3 BTB T . -7.16 -1.15 -1.64
O3 BTB T . -6.13 -0.71 -2.54
C4 BTB T . -8.66 0.40 -2.88
O4 BTB T . -7.55 1.06 -3.51
N BTB T . -7.71 1.09 -0.73
C5 BTB T . -7.01 0.72 0.51
C6 BTB T . -5.52 0.97 0.51
O6 BTB T . -5.25 2.37 0.67
C7 BTB T . -8.69 2.19 -0.52
C8 BTB T . -8.15 3.52 -1.06
O8 BTB T . -6.83 3.79 -0.55
C1 BTB U . 16.86 28.82 -49.17
O1 BTB U . 15.46 28.82 -48.85
C2 BTB U . 17.58 28.09 -48.06
C3 BTB U . 17.33 28.79 -46.74
O3 BTB U . 18.58 28.82 -46.03
C4 BTB U . 16.98 26.68 -47.99
O4 BTB U . 16.91 26.06 -49.28
N BTB U . 19.07 28.15 -48.15
C5 BTB U . 19.55 29.26 -49.00
C6 BTB U . 20.42 30.21 -48.18
O6 BTB U . 20.61 29.69 -46.85
C7 BTB U . 19.76 26.90 -48.53
C8 BTB U . 21.01 26.81 -47.66
O8 BTB U . 20.71 27.55 -46.46
C1 GOL V . 21.10 3.07 -23.98
O1 GOL V . 20.98 1.83 -24.65
C2 GOL V . 21.37 2.78 -22.52
O2 GOL V . 21.07 1.43 -22.28
C3 GOL V . 20.48 3.65 -21.64
O3 GOL V . 20.74 3.39 -20.27
C1 GOL W . 13.95 11.55 -2.91
O1 GOL W . 14.74 10.41 -3.17
C2 GOL W . 14.24 12.63 -3.94
O2 GOL W . 13.08 12.90 -4.68
C3 GOL W . 15.35 12.14 -4.87
O3 GOL W . 15.82 13.22 -5.66
CL CL X . 11.27 5.43 -24.68
GD GD3 Y . -5.54 1.91 -2.04
CHA HEM Z . -29.51 13.78 8.81
CHB HEM Z . -27.40 18.07 7.91
CHC HEM Z . -31.43 19.35 5.47
CHD HEM Z . -33.82 15.56 7.37
C1A HEM Z . -28.53 14.76 8.68
C2A HEM Z . -27.10 14.65 8.93
C3A HEM Z . -26.52 15.83 8.69
C4A HEM Z . -27.56 16.75 8.25
CMA HEM Z . -25.01 16.15 8.83
CAA HEM Z . -26.31 13.38 9.40
CBA HEM Z . -26.11 12.51 8.16
CGA HEM Z . -25.05 11.44 8.29
O1A HEM Z . -23.87 11.75 8.59
O2A HEM Z . -25.40 10.26 8.04
C1B HEM Z . -28.29 18.81 7.14
C2B HEM Z . -28.07 20.11 6.57
C3B HEM Z . -29.19 20.48 5.90
C4B HEM Z . -30.16 19.40 6.02
CMB HEM Z . -26.79 20.98 6.70
CAB HEM Z . -29.30 21.83 5.15
CBB HEM Z . -30.46 22.35 4.76
C1C HEM Z . -32.45 18.43 5.73
C2C HEM Z . -33.78 18.40 5.14
C3C HEM Z . -34.44 17.33 5.65
C4C HEM Z . -33.56 16.69 6.59
CMC HEM Z . -34.28 19.42 4.08
CAC HEM Z . -35.89 16.84 5.39
CBC HEM Z . -36.86 17.58 4.85
C1D HEM Z . -32.84 14.71 7.86
C2D HEM Z . -33.06 13.37 8.31
C3D HEM Z . -31.89 12.85 8.72
C4D HEM Z . -30.86 13.88 8.53
CMD HEM Z . -34.43 12.66 8.31
CAD HEM Z . -31.66 11.44 9.28
CBD HEM Z . -30.81 10.66 8.26
CGD HEM Z . -30.56 9.24 8.71
O1D HEM Z . -31.10 8.87 9.80
O2D HEM Z . -29.82 8.49 8.00
NA HEM Z . -28.75 16.06 8.27
NB HEM Z . -29.57 18.41 6.78
NC HEM Z . -32.36 17.37 6.61
ND HEM Z . -31.51 14.99 8.00
FE HEM Z . -30.62 16.85 7.71
N1 H4B AA . -23.24 10.49 12.97
C2 H4B AA . -23.48 10.81 11.68
N2 H4B AA . -23.58 12.13 11.33
N3 H4B AA . -23.60 9.86 10.73
C4 H4B AA . -23.51 8.55 11.05
O4 H4B AA . -23.63 7.67 10.17
C4A H4B AA . -23.28 8.20 12.38
C8A H4B AA . -23.15 9.18 13.33
N5 H4B AA . -23.17 6.92 12.74
N8 H4B AA . -22.92 8.87 14.64
C6 H4B AA . -23.40 6.54 14.12
C7 H4B AA . -22.74 7.50 15.10
C9 H4B AA . -22.98 5.09 14.31
O9 H4B AA . -21.68 4.85 13.77
C10 H4B AA . -22.93 4.72 15.78
C11 H4B AA . -22.68 3.22 15.88
O10 H4B AA . -24.16 5.08 16.41
C13 KMI BA . -28.57 10.50 5.62
C11 KMI BA . -27.88 12.71 4.98
C12 KMI BA . -28.87 11.83 5.39
C14 KMI BA . -27.27 10.03 5.45
C02 KMI BA . -27.38 16.39 4.64
C03 KMI BA . -28.62 16.81 4.21
C04 KMI BA . -29.63 15.89 4.01
C05 KMI BA . -29.41 14.55 4.27
C06 KMI BA . -28.16 14.15 4.72
C07 KMI BA . -30.97 16.39 3.52
C15 KMI BA . -26.25 10.90 5.04
C16 KMI BA . -26.57 12.23 4.81
C17 KMI BA . -24.83 10.39 4.86
C19 KMI BA . -22.50 10.92 5.47
N01 KMI BA . -27.19 15.06 4.88
N02 KMI BA . -26.37 17.28 4.82
N18 KMI BA . -23.87 11.43 5.30
C1 BTB CA . 3.06 11.79 -2.91
O1 BTB CA . 2.24 11.93 -4.08
C2 BTB CA . 4.39 12.55 -2.96
C3 BTB CA . 4.79 12.72 -1.49
O3 BTB CA . 6.20 12.81 -1.25
C4 BTB CA . 5.39 11.64 -3.68
O4 BTB CA . 6.58 12.25 -4.20
N BTB CA . 4.24 13.89 -3.63
C5 BTB CA . 3.22 14.73 -3.00
C6 BTB CA . 3.88 15.99 -2.43
O6 BTB CA . 4.84 15.63 -1.43
C7 BTB CA . 4.10 13.87 -5.10
C8 BTB CA . 4.38 15.25 -5.71
O8 BTB CA . 5.50 15.82 -5.03
C1 BTB DA . 0.50 2.05 7.63
O1 BTB DA . -0.92 1.98 7.83
C2 BTB DA . 1.06 0.64 7.54
C3 BTB DA . 2.57 0.78 7.51
O3 BTB DA . 3.02 1.67 8.54
C4 BTB DA . 0.70 -0.18 8.79
O4 BTB DA . -0.61 0.10 9.29
N BTB DA . 0.55 0.00 6.31
C5 BTB DA . -0.43 -1.05 6.53
C6 BTB DA . -1.74 -0.44 6.07
O6 BTB DA . -1.39 0.86 5.58
C7 BTB DA . 1.61 -0.49 5.42
C8 BTB DA . 1.73 -2.01 5.45
O8 BTB DA . 1.00 -2.57 4.36
C1 BTB EA . -50.33 -2.78 -15.14
O1 BTB EA . -51.61 -3.30 -15.52
C2 BTB EA . -49.30 -3.08 -16.22
C3 BTB EA . -49.94 -3.81 -17.41
O3 BTB EA . -50.66 -2.90 -18.24
C4 BTB EA . -48.72 -1.75 -16.68
O4 BTB EA . -49.72 -0.72 -16.59
N BTB EA . -48.22 -3.93 -15.60
C5 BTB EA . -46.87 -3.54 -16.03
C6 BTB EA . -45.81 -4.29 -15.22
O6 BTB EA . -45.26 -5.36 -16.02
C7 BTB EA . -48.39 -5.35 -15.91
C8 BTB EA . -48.80 -6.12 -14.66
O8 BTB EA . -49.02 -7.48 -15.05
C1 GOL FA . -50.45 25.23 -4.98
O1 GOL FA . -51.42 25.35 -3.98
C2 GOL FA . -50.89 24.17 -5.98
O2 GOL FA . -52.27 23.94 -5.83
C3 GOL FA . -50.11 22.87 -5.79
O3 GOL FA . -50.93 21.75 -6.08
C1 GOL GA . -8.18 -14.42 -6.81
O1 GOL GA . -9.06 -13.52 -7.32
C2 GOL GA . -8.20 -15.32 -8.01
O2 GOL GA . -9.46 -14.99 -8.51
C3 GOL GA . -8.01 -16.79 -7.62
O3 GOL GA . -6.87 -17.33 -8.27
C1 GOL HA . -25.54 32.38 22.24
O1 GOL HA . -26.50 33.42 22.20
C2 GOL HA . -24.65 32.49 23.48
O2 GOL HA . -23.41 33.10 23.18
C3 GOL HA . -24.42 31.13 24.14
O3 GOL HA . -23.71 31.32 25.34
C1 GOL IA . -55.17 -6.62 -5.11
O1 GOL IA . -55.92 -5.67 -4.39
C2 GOL IA . -53.98 -7.05 -4.26
O2 GOL IA . -52.93 -6.11 -4.41
C3 GOL IA . -53.50 -8.44 -4.68
O3 GOL IA . -53.01 -8.44 -6.00
CL CL JA . -23.67 11.58 1.92
GD GD3 KA . 6.87 14.58 -2.96
ZN ZN LA . -30.65 5.59 25.79
CHA HEM MA . -12.93 7.14 32.35
CHB HEM MA . -8.90 5.95 29.84
CHC HEM MA . -7.37 3.29 33.55
CHD HEM MA . -11.85 3.54 35.39
C1A HEM MA . -11.93 7.13 31.40
C2A HEM MA . -11.79 8.04 30.27
C3A HEM MA . -10.68 7.71 29.59
C4A HEM MA . -10.06 6.57 30.24
CMA HEM MA . -10.11 8.37 28.34
CAA HEM MA . -12.76 9.20 29.97
CBA HEM MA . -12.49 10.27 31.03
CGA HEM MA . -13.10 11.58 30.58
O1A HEM MA . -13.33 11.74 29.36
O2A HEM MA . -13.35 12.48 31.41
C1B HEM MA . -8.09 5.16 30.64
C2B HEM MA . -6.75 4.69 30.34
C3B HEM MA . -6.31 3.92 31.34
C4B HEM MA . -7.38 3.91 32.34
CMB HEM MA . -6.03 5.01 29.03
CAB HEM MA . -4.93 3.24 31.41
CBB HEM MA . -4.67 2.13 32.15
C1C HEM MA . -8.46 3.16 34.40
C2C HEM MA . -8.42 2.51 35.69
C3C HEM MA . -9.64 2.59 36.21
C4C HEM MA . -10.51 3.28 35.25
CMC HEM MA . -7.11 1.91 36.24
CAC HEM MA . -10.15 2.03 37.55
CBC HEM MA . -9.50 1.05 38.19
C1D HEM MA . -12.55 4.56 34.77
C2D HEM MA . -13.85 5.05 35.14
C3D HEM MA . -14.15 6.05 34.31
C4D HEM MA . -13.05 6.23 33.39
CMD HEM MA . -14.76 4.52 36.29
CAD HEM MA . -15.47 6.85 34.36
CBD HEM MA . -15.19 8.18 35.05
CGD HEM MA . -16.41 9.07 34.92
O1D HEM MA . -17.48 8.52 34.56
O2D HEM MA . -16.30 10.30 35.17
NA HEM MA . -10.85 6.27 31.34
NB HEM MA . -8.43 4.66 31.87
NC HEM MA . -9.75 3.59 34.17
ND HEM MA . -12.09 5.31 33.71
FE HEM MA . -10.40 4.76 32.61
N1 H4B NA . -16.90 11.75 26.56
C2 H4B NA . -15.84 11.64 27.41
N2 H4B NA . -14.94 10.65 27.22
N3 H4B NA . -15.69 12.51 28.43
C4 H4B NA . -16.58 13.51 28.63
O4 H4B NA . -16.40 14.30 29.58
C4A H4B NA . -17.65 13.63 27.79
C8A H4B NA . -17.81 12.74 26.73
N5 H4B NA . -18.54 14.62 27.98
N8 H4B NA . -18.87 12.84 25.89
C6 H4B NA . -19.88 14.43 27.44
C7 H4B NA . -19.81 13.94 26.00
C9 H4B NA . -20.73 15.69 27.60
O9 H4B NA . -20.03 16.86 27.13
C10 H4B NA . -22.03 15.53 26.84
C11 H4B NA . -23.01 16.65 27.15
O10 H4B NA . -22.61 14.26 27.15
C13 KMI OA . -12.87 10.79 34.66
C11 KMI OA . -10.63 10.17 34.04
C12 KMI OA . -11.89 9.81 34.50
C14 KMI OA . -12.59 12.12 34.37
C02 KMI OA . -7.77 8.30 32.59
C03 KMI OA . -7.53 7.31 33.54
C04 KMI OA . -8.34 7.28 34.68
C05 KMI OA . -9.35 8.21 34.83
C06 KMI OA . -9.55 9.17 33.86
C07 KMI OA . -8.14 6.26 35.77
C15 KMI OA . -11.32 12.47 33.91
C16 KMI OA . -10.35 11.49 33.74
C17 KMI OA . -10.97 13.89 33.55
C19 KMI OA . -10.61 13.94 31.11
N01 KMI OA . -8.75 9.21 32.76
N02 KMI OA . -7.03 8.36 31.48
N18 KMI OA . -9.97 13.84 32.44
C1 BTB PA . 12.80 22.44 11.29
O1 BTB PA . 13.00 22.70 9.89
C2 BTB PA . 11.59 23.20 11.83
C3 BTB PA . 10.34 22.78 11.05
O3 BTB PA . 9.18 23.25 11.76
C4 BTB PA . 11.32 22.76 13.27
O4 BTB PA . 11.78 23.67 14.28
N BTB PA . 11.80 24.68 11.75
C5 BTB PA . 11.31 25.33 10.50
C6 BTB PA . 10.06 26.20 10.73
O6 BTB PA . 10.29 27.23 11.69
C7 BTB PA . 13.19 25.11 12.02
C8 BTB PA . 13.24 25.89 13.35
O8 BTB PA . 12.06 26.68 13.55
C1 BTB QA . -13.37 17.41 65.18
O1 BTB QA . -14.72 17.43 64.73
C2 BTB QA . -13.21 16.18 66.04
C3 BTB QA . -13.77 16.49 67.42
O3 BTB QA . -14.36 15.30 67.97
C4 BTB QA . -14.08 15.14 65.36
O4 BTB QA . -14.04 13.86 66.00
N BTB QA . -11.75 15.87 66.13
C5 BTB QA . -11.51 14.67 66.96
C6 BTB QA . -10.16 14.54 67.67
O6 BTB QA . -9.12 14.24 66.73
C7 BTB QA . -11.10 17.05 66.74
C8 BTB QA . -9.81 17.46 66.03
O8 BTB QA . -8.69 17.22 66.91
C1 GOL RA . -17.70 18.94 30.28
O1 GOL RA . -18.31 18.93 28.98
C2 GOL RA . -17.36 17.53 30.78
O2 GOL RA . -17.67 16.54 29.82
C3 GOL RA . -18.07 17.16 32.09
O3 GOL RA . -18.03 15.75 32.25
C1 GOL SA . -7.85 34.92 23.52
O1 GOL SA . -8.01 33.54 23.25
C2 GOL SA . -6.87 35.13 24.66
O2 GOL SA . -5.63 34.49 24.37
C3 GOL SA . -7.46 34.59 25.96
O3 GOL SA . -7.21 35.47 27.02
CL CL TA . -7.94 15.07 33.49
GD GD3 UA . 9.75 25.21 13.51
#